data_2M9H
#
_entry.id   2M9H
#
_entity_poly.entity_id   1
_entity_poly.type   'polypeptide(L)'
_entity_poly.pdbx_seq_one_letter_code
;GPGSLSNFANVGVGTSSGKQKRYKFSASEDEAIIKGLARFTKGQQRFQQIYYAYRSVWHPARTVSQLYDHWRGTLRYKVI
QQQGYRGKNSVAARSPEKASNMENNE
;
_entity_poly.pdbx_strand_id   A
#
# COMPACT_ATOMS: atom_id res chain seq x y z
N GLY A 1 -4.22 -16.75 25.61
CA GLY A 1 -3.46 -15.98 24.60
C GLY A 1 -4.20 -15.86 23.27
N PRO A 2 -3.98 -14.78 22.52
CA PRO A 2 -4.64 -14.57 21.23
C PRO A 2 -4.13 -15.52 20.15
N GLY A 3 -4.97 -15.77 19.15
CA GLY A 3 -4.58 -16.67 18.08
C GLY A 3 -5.78 -17.22 17.32
N SER A 4 -5.64 -18.43 16.80
CA SER A 4 -6.72 -19.07 16.06
C SER A 4 -7.72 -19.74 17.00
N LEU A 5 -7.21 -20.66 17.82
CA LEU A 5 -8.05 -21.37 18.78
C LEU A 5 -9.11 -22.21 18.06
N SER A 6 -10.19 -21.55 17.64
CA SER A 6 -11.27 -22.23 16.93
C SER A 6 -11.87 -23.34 17.80
N ASN A 7 -12.83 -24.07 17.24
CA ASN A 7 -13.49 -25.15 17.97
C ASN A 7 -13.08 -26.50 17.39
N PHE A 8 -13.68 -27.57 17.93
CA PHE A 8 -13.38 -28.92 17.47
C PHE A 8 -14.48 -29.44 16.55
N ALA A 9 -15.10 -28.51 15.81
CA ALA A 9 -16.17 -28.87 14.89
C ALA A 9 -15.64 -29.00 13.46
N ASN A 10 -16.40 -29.68 12.62
CA ASN A 10 -16.01 -29.87 11.23
C ASN A 10 -16.22 -28.60 10.42
N VAL A 11 -15.26 -28.28 9.55
CA VAL A 11 -15.35 -27.08 8.72
C VAL A 11 -15.25 -27.44 7.24
N GLY A 12 -14.34 -28.34 6.91
CA GLY A 12 -14.16 -28.74 5.53
C GLY A 12 -13.59 -27.63 4.67
N VAL A 13 -14.35 -27.22 3.66
CA VAL A 13 -13.91 -26.17 2.75
C VAL A 13 -14.99 -25.10 2.59
N GLY A 14 -14.57 -23.85 2.45
CA GLY A 14 -15.51 -22.76 2.28
C GLY A 14 -16.17 -22.76 0.91
N THR A 15 -17.32 -22.10 0.81
CA THR A 15 -18.04 -22.02 -0.46
C THR A 15 -19.02 -20.85 -0.44
N SER A 16 -18.83 -19.92 -1.37
CA SER A 16 -19.71 -18.76 -1.47
C SER A 16 -20.40 -18.70 -2.83
N SER A 17 -21.64 -18.23 -2.84
CA SER A 17 -22.41 -18.14 -4.08
C SER A 17 -23.03 -16.75 -4.23
N GLY A 18 -22.66 -16.06 -5.31
CA GLY A 18 -23.20 -14.73 -5.55
C GLY A 18 -22.29 -13.91 -6.44
N LYS A 19 -21.26 -13.30 -5.86
CA LYS A 19 -20.33 -12.47 -6.61
C LYS A 19 -19.05 -13.24 -6.91
N GLN A 20 -18.51 -13.03 -8.11
CA GLN A 20 -17.29 -13.70 -8.52
C GLN A 20 -16.37 -12.75 -9.29
N LYS A 21 -15.09 -13.09 -9.35
CA LYS A 21 -14.11 -12.27 -10.04
C LYS A 21 -14.04 -10.87 -9.43
N ARG A 22 -14.31 -10.79 -8.13
CA ARG A 22 -14.28 -9.51 -7.43
C ARG A 22 -12.99 -9.35 -6.65
N TYR A 23 -12.29 -8.24 -6.88
CA TYR A 23 -11.03 -7.98 -6.19
C TYR A 23 -11.27 -7.58 -4.74
N LYS A 24 -11.55 -6.30 -4.51
CA LYS A 24 -11.80 -5.80 -3.17
C LYS A 24 -10.74 -6.30 -2.19
N PHE A 25 -9.49 -6.28 -2.64
CA PHE A 25 -8.37 -6.70 -1.80
C PHE A 25 -8.46 -6.04 -0.43
N SER A 26 -8.20 -6.80 0.62
CA SER A 26 -8.23 -6.26 1.97
C SER A 26 -7.11 -5.26 2.16
N ALA A 27 -7.19 -4.15 1.42
CA ALA A 27 -6.16 -3.13 1.47
C ALA A 27 -4.83 -3.66 0.95
N SER A 28 -4.90 -4.74 0.16
CA SER A 28 -3.69 -5.34 -0.40
C SER A 28 -2.97 -4.36 -1.32
N GLU A 29 -3.69 -3.36 -1.82
CA GLU A 29 -3.12 -2.36 -2.70
C GLU A 29 -1.90 -1.70 -2.06
N ASP A 30 -2.09 -1.19 -0.85
CA ASP A 30 -1.01 -0.53 -0.13
C ASP A 30 0.20 -1.45 0.01
N GLU A 31 -0.07 -2.75 0.13
CA GLU A 31 0.98 -3.74 0.26
C GLU A 31 1.77 -3.87 -1.04
N ALA A 32 1.07 -3.68 -2.16
CA ALA A 32 1.71 -3.78 -3.46
C ALA A 32 2.62 -2.60 -3.72
N ILE A 33 2.23 -1.42 -3.22
CA ILE A 33 3.03 -0.21 -3.41
C ILE A 33 4.30 -0.29 -2.57
N ILE A 34 4.16 -0.77 -1.34
CA ILE A 34 5.30 -0.88 -0.44
C ILE A 34 6.31 -1.89 -0.98
N LYS A 35 5.80 -2.96 -1.57
CA LYS A 35 6.67 -3.99 -2.13
C LYS A 35 7.33 -3.47 -3.41
N GLY A 36 6.60 -2.65 -4.15
CA GLY A 36 7.12 -2.09 -5.37
C GLY A 36 8.15 -1.00 -5.12
N LEU A 37 7.89 -0.18 -4.11
CA LEU A 37 8.80 0.90 -3.75
C LEU A 37 10.03 0.37 -3.03
N ALA A 38 9.90 -0.80 -2.40
CA ALA A 38 11.00 -1.41 -1.69
C ALA A 38 11.87 -2.27 -2.61
N ARG A 39 11.34 -2.60 -3.78
CA ARG A 39 12.09 -3.42 -4.74
C ARG A 39 12.67 -2.58 -5.86
N PHE A 40 11.82 -1.77 -6.49
CA PHE A 40 12.27 -0.92 -7.59
C PHE A 40 11.81 0.53 -7.37
N THR A 41 12.72 1.47 -7.64
CA THR A 41 12.43 2.89 -7.47
C THR A 41 13.39 3.74 -8.29
N LYS A 42 13.81 3.22 -9.44
CA LYS A 42 14.73 3.93 -10.32
C LYS A 42 13.99 4.96 -11.17
N GLY A 43 13.79 6.15 -10.60
CA GLY A 43 13.10 7.21 -11.32
C GLY A 43 12.77 8.39 -10.44
N GLN A 44 12.63 9.55 -11.05
CA GLN A 44 12.32 10.77 -10.31
C GLN A 44 10.99 10.64 -9.57
N GLN A 45 10.15 9.71 -10.02
CA GLN A 45 8.85 9.48 -9.40
C GLN A 45 8.52 7.99 -9.38
N ARG A 46 9.00 7.30 -8.35
CA ARG A 46 8.77 5.86 -8.22
C ARG A 46 7.33 5.57 -7.84
N PHE A 47 6.66 6.55 -7.21
CA PHE A 47 5.27 6.37 -6.79
C PHE A 47 4.34 6.16 -7.97
N GLN A 48 4.43 7.04 -8.98
CA GLN A 48 3.59 6.93 -10.16
C GLN A 48 3.99 5.73 -11.01
N GLN A 49 5.29 5.50 -11.13
CA GLN A 49 5.81 4.39 -11.92
C GLN A 49 5.43 3.07 -11.28
N ILE A 50 5.69 2.94 -9.98
CA ILE A 50 5.37 1.71 -9.25
C ILE A 50 3.88 1.40 -9.34
N TYR A 51 3.06 2.44 -9.28
CA TYR A 51 1.61 2.29 -9.37
C TYR A 51 1.23 1.65 -10.69
N TYR A 52 1.80 2.17 -11.77
CA TYR A 52 1.52 1.67 -13.11
C TYR A 52 2.08 0.26 -13.31
N ALA A 53 3.08 -0.10 -12.52
CA ALA A 53 3.69 -1.42 -12.65
C ALA A 53 2.80 -2.49 -12.02
N TYR A 54 2.41 -2.27 -10.77
CA TYR A 54 1.56 -3.21 -10.06
C TYR A 54 0.09 -3.06 -10.46
N ARG A 55 -0.22 -2.11 -11.36
CA ARG A 55 -1.59 -1.89 -11.78
C ARG A 55 -2.23 -3.19 -12.27
N SER A 56 -3.12 -3.74 -11.44
CA SER A 56 -3.81 -4.98 -11.77
C SER A 56 -4.55 -5.54 -10.56
N VAL A 57 -3.98 -5.31 -9.38
CA VAL A 57 -4.58 -5.78 -8.13
C VAL A 57 -5.79 -4.94 -7.75
N TRP A 58 -5.83 -3.69 -8.22
CA TRP A 58 -6.93 -2.79 -7.91
C TRP A 58 -7.70 -2.41 -9.17
N HIS A 59 -7.15 -1.48 -9.94
CA HIS A 59 -7.80 -1.03 -11.17
C HIS A 59 -6.77 -0.56 -12.20
N PRO A 60 -6.55 -1.34 -13.28
CA PRO A 60 -5.58 -0.99 -14.33
C PRO A 60 -5.96 0.29 -15.05
N ALA A 61 -5.42 1.41 -14.59
CA ALA A 61 -5.70 2.71 -15.20
C ALA A 61 -4.92 3.82 -14.50
N ARG A 62 -4.86 4.99 -15.15
CA ARG A 62 -4.15 6.13 -14.60
C ARG A 62 -4.84 6.65 -13.35
N THR A 63 -4.10 6.74 -12.26
CA THR A 63 -4.64 7.22 -10.99
C THR A 63 -3.53 7.57 -10.01
N VAL A 64 -2.46 8.17 -10.51
CA VAL A 64 -1.33 8.55 -9.68
C VAL A 64 -1.79 9.45 -8.53
N SER A 65 -2.80 10.27 -8.80
CA SER A 65 -3.34 11.16 -7.78
C SER A 65 -3.87 10.35 -6.61
N GLN A 66 -4.69 9.36 -6.92
CA GLN A 66 -5.25 8.49 -5.90
C GLN A 66 -4.13 7.82 -5.13
N LEU A 67 -3.06 7.46 -5.83
CA LEU A 67 -1.90 6.82 -5.23
C LEU A 67 -1.34 7.69 -4.12
N TYR A 68 -1.13 8.96 -4.44
CA TYR A 68 -0.61 9.90 -3.45
C TYR A 68 -1.59 10.03 -2.29
N ASP A 69 -2.87 9.82 -2.57
CA ASP A 69 -3.90 9.91 -1.54
C ASP A 69 -3.75 8.81 -0.49
N HIS A 70 -3.61 7.57 -0.94
CA HIS A 70 -3.44 6.47 -0.01
C HIS A 70 -2.03 6.47 0.55
N TRP A 71 -1.09 6.92 -0.27
CA TRP A 71 0.31 6.99 0.14
C TRP A 71 0.52 8.13 1.13
N ARG A 72 -0.32 9.16 1.04
CA ARG A 72 -0.22 10.30 1.94
C ARG A 72 -0.84 9.96 3.29
N GLY A 73 -1.96 9.25 3.26
CA GLY A 73 -2.63 8.87 4.50
C GLY A 73 -1.93 7.72 5.21
N THR A 74 -1.23 6.89 4.45
CA THR A 74 -0.51 5.76 5.02
C THR A 74 0.80 6.21 5.65
N LEU A 75 1.54 7.06 4.94
CA LEU A 75 2.81 7.57 5.43
C LEU A 75 2.63 8.32 6.75
N ARG A 76 1.46 8.93 6.92
CA ARG A 76 1.15 9.68 8.12
C ARG A 76 0.20 8.90 9.02
N TYR A 77 -0.13 9.48 10.17
CA TYR A 77 -1.04 8.83 11.11
C TYR A 77 -1.68 9.86 12.03
N LYS A 78 -1.91 11.06 11.51
CA LYS A 78 -2.52 12.13 12.27
C LYS A 78 -3.71 12.73 11.52
N VAL A 79 -4.90 12.19 11.76
CA VAL A 79 -6.11 12.67 11.11
C VAL A 79 -7.36 12.21 11.86
N ILE A 80 -8.25 13.15 12.15
CA ILE A 80 -9.48 12.84 12.86
C ILE A 80 -10.70 13.41 12.12
N GLN A 81 -10.77 13.14 10.82
CA GLN A 81 -11.88 13.63 10.01
C GLN A 81 -12.86 12.49 9.71
N GLN A 82 -12.33 11.28 9.53
CA GLN A 82 -13.16 10.13 9.23
C GLN A 82 -13.47 9.34 10.51
N GLN A 83 -14.73 8.95 10.66
CA GLN A 83 -15.15 8.19 11.84
C GLN A 83 -16.31 7.26 11.49
N GLY A 84 -16.48 6.21 12.29
CA GLY A 84 -17.55 5.26 12.05
C GLY A 84 -17.19 4.22 11.02
N TYR A 85 -17.64 2.99 11.24
CA TYR A 85 -17.36 1.88 10.32
C TYR A 85 -18.51 0.88 10.29
N ARG A 86 -19.14 0.75 9.14
CA ARG A 86 -20.27 -0.17 8.99
C ARG A 86 -20.47 -0.54 7.52
N GLY A 87 -19.37 -0.64 6.78
CA GLY A 87 -19.45 -0.98 5.38
C GLY A 87 -18.56 -2.14 5.00
N LYS A 88 -18.30 -3.03 5.96
CA LYS A 88 -17.46 -4.18 5.73
C LYS A 88 -17.70 -5.26 6.78
N ASN A 89 -18.58 -6.20 6.46
CA ASN A 89 -18.91 -7.29 7.37
C ASN A 89 -19.26 -8.56 6.61
N SER A 90 -20.27 -8.46 5.74
CA SER A 90 -20.70 -9.60 4.94
C SER A 90 -21.57 -9.16 3.77
N VAL A 91 -22.56 -8.31 4.07
CA VAL A 91 -23.46 -7.81 3.04
C VAL A 91 -23.02 -6.43 2.56
N ALA A 92 -23.10 -6.22 1.25
CA ALA A 92 -22.72 -4.94 0.66
C ALA A 92 -23.94 -4.19 0.13
N ALA A 93 -24.31 -3.12 0.81
CA ALA A 93 -25.46 -2.31 0.41
C ALA A 93 -25.04 -0.90 0.02
N ARG A 94 -25.75 -0.32 -0.94
CA ARG A 94 -25.46 1.03 -1.40
C ARG A 94 -26.16 2.08 -0.53
N SER A 95 -25.86 3.34 -0.79
CA SER A 95 -26.46 4.43 -0.03
C SER A 95 -26.41 5.74 -0.82
N PRO A 96 -27.39 6.63 -0.61
CA PRO A 96 -27.45 7.92 -1.31
C PRO A 96 -26.35 8.87 -0.86
N GLU A 97 -26.27 10.03 -1.51
CA GLU A 97 -25.27 11.03 -1.18
C GLU A 97 -25.78 12.43 -1.45
N LYS A 98 -24.98 13.43 -1.11
CA LYS A 98 -25.35 14.83 -1.32
C LYS A 98 -24.43 15.49 -2.33
N ALA A 99 -24.96 16.46 -3.07
CA ALA A 99 -24.18 17.18 -4.07
C ALA A 99 -24.81 18.53 -4.40
N SER A 100 -24.06 19.60 -4.18
CA SER A 100 -24.54 20.94 -4.46
C SER A 100 -24.34 21.30 -5.92
N ASN A 101 -25.42 21.73 -6.57
CA ASN A 101 -25.36 22.11 -7.98
C ASN A 101 -26.13 23.41 -8.22
N MET A 102 -27.34 23.48 -7.68
CA MET A 102 -28.17 24.67 -7.84
C MET A 102 -29.04 24.90 -6.60
N GLU A 103 -28.66 25.89 -5.80
CA GLU A 103 -29.40 26.21 -4.58
C GLU A 103 -29.70 27.70 -4.50
N ASN A 104 -30.87 28.10 -4.99
CA ASN A 104 -31.28 29.50 -4.97
C ASN A 104 -32.44 29.71 -4.01
N ASN A 105 -32.48 30.89 -3.39
CA ASN A 105 -33.53 31.23 -2.44
C ASN A 105 -34.15 32.58 -2.77
N GLU A 106 -33.31 33.56 -3.05
CA GLU A 106 -33.76 34.90 -3.38
C GLU A 106 -34.57 35.50 -2.23
N GLY A 1 -0.39 -37.53 19.27
CA GLY A 1 0.20 -38.89 19.37
C GLY A 1 -0.64 -39.95 18.68
N PRO A 2 -0.02 -41.03 18.18
CA PRO A 2 -0.74 -42.10 17.50
C PRO A 2 -1.89 -42.64 18.33
N GLY A 3 -2.72 -43.48 17.71
CA GLY A 3 -3.85 -44.06 18.41
C GLY A 3 -4.70 -44.94 17.51
N SER A 4 -4.87 -44.52 16.26
CA SER A 4 -5.67 -45.28 15.31
C SER A 4 -5.04 -46.64 15.03
N LEU A 5 -5.84 -47.57 14.52
CA LEU A 5 -5.36 -48.91 14.19
C LEU A 5 -5.64 -49.26 12.74
N SER A 6 -6.88 -49.02 12.32
CA SER A 6 -7.28 -49.32 10.95
C SER A 6 -8.65 -48.71 10.64
N ASN A 7 -8.64 -47.46 10.18
CA ASN A 7 -9.88 -46.76 9.85
C ASN A 7 -10.01 -46.56 8.34
N PHE A 8 -9.58 -47.56 7.59
CA PHE A 8 -9.64 -47.50 6.13
C PHE A 8 -10.90 -48.18 5.61
N ALA A 9 -11.04 -48.22 4.28
CA ALA A 9 -12.20 -48.84 3.66
C ALA A 9 -13.49 -48.11 4.03
N ASN A 10 -14.01 -48.40 5.22
CA ASN A 10 -15.24 -47.77 5.69
C ASN A 10 -14.92 -46.60 6.61
N VAL A 11 -15.56 -45.46 6.33
CA VAL A 11 -15.35 -44.25 7.13
C VAL A 11 -16.60 -43.38 7.13
N GLY A 12 -17.16 -43.15 5.95
CA GLY A 12 -18.35 -42.32 5.83
C GLY A 12 -18.13 -40.92 6.35
N VAL A 13 -19.13 -40.06 6.19
CA VAL A 13 -19.05 -38.68 6.64
C VAL A 13 -19.15 -38.60 8.15
N GLY A 14 -18.79 -37.44 8.70
CA GLY A 14 -18.84 -37.24 10.14
C GLY A 14 -18.13 -35.99 10.59
N THR A 15 -17.00 -35.69 9.95
CA THR A 15 -16.22 -34.50 10.28
C THR A 15 -16.37 -33.44 9.20
N SER A 16 -16.64 -32.20 9.61
CA SER A 16 -16.80 -31.10 8.68
C SER A 16 -15.91 -29.93 9.07
N SER A 17 -15.20 -29.38 8.08
CA SER A 17 -14.31 -28.25 8.32
C SER A 17 -14.13 -27.41 7.06
N GLY A 18 -13.51 -26.25 7.20
CA GLY A 18 -13.28 -25.39 6.06
C GLY A 18 -12.72 -24.03 6.47
N LYS A 19 -12.20 -23.29 5.49
CA LYS A 19 -11.62 -21.98 5.75
C LYS A 19 -11.98 -21.00 4.64
N GLN A 20 -11.61 -19.74 4.81
CA GLN A 20 -11.88 -18.70 3.82
C GLN A 20 -10.60 -18.01 3.38
N LYS A 21 -10.67 -17.32 2.25
CA LYS A 21 -9.52 -16.61 1.72
C LYS A 21 -9.95 -15.42 0.87
N ARG A 22 -9.58 -14.22 1.31
CA ARG A 22 -9.93 -13.00 0.59
C ARG A 22 -8.95 -12.75 -0.56
N TYR A 23 -9.13 -11.63 -1.24
CA TYR A 23 -8.26 -11.27 -2.36
C TYR A 23 -8.32 -9.77 -2.64
N LYS A 24 -7.18 -9.11 -2.50
CA LYS A 24 -7.09 -7.68 -2.73
C LYS A 24 -8.02 -6.90 -1.82
N PHE A 25 -7.72 -6.93 -0.53
CA PHE A 25 -8.51 -6.23 0.45
C PHE A 25 -8.60 -4.75 0.07
N SER A 26 -9.57 -4.05 0.65
CA SER A 26 -9.75 -2.63 0.37
C SER A 26 -8.47 -1.85 0.68
N ALA A 27 -7.44 -2.55 1.17
CA ALA A 27 -6.17 -1.92 1.50
C ALA A 27 -5.01 -2.73 0.92
N SER A 28 -5.27 -3.97 0.50
CA SER A 28 -4.23 -4.82 -0.06
C SER A 28 -3.46 -4.07 -1.15
N GLU A 29 -4.13 -3.14 -1.81
CA GLU A 29 -3.51 -2.36 -2.87
C GLU A 29 -2.27 -1.62 -2.34
N ASP A 30 -2.47 -0.89 -1.24
CA ASP A 30 -1.37 -0.14 -0.63
C ASP A 30 -0.19 -1.04 -0.30
N GLU A 31 -0.49 -2.25 0.13
CA GLU A 31 0.56 -3.21 0.46
C GLU A 31 1.40 -3.52 -0.77
N ALA A 32 0.77 -3.54 -1.93
CA ALA A 32 1.46 -3.80 -3.19
C ALA A 32 2.34 -2.63 -3.56
N ILE A 33 1.88 -1.42 -3.24
CA ILE A 33 2.66 -0.22 -3.55
C ILE A 33 3.91 -0.15 -2.68
N ILE A 34 3.75 -0.43 -1.40
CA ILE A 34 4.88 -0.40 -0.48
C ILE A 34 5.93 -1.44 -0.88
N LYS A 35 5.47 -2.61 -1.31
CA LYS A 35 6.36 -3.66 -1.74
C LYS A 35 7.03 -3.27 -3.05
N GLY A 36 6.26 -2.68 -3.94
CA GLY A 36 6.77 -2.24 -5.22
C GLY A 36 7.84 -1.17 -5.06
N LEU A 37 7.54 -0.19 -4.22
CA LEU A 37 8.48 0.91 -3.98
C LEU A 37 9.78 0.39 -3.36
N ALA A 38 9.65 -0.63 -2.51
CA ALA A 38 10.81 -1.21 -1.85
C ALA A 38 11.80 -1.78 -2.87
N ARG A 39 11.27 -2.29 -3.98
CA ARG A 39 12.11 -2.86 -5.02
C ARG A 39 12.28 -1.90 -6.20
N PHE A 40 11.34 -0.96 -6.33
CA PHE A 40 11.41 0.03 -7.41
C PHE A 40 11.77 1.41 -6.87
N THR A 41 12.82 1.99 -7.44
CA THR A 41 13.28 3.31 -7.02
C THR A 41 14.37 3.83 -7.97
N LYS A 42 14.19 3.58 -9.26
CA LYS A 42 15.15 4.03 -10.26
C LYS A 42 14.57 5.16 -11.11
N GLY A 43 14.07 6.20 -10.44
CA GLY A 43 13.50 7.33 -11.15
C GLY A 43 13.18 8.48 -10.22
N GLN A 44 12.69 9.58 -10.79
CA GLN A 44 12.35 10.76 -10.02
C GLN A 44 11.02 10.58 -9.29
N GLN A 45 10.13 9.78 -9.89
CA GLN A 45 8.82 9.52 -9.30
C GLN A 45 8.57 8.02 -9.20
N ARG A 46 9.20 7.37 -8.23
CA ARG A 46 9.04 5.94 -8.04
C ARG A 46 7.58 5.58 -7.77
N PHE A 47 6.83 6.53 -7.23
CA PHE A 47 5.42 6.32 -6.92
C PHE A 47 4.61 6.11 -8.20
N GLN A 48 4.86 6.96 -9.20
CA GLN A 48 4.14 6.87 -10.47
C GLN A 48 4.57 5.62 -11.23
N GLN A 49 5.88 5.42 -11.36
CA GLN A 49 6.41 4.27 -12.06
C GLN A 49 5.93 2.97 -11.44
N ILE A 50 6.09 2.85 -10.13
CA ILE A 50 5.67 1.65 -9.41
C ILE A 50 4.16 1.46 -9.53
N TYR A 51 3.44 2.57 -9.51
CA TYR A 51 1.98 2.53 -9.62
C TYR A 51 1.55 1.77 -10.87
N TYR A 52 2.11 2.17 -12.01
CA TYR A 52 1.79 1.53 -13.28
C TYR A 52 2.32 0.09 -13.32
N ALA A 53 3.41 -0.15 -12.61
CA ALA A 53 4.01 -1.49 -12.58
C ALA A 53 3.11 -2.49 -11.86
N TYR A 54 2.71 -2.14 -10.64
CA TYR A 54 1.85 -3.01 -9.86
C TYR A 54 0.39 -2.94 -10.31
N ARG A 55 0.12 -2.11 -11.32
CA ARG A 55 -1.23 -1.96 -11.84
C ARG A 55 -1.84 -3.31 -12.23
N SER A 56 -2.52 -3.93 -11.27
CA SER A 56 -3.14 -5.23 -11.50
C SER A 56 -4.00 -5.63 -10.30
N VAL A 57 -3.47 -5.38 -9.10
CA VAL A 57 -4.18 -5.71 -7.88
C VAL A 57 -5.45 -4.88 -7.73
N TRP A 58 -5.33 -3.59 -7.99
CA TRP A 58 -6.47 -2.67 -7.91
C TRP A 58 -7.21 -2.61 -9.24
N HIS A 59 -8.01 -1.56 -9.41
CA HIS A 59 -8.76 -1.37 -10.65
C HIS A 59 -8.01 -0.44 -11.60
N PRO A 60 -7.55 -0.97 -12.75
CA PRO A 60 -6.81 -0.17 -13.74
C PRO A 60 -7.67 0.91 -14.38
N ALA A 61 -7.34 2.17 -14.09
CA ALA A 61 -8.09 3.29 -14.65
C ALA A 61 -7.34 4.61 -14.45
N ARG A 62 -6.01 4.53 -14.40
CA ARG A 62 -5.17 5.72 -14.22
C ARG A 62 -5.66 6.55 -13.03
N THR A 63 -5.02 6.36 -11.88
CA THR A 63 -5.39 7.08 -10.68
C THR A 63 -4.16 7.42 -9.83
N VAL A 64 -3.21 8.14 -10.43
CA VAL A 64 -2.00 8.54 -9.71
C VAL A 64 -2.37 9.33 -8.46
N SER A 65 -3.40 10.16 -8.58
CA SER A 65 -3.88 10.95 -7.46
C SER A 65 -4.23 10.02 -6.30
N GLN A 66 -4.88 8.91 -6.63
CA GLN A 66 -5.24 7.93 -5.64
C GLN A 66 -3.99 7.39 -4.97
N LEU A 67 -2.93 7.23 -5.77
CA LEU A 67 -1.66 6.74 -5.26
C LEU A 67 -1.19 7.60 -4.11
N TYR A 68 -1.21 8.90 -4.32
CA TYR A 68 -0.81 9.85 -3.28
C TYR A 68 -1.77 9.74 -2.11
N ASP A 69 -3.01 9.36 -2.39
CA ASP A 69 -4.02 9.21 -1.36
C ASP A 69 -3.67 8.09 -0.39
N HIS A 70 -3.34 6.92 -0.92
CA HIS A 70 -2.96 5.79 -0.07
C HIS A 70 -1.56 6.01 0.48
N TRP A 71 -0.73 6.65 -0.31
CA TRP A 71 0.64 6.94 0.08
C TRP A 71 0.67 8.01 1.16
N ARG A 72 -0.32 8.91 1.13
CA ARG A 72 -0.41 9.98 2.11
C ARG A 72 -0.85 9.42 3.45
N GLY A 73 -1.89 8.61 3.43
CA GLY A 73 -2.41 8.00 4.65
C GLY A 73 -1.39 7.08 5.29
N THR A 74 -0.57 6.44 4.46
CA THR A 74 0.45 5.52 4.96
C THR A 74 1.60 6.29 5.59
N LEU A 75 1.93 7.44 5.00
CA LEU A 75 3.01 8.28 5.50
C LEU A 75 2.47 9.42 6.36
N ARG A 76 1.26 9.27 6.86
CA ARG A 76 0.63 10.29 7.69
C ARG A 76 1.01 10.11 9.16
N TYR A 77 1.09 11.20 9.90
CA TYR A 77 1.44 11.16 11.31
C TYR A 77 0.82 12.33 12.06
N LYS A 78 1.23 13.54 11.70
CA LYS A 78 0.71 14.74 12.34
C LYS A 78 1.13 16.00 11.57
N VAL A 79 0.15 16.81 11.21
CA VAL A 79 0.42 18.05 10.47
C VAL A 79 -0.46 19.19 10.97
N ILE A 80 -0.29 20.36 10.36
CA ILE A 80 -1.06 21.55 10.73
C ILE A 80 -1.21 21.69 12.24
N GLN A 81 -0.10 21.95 12.92
CA GLN A 81 -0.11 22.11 14.37
C GLN A 81 0.37 23.50 14.77
N GLN A 82 0.12 24.48 13.91
CA GLN A 82 0.52 25.86 14.17
C GLN A 82 2.03 25.96 14.38
N GLN A 83 2.77 26.09 13.28
CA GLN A 83 4.22 26.20 13.35
C GLN A 83 4.66 27.66 13.41
N GLY A 84 4.25 28.43 12.41
CA GLY A 84 4.61 29.84 12.37
C GLY A 84 6.04 30.06 11.93
N TYR A 85 6.22 30.46 10.67
CA TYR A 85 7.56 30.70 10.14
C TYR A 85 7.73 32.16 9.77
N ARG A 86 7.08 33.05 10.51
CA ARG A 86 7.16 34.48 10.25
C ARG A 86 6.94 35.27 11.54
N GLY A 87 5.90 34.90 12.29
CA GLY A 87 5.58 35.59 13.53
C GLY A 87 5.14 34.64 14.61
N LYS A 88 4.61 35.19 15.70
CA LYS A 88 4.13 34.39 16.82
C LYS A 88 2.61 34.46 16.93
N ASN A 89 2.06 35.65 16.73
CA ASN A 89 0.61 35.84 16.80
C ASN A 89 0.11 36.64 15.60
N SER A 90 0.80 37.73 15.29
CA SER A 90 0.42 38.57 14.17
C SER A 90 1.50 39.62 13.89
N VAL A 91 1.18 40.57 13.01
CA VAL A 91 2.12 41.64 12.67
C VAL A 91 1.39 42.94 12.39
N ALA A 92 2.14 44.04 12.43
CA ALA A 92 1.56 45.36 12.18
C ALA A 92 1.52 45.67 10.68
N ALA A 93 0.30 45.72 10.14
CA ALA A 93 0.12 46.01 8.72
C ALA A 93 -1.27 46.56 8.45
N ARG A 94 -1.46 47.12 7.26
CA ARG A 94 -2.75 47.69 6.88
C ARG A 94 -3.48 46.78 5.89
N SER A 95 -4.80 46.89 5.87
CA SER A 95 -5.62 46.08 4.98
C SER A 95 -7.11 46.37 5.18
N PRO A 96 -7.61 46.19 6.41
CA PRO A 96 -9.01 46.44 6.74
C PRO A 96 -9.29 47.91 7.03
N GLU A 97 -8.82 48.79 6.17
CA GLU A 97 -9.01 50.23 6.35
C GLU A 97 -10.40 50.64 5.85
N LYS A 98 -10.75 50.19 4.66
CA LYS A 98 -12.04 50.51 4.06
C LYS A 98 -13.11 49.53 4.52
N ALA A 99 -12.69 48.35 4.95
CA ALA A 99 -13.61 47.32 5.43
C ALA A 99 -14.50 46.82 4.30
N SER A 100 -14.07 45.74 3.65
CA SER A 100 -14.83 45.16 2.55
C SER A 100 -14.62 43.65 2.49
N ASN A 101 -15.17 42.95 3.48
CA ASN A 101 -15.05 41.49 3.54
C ASN A 101 -15.85 40.93 4.71
N MET A 102 -16.95 40.26 4.40
CA MET A 102 -17.81 39.67 5.42
C MET A 102 -18.53 38.44 4.89
N GLU A 103 -17.89 37.75 3.95
CA GLU A 103 -18.47 36.55 3.36
C GLU A 103 -19.80 36.87 2.68
N ASN A 104 -19.73 37.10 1.37
CA ASN A 104 -20.94 37.43 0.60
C ASN A 104 -21.11 36.45 -0.57
N ASN A 105 -22.32 35.93 -0.72
CA ASN A 105 -22.62 34.99 -1.79
C ASN A 105 -23.23 35.71 -3.00
N GLU A 106 -22.36 36.31 -3.81
CA GLU A 106 -22.81 37.03 -5.00
C GLU A 106 -23.73 38.18 -4.62
N GLY A 1 8.53 -28.53 -9.32
CA GLY A 1 9.53 -27.43 -9.27
C GLY A 1 10.77 -27.79 -8.48
N PRO A 2 10.80 -27.51 -7.18
CA PRO A 2 11.95 -27.82 -6.32
C PRO A 2 12.12 -29.33 -6.10
N GLY A 3 11.02 -30.00 -5.80
CA GLY A 3 11.07 -31.43 -5.57
C GLY A 3 10.35 -32.22 -6.65
N SER A 4 11.07 -33.14 -7.27
CA SER A 4 10.49 -33.97 -8.33
C SER A 4 9.31 -34.79 -7.80
N LEU A 5 8.62 -35.48 -8.71
CA LEU A 5 7.47 -36.30 -8.34
C LEU A 5 7.87 -37.76 -8.22
N SER A 6 9.12 -38.00 -7.82
CA SER A 6 9.63 -39.37 -7.65
C SER A 6 9.74 -39.73 -6.18
N ASN A 7 8.86 -40.61 -5.72
CA ASN A 7 8.86 -41.04 -4.33
C ASN A 7 8.64 -39.86 -3.39
N PHE A 8 8.49 -40.16 -2.10
CA PHE A 8 8.27 -39.12 -1.10
C PHE A 8 9.58 -38.51 -0.65
N ALA A 9 9.58 -37.19 -0.43
CA ALA A 9 10.78 -36.48 0.00
C ALA A 9 11.21 -36.94 1.40
N ASN A 10 12.42 -36.58 1.78
CA ASN A 10 12.96 -36.94 3.09
C ASN A 10 12.79 -35.80 4.09
N VAL A 11 11.66 -35.10 4.00
CA VAL A 11 11.38 -33.99 4.89
C VAL A 11 9.92 -33.98 5.31
N GLY A 12 9.67 -33.60 6.56
CA GLY A 12 8.31 -33.56 7.07
C GLY A 12 7.76 -32.15 7.14
N VAL A 13 8.65 -31.17 7.32
CA VAL A 13 8.25 -29.78 7.39
C VAL A 13 8.43 -29.08 6.05
N GLY A 14 8.19 -29.82 4.97
CA GLY A 14 8.32 -29.25 3.64
C GLY A 14 7.00 -29.09 2.93
N THR A 15 6.20 -30.16 2.95
CA THR A 15 4.89 -30.14 2.30
C THR A 15 3.78 -29.98 3.33
N SER A 16 2.76 -29.21 2.97
CA SER A 16 1.62 -28.98 3.86
C SER A 16 0.52 -28.20 3.15
N SER A 17 0.82 -26.95 2.80
CA SER A 17 -0.15 -26.10 2.11
C SER A 17 -0.34 -26.55 0.67
N GLY A 18 -1.26 -25.90 -0.03
CA GLY A 18 -1.52 -26.24 -1.42
C GLY A 18 -1.46 -25.03 -2.34
N LYS A 19 -2.38 -24.08 -2.11
CA LYS A 19 -2.43 -22.87 -2.92
C LYS A 19 -2.59 -21.64 -2.05
N GLN A 20 -1.79 -20.61 -2.32
CA GLN A 20 -1.84 -19.37 -1.55
C GLN A 20 -0.89 -18.34 -2.12
N LYS A 21 -1.38 -17.54 -3.07
CA LYS A 21 -0.56 -16.51 -3.70
C LYS A 21 -1.45 -15.47 -4.38
N ARG A 22 -1.00 -14.21 -4.35
CA ARG A 22 -1.75 -13.11 -4.96
C ARG A 22 -3.12 -12.95 -4.30
N TYR A 23 -3.58 -11.71 -4.24
CA TYR A 23 -4.87 -11.41 -3.62
C TYR A 23 -5.20 -9.92 -3.75
N LYS A 24 -6.28 -9.62 -4.46
CA LYS A 24 -6.71 -8.23 -4.64
C LYS A 24 -7.61 -7.79 -3.50
N PHE A 25 -7.10 -7.91 -2.28
CA PHE A 25 -7.85 -7.52 -1.09
C PHE A 25 -8.19 -6.04 -1.11
N SER A 26 -9.23 -5.66 -0.38
CA SER A 26 -9.64 -4.27 -0.28
C SER A 26 -8.65 -3.51 0.58
N ALA A 27 -7.38 -3.62 0.20
CA ALA A 27 -6.28 -3.00 0.91
C ALA A 27 -4.96 -3.56 0.41
N SER A 28 -4.98 -4.80 -0.10
CA SER A 28 -3.78 -5.43 -0.62
C SER A 28 -3.06 -4.51 -1.59
N GLU A 29 -3.83 -3.69 -2.30
CA GLU A 29 -3.27 -2.76 -3.28
C GLU A 29 -2.24 -1.84 -2.61
N ASP A 30 -2.63 -1.21 -1.51
CA ASP A 30 -1.73 -0.32 -0.79
C ASP A 30 -0.46 -1.04 -0.39
N GLU A 31 -0.60 -2.33 -0.07
CA GLU A 31 0.54 -3.15 0.30
C GLU A 31 1.46 -3.37 -0.89
N ALA A 32 0.87 -3.38 -2.08
CA ALA A 32 1.65 -3.58 -3.30
C ALA A 32 2.44 -2.33 -3.65
N ILE A 33 1.90 -1.17 -3.31
CA ILE A 33 2.59 0.09 -3.59
C ILE A 33 3.77 0.27 -2.66
N ILE A 34 3.56 -0.01 -1.38
CA ILE A 34 4.63 0.12 -0.39
C ILE A 34 5.74 -0.87 -0.68
N LYS A 35 5.36 -2.09 -1.09
CA LYS A 35 6.33 -3.11 -1.42
C LYS A 35 6.99 -2.78 -2.75
N GLY A 36 6.20 -2.26 -3.68
CA GLY A 36 6.71 -1.90 -4.98
C GLY A 36 7.71 -0.76 -4.88
N LEU A 37 7.37 0.25 -4.10
CA LEU A 37 8.24 1.40 -3.90
C LEU A 37 9.55 0.97 -3.26
N ALA A 38 9.46 0.08 -2.27
CA ALA A 38 10.65 -0.40 -1.58
C ALA A 38 11.53 -1.24 -2.51
N ARG A 39 10.97 -1.70 -3.61
CA ARG A 39 11.72 -2.52 -4.57
C ARG A 39 11.69 -1.92 -5.97
N PHE A 40 11.69 -0.60 -6.05
CA PHE A 40 11.69 0.08 -7.35
C PHE A 40 12.65 1.27 -7.35
N THR A 41 12.15 2.46 -7.00
CA THR A 41 12.98 3.66 -6.97
C THR A 41 13.89 3.75 -8.19
N LYS A 42 13.30 4.00 -9.35
CA LYS A 42 14.05 4.11 -10.59
C LYS A 42 13.89 5.50 -11.20
N GLY A 43 13.85 6.51 -10.35
CA GLY A 43 13.71 7.88 -10.82
C GLY A 43 13.17 8.81 -9.74
N GLN A 44 12.68 9.97 -10.16
CA GLN A 44 12.14 10.95 -9.23
C GLN A 44 10.61 10.87 -9.18
N GLN A 45 10.09 9.67 -9.37
CA GLN A 45 8.65 9.45 -9.34
C GLN A 45 8.31 7.97 -9.22
N ARG A 46 8.93 7.31 -8.25
CA ARG A 46 8.71 5.89 -8.03
C ARG A 46 7.23 5.60 -7.81
N PHE A 47 6.50 6.59 -7.29
CA PHE A 47 5.07 6.45 -7.03
C PHE A 47 4.31 6.13 -8.30
N GLN A 48 4.57 6.90 -9.36
CA GLN A 48 3.89 6.70 -10.63
C GLN A 48 4.35 5.42 -11.30
N GLN A 49 5.66 5.23 -11.37
CA GLN A 49 6.22 4.03 -11.99
C GLN A 49 5.71 2.77 -11.29
N ILE A 50 5.81 2.75 -9.97
CA ILE A 50 5.35 1.61 -9.20
C ILE A 50 3.86 1.38 -9.44
N TYR A 51 3.11 2.47 -9.57
CA TYR A 51 1.67 2.38 -9.82
C TYR A 51 1.39 1.56 -11.08
N TYR A 52 2.16 1.83 -12.12
CA TYR A 52 2.01 1.11 -13.38
C TYR A 52 2.40 -0.35 -13.22
N ALA A 53 3.37 -0.60 -12.34
CA ALA A 53 3.84 -1.96 -12.09
C ALA A 53 2.76 -2.82 -11.44
N TYR A 54 2.19 -2.32 -10.34
CA TYR A 54 1.14 -3.04 -9.63
C TYR A 54 -0.21 -2.89 -10.32
N ARG A 55 -0.23 -2.16 -11.44
CA ARG A 55 -1.46 -1.94 -12.19
C ARG A 55 -2.13 -3.27 -12.56
N SER A 56 -1.35 -4.34 -12.58
CA SER A 56 -1.88 -5.66 -12.93
C SER A 56 -2.75 -6.22 -11.81
N VAL A 57 -2.35 -5.97 -10.56
CA VAL A 57 -3.10 -6.46 -9.41
C VAL A 57 -4.31 -5.57 -9.10
N TRP A 58 -4.29 -4.35 -9.61
CA TRP A 58 -5.39 -3.41 -9.37
C TRP A 58 -5.87 -2.78 -10.68
N HIS A 59 -6.64 -1.70 -10.55
CA HIS A 59 -7.18 -0.99 -11.72
C HIS A 59 -6.05 -0.48 -12.61
N PRO A 60 -6.37 -0.16 -13.88
CA PRO A 60 -5.39 0.34 -14.84
C PRO A 60 -4.63 1.56 -14.32
N ALA A 61 -3.75 2.11 -15.16
CA ALA A 61 -2.96 3.28 -14.78
C ALA A 61 -3.64 4.58 -15.20
N ARG A 62 -4.12 5.33 -14.20
CA ARG A 62 -4.80 6.59 -14.46
C ARG A 62 -5.35 7.19 -13.17
N THR A 63 -4.56 7.10 -12.10
CA THR A 63 -4.98 7.64 -10.81
C THR A 63 -3.78 7.87 -9.89
N VAL A 64 -2.75 8.52 -10.42
CA VAL A 64 -1.55 8.81 -9.65
C VAL A 64 -1.92 9.60 -8.39
N SER A 65 -2.93 10.46 -8.52
CA SER A 65 -3.39 11.25 -7.38
C SER A 65 -3.81 10.32 -6.26
N GLN A 66 -4.53 9.27 -6.61
CA GLN A 66 -4.98 8.28 -5.65
C GLN A 66 -3.77 7.63 -4.98
N LEU A 67 -2.72 7.44 -5.77
CA LEU A 67 -1.49 6.84 -5.27
C LEU A 67 -0.98 7.62 -4.08
N TYR A 68 -0.88 8.93 -4.26
CA TYR A 68 -0.42 9.80 -3.19
C TYR A 68 -1.39 9.74 -2.02
N ASP A 69 -2.66 9.48 -2.33
CA ASP A 69 -3.68 9.38 -1.31
C ASP A 69 -3.45 8.19 -0.38
N HIS A 70 -3.21 7.02 -0.97
CA HIS A 70 -2.96 5.82 -0.16
C HIS A 70 -1.56 5.88 0.42
N TRP A 71 -0.64 6.44 -0.35
CA TRP A 71 0.74 6.57 0.09
C TRP A 71 0.86 7.63 1.17
N ARG A 72 -0.03 8.62 1.15
CA ARG A 72 -0.02 9.68 2.16
C ARG A 72 -0.58 9.16 3.47
N GLY A 73 -1.65 8.38 3.37
CA GLY A 73 -2.26 7.82 4.56
C GLY A 73 -1.34 6.86 5.28
N THR A 74 -0.57 6.09 4.50
CA THR A 74 0.37 5.14 5.07
C THR A 74 1.58 5.85 5.66
N LEU A 75 2.00 6.93 5.02
CA LEU A 75 3.14 7.71 5.48
C LEU A 75 3.34 8.95 4.63
N ARG A 76 2.57 10.00 4.91
CA ARG A 76 2.66 11.25 4.17
C ARG A 76 3.90 12.04 4.58
N TYR A 77 4.82 12.21 3.65
CA TYR A 77 6.06 12.95 3.91
C TYR A 77 5.79 14.45 3.91
N LYS A 78 6.16 15.11 5.01
CA LYS A 78 5.97 16.55 5.13
C LYS A 78 7.12 17.18 5.91
N VAL A 79 7.39 16.66 7.10
CA VAL A 79 8.46 17.18 7.93
C VAL A 79 8.90 16.13 8.96
N ILE A 80 9.14 14.91 8.49
CA ILE A 80 9.58 13.83 9.36
C ILE A 80 10.47 12.85 8.61
N GLN A 81 11.41 13.40 7.83
CA GLN A 81 12.33 12.57 7.06
C GLN A 81 13.52 13.40 6.58
N GLN A 82 14.72 13.01 7.00
CA GLN A 82 15.93 13.72 6.61
C GLN A 82 16.54 13.10 5.35
N GLN A 83 16.18 13.66 4.20
CA GLN A 83 16.69 13.17 2.93
C GLN A 83 17.54 14.23 2.24
N GLY A 84 17.92 13.96 0.99
CA GLY A 84 18.73 14.91 0.24
C GLY A 84 19.51 14.24 -0.88
N TYR A 85 20.81 14.11 -0.69
CA TYR A 85 21.67 13.49 -1.70
C TYR A 85 21.53 11.97 -1.67
N ARG A 86 22.26 11.30 -2.55
CA ARG A 86 22.22 9.84 -2.63
C ARG A 86 23.49 9.30 -3.25
N GLY A 87 24.44 8.88 -2.40
CA GLY A 87 25.68 8.34 -2.90
C GLY A 87 26.65 7.99 -1.79
N LYS A 88 26.11 7.47 -0.68
CA LYS A 88 26.93 7.09 0.46
C LYS A 88 26.49 5.74 1.01
N ASN A 89 26.01 4.87 0.13
CA ASN A 89 25.56 3.54 0.53
C ASN A 89 26.30 2.46 -0.24
N SER A 90 27.55 2.74 -0.60
CA SER A 90 28.36 1.79 -1.35
C SER A 90 29.15 0.88 -0.40
N VAL A 91 29.64 -0.23 -0.94
CA VAL A 91 30.41 -1.18 -0.15
C VAL A 91 31.91 -1.00 -0.37
N ALA A 92 32.28 -0.56 -1.57
CA ALA A 92 33.68 -0.35 -1.91
C ALA A 92 33.86 0.92 -2.74
N ALA A 93 35.01 1.55 -2.60
CA ALA A 93 35.30 2.78 -3.33
C ALA A 93 36.46 2.57 -4.30
N ARG A 94 36.51 3.38 -5.35
CA ARG A 94 37.56 3.28 -6.35
C ARG A 94 37.55 4.49 -7.27
N SER A 95 38.65 5.24 -7.29
CA SER A 95 38.76 6.43 -8.14
C SER A 95 39.74 6.19 -9.28
N PRO A 96 39.22 5.76 -10.46
CA PRO A 96 40.07 5.50 -11.63
C PRO A 96 40.69 6.77 -12.19
N GLU A 97 41.81 6.62 -12.88
CA GLU A 97 42.51 7.76 -13.48
C GLU A 97 41.61 8.50 -14.46
N LYS A 98 41.83 9.80 -14.60
CA LYS A 98 41.04 10.62 -15.52
C LYS A 98 41.85 10.97 -16.76
N ALA A 99 42.75 10.08 -17.15
CA ALA A 99 43.59 10.30 -18.32
C ALA A 99 43.26 9.29 -19.43
N SER A 100 42.02 8.84 -19.46
CA SER A 100 41.58 7.87 -20.46
C SER A 100 40.08 7.58 -20.33
N ASN A 101 39.31 8.62 -20.01
CA ASN A 101 37.87 8.48 -19.85
C ASN A 101 37.22 8.03 -21.16
N MET A 102 36.14 7.26 -21.05
CA MET A 102 35.43 6.78 -22.22
C MET A 102 36.33 5.91 -23.09
N GLU A 103 35.76 5.34 -24.14
CA GLU A 103 36.52 4.48 -25.05
C GLU A 103 37.09 3.26 -24.30
N ASN A 104 36.22 2.53 -23.62
CA ASN A 104 36.64 1.36 -22.87
C ASN A 104 35.66 0.20 -23.07
N ASN A 105 36.19 -1.01 -23.23
CA ASN A 105 35.37 -2.19 -23.42
C ASN A 105 35.79 -3.32 -22.50
N GLU A 106 34.83 -4.13 -22.07
CA GLU A 106 35.11 -5.24 -21.17
C GLU A 106 35.70 -4.76 -19.86
N GLY A 1 -23.87 -25.73 -17.51
CA GLY A 1 -23.40 -24.53 -18.26
C GLY A 1 -24.54 -23.63 -18.70
N PRO A 2 -24.31 -22.32 -18.81
CA PRO A 2 -25.32 -21.35 -19.23
C PRO A 2 -26.01 -21.75 -20.53
N GLY A 3 -25.28 -22.47 -21.38
CA GLY A 3 -25.83 -22.91 -22.65
C GLY A 3 -25.21 -22.18 -23.83
N SER A 4 -23.97 -21.75 -23.67
CA SER A 4 -23.27 -21.03 -24.73
C SER A 4 -21.75 -21.17 -24.57
N LEU A 5 -21.03 -20.99 -25.67
CA LEU A 5 -19.58 -21.08 -25.65
C LEU A 5 -18.92 -19.81 -26.18
N SER A 6 -19.52 -19.23 -27.22
CA SER A 6 -19.00 -18.00 -27.81
C SER A 6 -19.79 -16.79 -27.35
N ASN A 7 -19.26 -15.60 -27.61
CA ASN A 7 -19.92 -14.35 -27.23
C ASN A 7 -20.43 -13.60 -28.45
N PHE A 8 -21.59 -12.98 -28.31
CA PHE A 8 -22.19 -12.22 -29.40
C PHE A 8 -23.33 -11.35 -28.90
N ALA A 9 -24.37 -11.98 -28.38
CA ALA A 9 -25.53 -11.26 -27.86
C ALA A 9 -25.18 -10.52 -26.57
N ASN A 10 -26.17 -9.82 -26.01
CA ASN A 10 -25.97 -9.08 -24.77
C ASN A 10 -25.68 -10.01 -23.60
N VAL A 11 -24.39 -10.21 -23.33
CA VAL A 11 -23.98 -11.08 -22.23
C VAL A 11 -23.22 -10.31 -21.16
N GLY A 12 -22.40 -9.36 -21.60
CA GLY A 12 -21.63 -8.55 -20.67
C GLY A 12 -20.15 -8.54 -21.00
N VAL A 13 -19.36 -9.19 -20.15
CA VAL A 13 -17.92 -9.26 -20.35
C VAL A 13 -17.47 -10.68 -20.63
N GLY A 14 -18.07 -11.64 -19.92
CA GLY A 14 -17.72 -13.03 -20.10
C GLY A 14 -17.84 -13.84 -18.82
N THR A 15 -18.94 -13.62 -18.09
CA THR A 15 -19.18 -14.33 -16.84
C THR A 15 -20.50 -13.91 -16.23
N SER A 16 -21.60 -14.34 -16.85
CA SER A 16 -22.93 -14.01 -16.36
C SER A 16 -23.51 -15.14 -15.51
N SER A 17 -22.65 -15.78 -14.72
CA SER A 17 -23.06 -16.88 -13.87
C SER A 17 -23.79 -16.37 -12.62
N GLY A 18 -24.50 -17.25 -11.95
CA GLY A 18 -25.22 -16.88 -10.75
C GLY A 18 -24.32 -16.76 -9.53
N LYS A 19 -23.60 -15.66 -9.44
CA LYS A 19 -22.69 -15.43 -8.33
C LYS A 19 -22.34 -13.95 -8.20
N GLN A 20 -21.41 -13.64 -7.30
CA GLN A 20 -20.99 -12.26 -7.08
C GLN A 20 -19.52 -12.20 -6.67
N LYS A 21 -18.74 -11.37 -7.36
CA LYS A 21 -17.33 -11.22 -7.07
C LYS A 21 -17.11 -10.45 -5.77
N ARG A 22 -15.87 -10.43 -5.31
CA ARG A 22 -15.54 -9.72 -4.07
C ARG A 22 -14.26 -8.90 -4.24
N TYR A 23 -13.14 -9.58 -4.40
CA TYR A 23 -11.85 -8.91 -4.57
C TYR A 23 -11.54 -8.01 -3.37
N LYS A 24 -12.01 -8.43 -2.19
CA LYS A 24 -11.79 -7.68 -0.97
C LYS A 24 -10.40 -7.98 -0.40
N PHE A 25 -9.37 -7.69 -1.19
CA PHE A 25 -8.00 -7.91 -0.75
C PHE A 25 -7.77 -7.26 0.60
N SER A 26 -7.03 -7.94 1.48
CA SER A 26 -6.75 -7.39 2.81
C SER A 26 -5.82 -6.19 2.67
N ALA A 27 -6.30 -5.16 1.99
CA ALA A 27 -5.52 -3.96 1.76
C ALA A 27 -4.30 -4.29 0.89
N SER A 28 -4.41 -5.38 0.11
CA SER A 28 -3.31 -5.80 -0.75
C SER A 28 -2.88 -4.66 -1.67
N GLU A 29 -3.83 -3.82 -2.07
CA GLU A 29 -3.54 -2.70 -2.95
C GLU A 29 -2.51 -1.76 -2.31
N ASP A 30 -2.81 -1.33 -1.08
CA ASP A 30 -1.92 -0.44 -0.36
C ASP A 30 -0.60 -1.14 -0.06
N GLU A 31 -0.69 -2.39 0.36
CA GLU A 31 0.49 -3.19 0.67
C GLU A 31 1.35 -3.38 -0.56
N ALA A 32 0.70 -3.40 -1.73
CA ALA A 32 1.41 -3.58 -2.99
C ALA A 32 2.25 -2.35 -3.32
N ILE A 33 1.67 -1.17 -3.12
CA ILE A 33 2.38 0.07 -3.41
C ILE A 33 3.59 0.23 -2.51
N ILE A 34 3.43 -0.11 -1.22
CA ILE A 34 4.53 0.01 -0.28
C ILE A 34 5.65 -0.97 -0.64
N LYS A 35 5.28 -2.19 -1.02
CA LYS A 35 6.25 -3.19 -1.40
C LYS A 35 6.97 -2.75 -2.68
N GLY A 36 6.20 -2.19 -3.60
CA GLY A 36 6.76 -1.72 -4.85
C GLY A 36 7.76 -0.60 -4.61
N LEU A 37 7.36 0.39 -3.84
CA LEU A 37 8.22 1.53 -3.53
C LEU A 37 9.53 1.05 -2.93
N ALA A 38 9.45 0.01 -2.11
CA ALA A 38 10.64 -0.56 -1.46
C ALA A 38 11.52 -1.29 -2.47
N ARG A 39 10.94 -1.67 -3.62
CA ARG A 39 11.68 -2.38 -4.64
C ARG A 39 11.57 -1.68 -6.00
N PHE A 40 11.34 -0.38 -5.97
CA PHE A 40 11.22 0.40 -7.20
C PHE A 40 11.38 1.89 -6.92
N THR A 41 12.61 2.38 -6.99
CA THR A 41 12.89 3.79 -6.75
C THR A 41 14.18 4.21 -7.43
N LYS A 42 14.14 4.35 -8.75
CA LYS A 42 15.30 4.74 -9.52
C LYS A 42 15.09 6.09 -10.20
N GLY A 43 14.29 6.94 -9.57
CA GLY A 43 14.01 8.25 -10.11
C GLY A 43 13.08 9.07 -9.24
N GLN A 44 12.40 10.04 -9.84
CA GLN A 44 11.47 10.90 -9.11
C GLN A 44 10.04 10.41 -9.26
N GLN A 45 9.77 9.70 -10.36
CA GLN A 45 8.42 9.18 -10.61
C GLN A 45 8.32 7.73 -10.13
N ARG A 46 8.87 7.46 -8.96
CA ARG A 46 8.83 6.11 -8.38
C ARG A 46 7.40 5.69 -8.06
N PHE A 47 6.64 6.62 -7.50
CA PHE A 47 5.24 6.34 -7.12
C PHE A 47 4.41 6.03 -8.36
N GLN A 48 4.55 6.85 -9.39
CA GLN A 48 3.79 6.66 -10.63
C GLN A 48 4.27 5.42 -11.38
N GLN A 49 5.59 5.29 -11.51
CA GLN A 49 6.18 4.15 -12.21
C GLN A 49 5.74 2.84 -11.57
N ILE A 50 5.90 2.75 -10.26
CA ILE A 50 5.51 1.54 -9.53
C ILE A 50 4.02 1.27 -9.69
N TYR A 51 3.24 2.33 -9.69
CA TYR A 51 1.79 2.22 -9.84
C TYR A 51 1.44 1.58 -11.17
N TYR A 52 2.15 1.97 -12.22
CA TYR A 52 1.91 1.44 -13.55
C TYR A 52 2.31 -0.03 -13.65
N ALA A 53 3.36 -0.41 -12.94
CA ALA A 53 3.83 -1.79 -12.95
C ALA A 53 2.84 -2.70 -12.23
N TYR A 54 2.52 -2.33 -11.00
CA TYR A 54 1.58 -3.11 -10.20
C TYR A 54 0.12 -2.83 -10.59
N ARG A 55 -0.07 -1.97 -11.60
CA ARG A 55 -1.42 -1.63 -12.05
C ARG A 55 -2.23 -2.89 -12.38
N SER A 56 -1.54 -3.96 -12.72
CA SER A 56 -2.20 -5.22 -13.05
C SER A 56 -3.08 -5.69 -11.89
N VAL A 57 -2.73 -5.25 -10.68
CA VAL A 57 -3.49 -5.62 -9.49
C VAL A 57 -4.74 -4.75 -9.33
N TRP A 58 -4.53 -3.43 -9.27
CA TRP A 58 -5.64 -2.49 -9.13
C TRP A 58 -6.64 -2.65 -10.27
N HIS A 59 -7.54 -1.68 -10.40
CA HIS A 59 -8.55 -1.72 -11.45
C HIS A 59 -8.26 -0.67 -12.54
N PRO A 60 -8.36 0.64 -12.21
CA PRO A 60 -8.09 1.70 -13.18
C PRO A 60 -6.62 1.85 -13.51
N ALA A 61 -6.30 2.79 -14.39
CA ALA A 61 -4.91 3.02 -14.79
C ALA A 61 -4.67 4.51 -15.09
N ARG A 62 -5.21 5.37 -14.24
CA ARG A 62 -5.05 6.81 -14.40
C ARG A 62 -5.47 7.55 -13.13
N THR A 63 -5.11 6.98 -11.98
CA THR A 63 -5.44 7.58 -10.69
C THR A 63 -4.19 7.76 -9.84
N VAL A 64 -3.14 8.30 -10.45
CA VAL A 64 -1.88 8.53 -9.74
C VAL A 64 -2.13 9.38 -8.50
N SER A 65 -3.05 10.33 -8.60
CA SER A 65 -3.40 11.18 -7.48
C SER A 65 -3.83 10.33 -6.30
N GLN A 66 -4.68 9.34 -6.58
CA GLN A 66 -5.14 8.43 -5.55
C GLN A 66 -3.95 7.71 -4.94
N LEU A 67 -2.95 7.42 -5.77
CA LEU A 67 -1.75 6.74 -5.33
C LEU A 67 -1.10 7.51 -4.19
N TYR A 68 -0.93 8.80 -4.40
CA TYR A 68 -0.36 9.67 -3.39
C TYR A 68 -1.26 9.69 -2.17
N ASP A 69 -2.56 9.49 -2.40
CA ASP A 69 -3.54 9.49 -1.33
C ASP A 69 -3.34 8.31 -0.38
N HIS A 70 -3.20 7.11 -0.92
CA HIS A 70 -2.99 5.93 -0.08
C HIS A 70 -1.57 5.92 0.45
N TRP A 71 -0.64 6.44 -0.35
CA TRP A 71 0.76 6.49 0.03
C TRP A 71 1.00 7.59 1.06
N ARG A 72 0.21 8.67 0.98
CA ARG A 72 0.35 9.77 1.91
C ARG A 72 -0.24 9.41 3.27
N GLY A 73 -1.36 8.70 3.24
CA GLY A 73 -2.02 8.28 4.47
C GLY A 73 -1.24 7.18 5.18
N THR A 74 -0.62 6.31 4.40
CA THR A 74 0.15 5.21 4.96
C THR A 74 1.44 5.72 5.60
N LEU A 75 2.10 6.66 4.92
CA LEU A 75 3.34 7.23 5.42
C LEU A 75 3.07 8.46 6.28
N ARG A 76 1.80 8.70 6.61
CA ARG A 76 1.42 9.85 7.43
C ARG A 76 1.82 11.15 6.75
N TYR A 77 1.27 12.26 7.23
CA TYR A 77 1.56 13.58 6.68
C TYR A 77 3.05 13.88 6.78
N LYS A 78 3.61 14.39 5.69
CA LYS A 78 5.04 14.73 5.66
C LYS A 78 5.28 16.09 6.30
N VAL A 79 6.08 16.10 7.37
CA VAL A 79 6.40 17.33 8.07
C VAL A 79 7.58 18.05 7.44
N ILE A 80 8.40 17.29 6.71
CA ILE A 80 9.57 17.86 6.04
C ILE A 80 10.62 18.29 7.07
N GLN A 81 11.89 18.04 6.75
CA GLN A 81 12.99 18.40 7.65
C GLN A 81 12.84 17.71 9.00
N GLN A 82 12.17 16.56 9.00
CA GLN A 82 11.96 15.80 10.23
C GLN A 82 11.16 14.53 9.95
N GLN A 83 10.70 13.89 11.01
CA GLN A 83 9.92 12.66 10.88
C GLN A 83 9.36 12.21 12.24
N GLY A 84 10.18 12.33 13.28
CA GLY A 84 9.77 11.93 14.60
C GLY A 84 10.03 13.01 15.64
N TYR A 85 8.98 13.48 16.30
CA TYR A 85 9.10 14.51 17.32
C TYR A 85 9.87 13.98 18.53
N ARG A 86 10.40 14.90 19.33
CA ARG A 86 11.15 14.53 20.52
C ARG A 86 10.24 14.43 21.74
N GLY A 87 10.56 13.49 22.63
CA GLY A 87 9.76 13.30 23.83
C GLY A 87 9.82 14.49 24.76
N LYS A 88 9.63 14.24 26.05
CA LYS A 88 9.67 15.30 27.06
C LYS A 88 10.20 14.77 28.39
N ASN A 89 9.67 13.64 28.83
CA ASN A 89 10.09 13.03 30.08
C ASN A 89 10.98 11.81 29.82
N SER A 90 11.83 11.49 30.79
CA SER A 90 12.73 10.35 30.67
C SER A 90 12.78 9.55 31.97
N VAL A 91 12.93 10.27 33.08
CA VAL A 91 13.00 9.63 34.40
C VAL A 91 11.69 8.91 34.72
N ALA A 92 11.76 7.95 35.64
CA ALA A 92 10.57 7.20 36.03
C ALA A 92 10.00 6.42 34.86
N ALA A 93 9.08 5.51 35.15
CA ALA A 93 8.44 4.69 34.12
C ALA A 93 6.93 4.83 34.16
N ARG A 94 6.35 5.27 33.04
CA ARG A 94 4.91 5.45 32.95
C ARG A 94 4.46 5.51 31.49
N SER A 95 5.19 4.83 30.61
CA SER A 95 4.86 4.81 29.20
C SER A 95 3.78 3.79 28.89
N PRO A 96 2.80 4.15 28.05
CA PRO A 96 1.70 3.24 27.68
C PRO A 96 2.21 1.91 27.15
N GLU A 97 2.18 0.88 27.99
CA GLU A 97 2.63 -0.44 27.60
C GLU A 97 4.10 -0.42 27.18
N LYS A 98 4.97 -0.92 28.06
CA LYS A 98 6.40 -0.95 27.78
C LYS A 98 6.92 -2.38 27.76
N ALA A 99 6.89 -3.03 28.92
CA ALA A 99 7.36 -4.40 29.03
C ALA A 99 7.11 -4.96 30.43
N SER A 100 7.51 -4.19 31.44
CA SER A 100 7.33 -4.60 32.83
C SER A 100 8.06 -5.91 33.12
N ASN A 101 9.16 -5.81 33.86
CA ASN A 101 9.95 -7.00 34.21
C ASN A 101 10.48 -6.90 35.62
N MET A 102 11.27 -5.85 35.89
CA MET A 102 11.85 -5.65 37.20
C MET A 102 11.29 -4.38 37.85
N GLU A 103 11.73 -4.09 39.07
CA GLU A 103 11.29 -2.90 39.80
C GLU A 103 9.83 -3.02 40.19
N ASN A 104 8.94 -3.01 39.21
CA ASN A 104 7.51 -3.12 39.45
C ASN A 104 6.99 -4.50 39.06
N ASN A 105 6.81 -5.37 40.05
CA ASN A 105 6.32 -6.71 39.80
C ASN A 105 4.85 -6.83 40.16
N GLU A 106 4.09 -5.77 39.91
CA GLU A 106 2.66 -5.75 40.20
C GLU A 106 1.84 -5.89 38.92
N GLY A 1 7.82 -25.35 17.89
CA GLY A 1 8.98 -26.25 18.10
C GLY A 1 9.07 -27.34 17.04
N PRO A 2 9.90 -28.38 17.26
CA PRO A 2 10.07 -29.47 16.31
C PRO A 2 8.82 -30.36 16.22
N GLY A 3 7.98 -30.30 17.25
CA GLY A 3 6.77 -31.10 17.26
C GLY A 3 5.90 -30.87 16.04
N SER A 4 4.91 -31.74 15.84
CA SER A 4 4.00 -31.62 14.70
C SER A 4 2.57 -31.87 15.12
N LEU A 5 1.64 -31.68 14.19
CA LEU A 5 0.22 -31.89 14.47
C LEU A 5 -0.21 -33.30 14.08
N SER A 6 -1.44 -33.66 14.44
CA SER A 6 -1.97 -34.98 14.14
C SER A 6 -3.00 -34.91 13.01
N ASN A 7 -3.74 -33.81 12.97
CA ASN A 7 -4.76 -33.62 11.94
C ASN A 7 -4.67 -32.22 11.35
N PHE A 8 -3.98 -32.10 10.22
CA PHE A 8 -3.83 -30.81 9.55
C PHE A 8 -4.61 -30.78 8.24
N ALA A 9 -4.78 -29.59 7.68
CA ALA A 9 -5.51 -29.41 6.43
C ALA A 9 -4.66 -28.68 5.40
N ASN A 10 -4.00 -27.61 5.83
CA ASN A 10 -3.16 -26.82 4.94
C ASN A 10 -1.74 -27.38 4.90
N VAL A 11 -0.93 -26.86 3.99
CA VAL A 11 0.45 -27.30 3.84
C VAL A 11 0.51 -28.77 3.45
N GLY A 12 0.78 -29.03 2.17
CA GLY A 12 0.86 -30.40 1.69
C GLY A 12 1.42 -30.49 0.29
N VAL A 13 0.83 -31.35 -0.53
CA VAL A 13 1.28 -31.53 -1.90
C VAL A 13 0.27 -30.96 -2.89
N GLY A 14 0.76 -30.55 -4.05
CA GLY A 14 -0.12 -29.98 -5.07
C GLY A 14 -0.07 -28.47 -5.09
N THR A 15 1.06 -27.90 -4.70
CA THR A 15 1.23 -26.46 -4.67
C THR A 15 2.69 -26.07 -4.92
N SER A 16 3.04 -25.87 -6.18
CA SER A 16 4.40 -25.50 -6.55
C SER A 16 4.66 -24.02 -6.27
N SER A 17 3.70 -23.18 -6.66
CA SER A 17 3.82 -21.74 -6.46
C SER A 17 2.44 -21.08 -6.49
N GLY A 18 2.29 -20.03 -5.70
CA GLY A 18 1.03 -19.31 -5.65
C GLY A 18 1.11 -17.93 -6.28
N LYS A 19 1.20 -16.91 -5.44
CA LYS A 19 1.29 -15.54 -5.93
C LYS A 19 0.03 -15.15 -6.69
N GLN A 20 -1.12 -15.61 -6.20
CA GLN A 20 -2.39 -15.30 -6.84
C GLN A 20 -3.56 -15.76 -5.97
N LYS A 21 -3.82 -15.01 -4.91
CA LYS A 21 -4.90 -15.34 -4.00
C LYS A 21 -5.19 -14.16 -3.05
N ARG A 22 -6.37 -13.57 -3.19
CA ARG A 22 -6.77 -12.45 -2.35
C ARG A 22 -5.80 -11.28 -2.53
N TYR A 23 -5.29 -11.12 -3.74
CA TYR A 23 -4.35 -10.03 -4.04
C TYR A 23 -5.00 -8.67 -3.78
N LYS A 24 -6.31 -8.60 -3.99
CA LYS A 24 -7.05 -7.37 -3.79
C LYS A 24 -7.78 -7.38 -2.45
N PHE A 25 -7.43 -6.43 -1.60
CA PHE A 25 -8.04 -6.31 -0.28
C PHE A 25 -8.13 -4.85 0.10
N SER A 26 -8.98 -4.54 1.08
CA SER A 26 -9.14 -3.16 1.54
C SER A 26 -7.89 -2.72 2.30
N ALA A 27 -6.72 -3.00 1.71
CA ALA A 27 -5.44 -2.66 2.31
C ALA A 27 -4.31 -3.41 1.61
N SER A 28 -4.64 -4.52 0.94
CA SER A 28 -3.64 -5.31 0.24
C SER A 28 -2.90 -4.46 -0.80
N GLU A 29 -3.58 -3.46 -1.33
CA GLU A 29 -2.99 -2.57 -2.32
C GLU A 29 -1.75 -1.88 -1.78
N ASP A 30 -1.87 -1.30 -0.58
CA ASP A 30 -0.74 -0.62 0.05
C ASP A 30 0.45 -1.55 0.19
N GLU A 31 0.18 -2.84 0.34
CA GLU A 31 1.23 -3.84 0.48
C GLU A 31 1.94 -4.04 -0.85
N ALA A 32 1.20 -3.90 -1.94
CA ALA A 32 1.76 -4.07 -3.28
C ALA A 32 2.66 -2.89 -3.65
N ILE A 33 2.32 -1.71 -3.16
CA ILE A 33 3.11 -0.52 -3.44
C ILE A 33 4.42 -0.55 -2.65
N ILE A 34 4.32 -0.96 -1.39
CA ILE A 34 5.50 -1.04 -0.54
C ILE A 34 6.48 -2.07 -1.07
N LYS A 35 5.95 -3.18 -1.58
CA LYS A 35 6.79 -4.24 -2.14
C LYS A 35 7.40 -3.78 -3.45
N GLY A 36 6.59 -3.06 -4.23
CA GLY A 36 7.06 -2.56 -5.51
C GLY A 36 8.09 -1.46 -5.34
N LEU A 37 7.87 -0.60 -4.35
CA LEU A 37 8.78 0.50 -4.07
C LEU A 37 10.12 -0.02 -3.55
N ALA A 38 10.07 -1.12 -2.80
CA ALA A 38 11.28 -1.71 -2.24
C ALA A 38 12.11 -2.40 -3.31
N ARG A 39 11.46 -2.79 -4.41
CA ARG A 39 12.15 -3.48 -5.50
C ARG A 39 12.41 -2.53 -6.67
N PHE A 40 11.56 -1.52 -6.81
CA PHE A 40 11.71 -0.55 -7.90
C PHE A 40 12.16 0.80 -7.36
N THR A 41 13.34 1.24 -7.80
CA THR A 41 13.89 2.52 -7.37
C THR A 41 14.92 3.04 -8.36
N LYS A 42 14.47 3.34 -9.58
CA LYS A 42 15.34 3.85 -10.62
C LYS A 42 14.93 5.24 -11.06
N GLY A 43 14.33 6.00 -10.14
CA GLY A 43 13.90 7.34 -10.46
C GLY A 43 13.75 8.21 -9.22
N GLN A 44 12.84 9.17 -9.28
CA GLN A 44 12.61 10.09 -8.16
C GLN A 44 11.22 9.86 -7.56
N GLN A 45 10.27 9.45 -8.40
CA GLN A 45 8.91 9.20 -7.95
C GLN A 45 8.55 7.73 -8.09
N ARG A 46 9.14 6.89 -7.25
CA ARG A 46 8.89 5.46 -7.28
C ARG A 46 7.41 5.16 -7.05
N PHE A 47 6.73 6.05 -6.33
CA PHE A 47 5.31 5.87 -6.04
C PHE A 47 4.49 5.83 -7.33
N GLN A 48 4.74 6.79 -8.21
CA GLN A 48 4.02 6.85 -9.49
C GLN A 48 4.42 5.70 -10.40
N GLN A 49 5.73 5.49 -10.54
CA GLN A 49 6.24 4.42 -11.39
C GLN A 49 5.70 3.07 -10.94
N ILE A 50 5.83 2.79 -9.65
CA ILE A 50 5.36 1.52 -9.10
C ILE A 50 3.86 1.36 -9.34
N TYR A 51 3.12 2.46 -9.21
CA TYR A 51 1.68 2.44 -9.42
C TYR A 51 1.35 2.00 -10.83
N TYR A 52 2.17 2.42 -11.79
CA TYR A 52 1.97 2.06 -13.19
C TYR A 52 2.14 0.57 -13.40
N ALA A 53 3.27 0.04 -12.91
CA ALA A 53 3.56 -1.38 -13.04
C ALA A 53 2.52 -2.22 -12.29
N TYR A 54 2.21 -1.80 -11.07
CA TYR A 54 1.23 -2.50 -10.25
C TYR A 54 -0.20 -2.17 -10.69
N ARG A 55 -0.33 -1.26 -11.66
CA ARG A 55 -1.64 -0.86 -12.15
C ARG A 55 -2.45 -2.06 -12.62
N SER A 56 -3.23 -2.63 -11.71
CA SER A 56 -4.05 -3.79 -12.02
C SER A 56 -4.80 -4.28 -10.78
N VAL A 57 -4.14 -4.20 -9.64
CA VAL A 57 -4.74 -4.61 -8.38
C VAL A 57 -5.90 -3.71 -7.98
N TRP A 58 -5.59 -2.46 -7.66
CA TRP A 58 -6.60 -1.50 -7.26
C TRP A 58 -6.73 -0.37 -8.30
N HIS A 59 -7.93 -0.23 -8.86
CA HIS A 59 -8.17 0.81 -9.85
C HIS A 59 -7.24 0.67 -11.06
N PRO A 60 -7.44 -0.38 -11.87
CA PRO A 60 -6.61 -0.63 -13.05
C PRO A 60 -6.78 0.44 -14.11
N ALA A 61 -6.26 1.63 -13.85
CA ALA A 61 -6.36 2.75 -14.79
C ALA A 61 -5.60 3.96 -14.28
N ARG A 62 -5.55 5.01 -15.11
CA ARG A 62 -4.86 6.24 -14.74
C ARG A 62 -5.46 6.85 -13.48
N THR A 63 -4.72 6.79 -12.39
CA THR A 63 -5.18 7.33 -11.11
C THR A 63 -4.02 7.52 -10.14
N VAL A 64 -2.87 7.94 -10.66
CA VAL A 64 -1.70 8.17 -9.83
C VAL A 64 -2.03 9.09 -8.67
N SER A 65 -2.94 10.04 -8.91
CA SER A 65 -3.37 10.98 -7.89
C SER A 65 -3.93 10.22 -6.69
N GLN A 66 -4.68 9.17 -6.97
CA GLN A 66 -5.28 8.34 -5.93
C GLN A 66 -4.17 7.69 -5.10
N LEU A 67 -3.06 7.38 -5.76
CA LEU A 67 -1.93 6.75 -5.09
C LEU A 67 -1.38 7.68 -4.03
N TYR A 68 -1.13 8.92 -4.42
CA TYR A 68 -0.62 9.92 -3.50
C TYR A 68 -1.62 10.17 -2.39
N ASP A 69 -2.90 9.95 -2.70
CA ASP A 69 -3.97 10.14 -1.74
C ASP A 69 -3.93 9.10 -0.63
N HIS A 70 -3.84 7.84 -1.01
CA HIS A 70 -3.78 6.78 -0.01
C HIS A 70 -2.35 6.62 0.49
N TRP A 71 -1.39 7.18 -0.25
CA TRP A 71 -0.01 7.15 0.13
C TRP A 71 0.27 8.25 1.15
N ARG A 72 -0.44 9.37 0.99
CA ARG A 72 -0.29 10.50 1.90
C ARG A 72 -0.99 10.19 3.22
N GLY A 73 -2.16 9.56 3.12
CA GLY A 73 -2.91 9.20 4.30
C GLY A 73 -2.24 8.09 5.09
N THR A 74 -1.66 7.13 4.38
CA THR A 74 -0.98 6.01 5.02
C THR A 74 0.32 6.48 5.67
N LEU A 75 0.97 7.46 5.04
CA LEU A 75 2.23 8.00 5.56
C LEU A 75 2.05 8.47 7.00
N ARG A 76 0.93 9.11 7.28
CA ARG A 76 0.64 9.61 8.61
C ARG A 76 -0.74 9.17 9.07
N TYR A 77 -0.79 8.03 9.77
CA TYR A 77 -2.06 7.50 10.25
C TYR A 77 -2.15 7.62 11.77
N LYS A 78 -1.78 8.78 12.30
CA LYS A 78 -1.82 9.03 13.73
C LYS A 78 -0.94 8.04 14.48
N VAL A 79 0.14 7.61 13.83
CA VAL A 79 1.08 6.66 14.43
C VAL A 79 0.37 5.35 14.77
N ILE A 80 1.16 4.28 14.85
CA ILE A 80 0.62 2.96 15.16
C ILE A 80 0.22 2.86 16.63
N GLN A 81 -0.69 1.95 16.93
CA GLN A 81 -1.15 1.75 18.30
C GLN A 81 0.00 1.33 19.21
N GLN A 82 -0.07 1.74 20.47
CA GLN A 82 0.96 1.39 21.44
C GLN A 82 0.47 1.62 22.86
N GLN A 83 -0.16 0.59 23.44
CA GLN A 83 -0.68 0.68 24.80
C GLN A 83 -0.06 -0.40 25.68
N GLY A 84 -0.24 -0.25 26.99
CA GLY A 84 0.31 -1.21 27.94
C GLY A 84 1.81 -1.09 28.08
N TYR A 85 2.35 -1.71 29.12
CA TYR A 85 3.79 -1.68 29.37
C TYR A 85 4.37 -3.09 29.39
N ARG A 86 3.76 -3.99 28.62
CA ARG A 86 4.23 -5.37 28.55
C ARG A 86 5.54 -5.47 27.79
N GLY A 87 6.35 -6.48 28.12
CA GLY A 87 7.62 -6.66 27.46
C GLY A 87 7.47 -7.29 26.08
N LYS A 88 6.35 -7.98 25.85
CA LYS A 88 6.10 -8.63 24.58
C LYS A 88 6.08 -7.61 23.44
N ASN A 89 7.19 -7.48 22.74
CA ASN A 89 7.30 -6.54 21.63
C ASN A 89 8.31 -7.02 20.59
N SER A 90 8.31 -6.38 19.43
CA SER A 90 9.24 -6.74 18.36
C SER A 90 9.75 -5.50 17.64
N VAL A 91 10.52 -5.71 16.59
CA VAL A 91 11.08 -4.62 15.81
C VAL A 91 11.09 -4.94 14.32
N ALA A 92 10.31 -4.19 13.55
CA ALA A 92 10.23 -4.40 12.11
C ALA A 92 11.51 -3.94 11.41
N ALA A 93 12.42 -4.88 11.15
CA ALA A 93 13.68 -4.56 10.50
C ALA A 93 13.94 -5.50 9.33
N ARG A 94 14.27 -4.94 8.17
CA ARG A 94 14.55 -5.74 6.98
C ARG A 94 16.01 -6.16 6.94
N SER A 95 16.88 -5.25 6.50
CA SER A 95 18.30 -5.55 6.41
C SER A 95 19.05 -5.09 7.67
N PRO A 96 18.89 -3.80 8.04
CA PRO A 96 19.55 -3.25 9.24
C PRO A 96 19.24 -4.05 10.49
N GLU A 97 20.28 -4.35 11.27
CA GLU A 97 20.11 -5.12 12.50
C GLU A 97 21.23 -4.80 13.49
N LYS A 98 21.17 -5.42 14.67
CA LYS A 98 22.18 -5.20 15.69
C LYS A 98 23.47 -5.94 15.36
N ALA A 99 24.48 -5.19 14.95
CA ALA A 99 25.77 -5.76 14.59
C ALA A 99 25.63 -6.74 13.42
N SER A 100 25.12 -6.24 12.30
CA SER A 100 24.93 -7.07 11.11
C SER A 100 25.86 -6.61 9.99
N ASN A 101 27.06 -6.19 10.35
CA ASN A 101 28.04 -5.73 9.37
C ASN A 101 29.46 -6.11 9.79
N MET A 102 30.44 -5.68 9.01
CA MET A 102 31.83 -5.98 9.29
C MET A 102 32.10 -7.49 9.21
N GLU A 103 33.37 -7.85 9.10
CA GLU A 103 33.76 -9.26 9.02
C GLU A 103 35.18 -9.45 9.53
N ASN A 104 35.47 -10.67 10.01
CA ASN A 104 36.78 -10.99 10.53
C ASN A 104 37.11 -10.14 11.77
N ASN A 105 37.86 -10.72 12.70
CA ASN A 105 38.24 -10.01 13.91
C ASN A 105 37.00 -9.59 14.71
N GLU A 106 35.94 -10.38 14.61
CA GLU A 106 34.70 -10.08 15.32
C GLU A 106 33.93 -11.36 15.62
N GLY A 1 -18.81 -10.62 -12.40
CA GLY A 1 -20.21 -10.78 -11.92
C GLY A 1 -20.35 -10.58 -10.42
N PRO A 2 -21.52 -10.11 -9.95
CA PRO A 2 -21.76 -9.87 -8.53
C PRO A 2 -21.44 -11.10 -7.68
N GLY A 3 -20.28 -11.08 -7.03
CA GLY A 3 -19.88 -12.19 -6.19
C GLY A 3 -18.46 -12.04 -5.68
N SER A 4 -18.24 -11.07 -4.80
CA SER A 4 -16.92 -10.84 -4.23
C SER A 4 -16.53 -11.95 -3.26
N LEU A 5 -15.24 -12.28 -3.25
CA LEU A 5 -14.75 -13.34 -2.37
C LEU A 5 -15.41 -14.68 -2.70
N SER A 6 -14.64 -15.58 -3.30
CA SER A 6 -15.16 -16.89 -3.66
C SER A 6 -15.00 -17.88 -2.50
N ASN A 7 -16.14 -18.29 -1.94
CA ASN A 7 -16.12 -19.23 -0.82
C ASN A 7 -15.38 -18.65 0.38
N PHE A 8 -15.48 -19.31 1.52
CA PHE A 8 -14.81 -18.86 2.73
C PHE A 8 -13.59 -19.73 3.04
N ALA A 9 -12.63 -19.16 3.77
CA ALA A 9 -11.42 -19.89 4.13
C ALA A 9 -10.58 -19.09 5.13
N ASN A 10 -11.27 -18.38 6.03
CA ASN A 10 -10.58 -17.58 7.04
C ASN A 10 -9.73 -18.45 7.95
N VAL A 11 -10.38 -19.31 8.72
CA VAL A 11 -9.68 -20.21 9.64
C VAL A 11 -10.09 -21.65 9.40
N GLY A 12 -9.14 -22.57 9.58
CA GLY A 12 -9.43 -23.98 9.39
C GLY A 12 -8.68 -24.57 8.21
N VAL A 13 -9.11 -24.21 7.00
CA VAL A 13 -8.48 -24.71 5.79
C VAL A 13 -7.91 -23.56 4.96
N GLY A 14 -6.96 -23.89 4.08
CA GLY A 14 -6.35 -22.88 3.24
C GLY A 14 -5.59 -21.83 4.05
N THR A 15 -4.28 -22.01 4.14
CA THR A 15 -3.44 -21.08 4.89
C THR A 15 -2.19 -20.72 4.11
N SER A 16 -1.54 -21.73 3.53
CA SER A 16 -0.32 -21.52 2.76
C SER A 16 -0.62 -21.47 1.26
N SER A 17 0.27 -20.85 0.51
CA SER A 17 0.11 -20.73 -0.94
C SER A 17 -1.03 -19.78 -1.30
N GLY A 18 -2.26 -20.15 -0.91
CA GLY A 18 -3.41 -19.32 -1.20
C GLY A 18 -3.42 -18.03 -0.40
N LYS A 19 -2.45 -17.16 -0.66
CA LYS A 19 -2.35 -15.88 0.04
C LYS A 19 -1.10 -15.11 -0.40
N GLN A 20 -0.80 -15.18 -1.69
CA GLN A 20 0.36 -14.49 -2.25
C GLN A 20 -0.05 -13.51 -3.34
N LYS A 21 -0.33 -12.27 -2.95
CA LYS A 21 -0.73 -11.24 -3.90
C LYS A 21 -1.99 -11.66 -4.65
N ARG A 22 -3.15 -11.33 -4.07
CA ARG A 22 -4.43 -11.67 -4.68
C ARG A 22 -5.58 -10.98 -3.96
N TYR A 23 -6.75 -10.99 -4.58
CA TYR A 23 -7.93 -10.35 -3.99
C TYR A 23 -7.71 -8.86 -3.80
N LYS A 24 -8.44 -8.06 -4.56
CA LYS A 24 -8.32 -6.61 -4.48
C LYS A 24 -8.92 -6.09 -3.17
N PHE A 25 -8.31 -6.46 -2.06
CA PHE A 25 -8.77 -6.04 -0.75
C PHE A 25 -8.75 -4.53 -0.62
N SER A 26 -9.59 -4.00 0.27
CA SER A 26 -9.64 -2.56 0.50
C SER A 26 -8.39 -2.14 1.28
N ALA A 27 -7.24 -2.53 0.75
CA ALA A 27 -5.96 -2.22 1.36
C ALA A 27 -4.86 -3.05 0.69
N SER A 28 -5.23 -4.20 0.13
CA SER A 28 -4.26 -5.06 -0.55
C SER A 28 -3.47 -4.27 -1.58
N GLU A 29 -4.09 -3.23 -2.13
CA GLU A 29 -3.44 -2.39 -3.13
C GLU A 29 -2.25 -1.65 -2.53
N ASP A 30 -2.49 -1.00 -1.39
CA ASP A 30 -1.43 -0.25 -0.71
C ASP A 30 -0.24 -1.16 -0.40
N GLU A 31 -0.52 -2.44 -0.20
CA GLU A 31 0.52 -3.41 0.10
C GLU A 31 1.44 -3.59 -1.11
N ALA A 32 0.84 -3.55 -2.31
CA ALA A 32 1.60 -3.71 -3.54
C ALA A 32 2.46 -2.48 -3.80
N ILE A 33 1.95 -1.31 -3.43
CA ILE A 33 2.69 -0.06 -3.63
C ILE A 33 3.87 0.02 -2.67
N ILE A 34 3.65 -0.40 -1.42
CA ILE A 34 4.70 -0.36 -0.41
C ILE A 34 5.82 -1.33 -0.77
N LYS A 35 5.44 -2.47 -1.34
CA LYS A 35 6.42 -3.48 -1.73
C LYS A 35 7.18 -3.02 -2.97
N GLY A 36 6.46 -2.34 -3.87
CA GLY A 36 7.07 -1.85 -5.09
C GLY A 36 8.14 -0.80 -4.82
N LEU A 37 7.78 0.21 -4.03
CA LEU A 37 8.71 1.28 -3.70
C LEU A 37 9.80 0.78 -2.76
N ALA A 38 9.45 -0.20 -1.91
CA ALA A 38 10.39 -0.77 -0.97
C ALA A 38 11.55 -1.45 -1.69
N ARG A 39 11.29 -1.90 -2.92
CA ARG A 39 12.31 -2.57 -3.71
C ARG A 39 12.97 -1.62 -4.71
N PHE A 40 12.16 -0.80 -5.36
CA PHE A 40 12.68 0.15 -6.34
C PHE A 40 11.91 1.46 -6.30
N THR A 41 12.65 2.57 -6.23
CA THR A 41 12.05 3.90 -6.19
C THR A 41 13.13 4.97 -6.03
N LYS A 42 14.10 4.97 -6.94
CA LYS A 42 15.18 5.94 -6.90
C LYS A 42 14.98 7.04 -7.95
N GLY A 43 13.78 7.61 -7.97
CA GLY A 43 13.48 8.66 -8.92
C GLY A 43 12.69 9.80 -8.30
N GLN A 44 12.58 9.81 -6.97
CA GLN A 44 11.84 10.85 -6.27
C GLN A 44 10.42 10.99 -6.81
N GLN A 45 9.91 9.92 -7.42
CA GLN A 45 8.57 9.92 -7.98
C GLN A 45 8.23 8.55 -8.58
N ARG A 46 8.67 7.50 -7.91
CA ARG A 46 8.42 6.15 -8.38
C ARG A 46 6.97 5.74 -8.18
N PHE A 47 6.29 6.39 -7.23
CA PHE A 47 4.89 6.08 -6.94
C PHE A 47 4.07 5.90 -8.22
N GLN A 48 4.29 6.77 -9.18
CA GLN A 48 3.57 6.71 -10.45
C GLN A 48 4.00 5.49 -11.27
N GLN A 49 5.30 5.36 -11.49
CA GLN A 49 5.84 4.25 -12.26
C GLN A 49 5.44 2.91 -11.65
N ILE A 50 5.66 2.77 -10.35
CA ILE A 50 5.32 1.54 -9.65
C ILE A 50 3.83 1.25 -9.79
N TYR A 51 3.01 2.29 -9.73
CA TYR A 51 1.57 2.14 -9.86
C TYR A 51 1.23 1.42 -11.16
N TYR A 52 1.81 1.89 -12.25
CA TYR A 52 1.58 1.29 -13.56
C TYR A 52 2.19 -0.11 -13.63
N ALA A 53 3.23 -0.35 -12.85
CA ALA A 53 3.90 -1.65 -12.84
C ALA A 53 3.03 -2.70 -12.17
N TYR A 54 2.58 -2.40 -10.96
CA TYR A 54 1.73 -3.33 -10.21
C TYR A 54 0.29 -3.30 -10.71
N ARG A 55 0.01 -2.46 -11.71
CA ARG A 55 -1.33 -2.35 -12.27
C ARG A 55 -1.87 -3.71 -12.69
N SER A 56 -2.59 -4.36 -11.78
CA SER A 56 -3.16 -5.68 -12.05
C SER A 56 -3.99 -6.15 -10.86
N VAL A 57 -3.50 -5.90 -9.65
CA VAL A 57 -4.20 -6.28 -8.44
C VAL A 57 -5.51 -5.52 -8.29
N TRP A 58 -5.53 -4.31 -8.82
CA TRP A 58 -6.73 -3.47 -8.75
C TRP A 58 -7.33 -3.26 -10.14
N HIS A 59 -8.65 -3.16 -10.20
CA HIS A 59 -9.34 -2.96 -11.47
C HIS A 59 -8.93 -1.64 -12.12
N PRO A 60 -9.04 -0.52 -11.38
CA PRO A 60 -8.67 0.80 -11.89
C PRO A 60 -7.29 0.82 -12.54
N ALA A 61 -7.16 1.57 -13.63
CA ALA A 61 -5.88 1.67 -14.33
C ALA A 61 -5.52 3.13 -14.60
N ARG A 62 -5.88 4.00 -13.67
CA ARG A 62 -5.59 5.43 -13.82
C ARG A 62 -6.07 6.21 -12.59
N THR A 63 -5.18 6.35 -11.60
CA THR A 63 -5.51 7.06 -10.37
C THR A 63 -4.25 7.42 -9.59
N VAL A 64 -3.27 8.00 -10.28
CA VAL A 64 -2.01 8.39 -9.64
C VAL A 64 -2.29 9.28 -8.44
N SER A 65 -3.29 10.15 -8.56
CA SER A 65 -3.66 11.04 -7.47
C SER A 65 -4.05 10.22 -6.25
N GLN A 66 -4.89 9.22 -6.48
CA GLN A 66 -5.33 8.34 -5.41
C GLN A 66 -4.12 7.64 -4.80
N LEU A 67 -3.13 7.34 -5.65
CA LEU A 67 -1.91 6.69 -5.21
C LEU A 67 -1.26 7.50 -4.10
N TYR A 68 -1.11 8.79 -4.35
CA TYR A 68 -0.53 9.69 -3.37
C TYR A 68 -1.42 9.74 -2.14
N ASP A 69 -2.73 9.52 -2.35
CA ASP A 69 -3.70 9.54 -1.26
C ASP A 69 -3.45 8.41 -0.27
N HIS A 70 -3.30 7.18 -0.78
CA HIS A 70 -3.05 6.04 0.09
C HIS A 70 -1.62 6.08 0.60
N TRP A 71 -0.72 6.59 -0.24
CA TRP A 71 0.68 6.69 0.10
C TRP A 71 0.90 7.82 1.12
N ARG A 72 0.03 8.82 1.08
CA ARG A 72 0.13 9.95 2.01
C ARG A 72 -0.37 9.54 3.39
N GLY A 73 -1.46 8.79 3.41
CA GLY A 73 -2.02 8.34 4.68
C GLY A 73 -1.19 7.25 5.33
N THR A 74 -0.48 6.48 4.51
CA THR A 74 0.36 5.41 5.01
C THR A 74 1.68 5.95 5.56
N LEU A 75 2.21 6.97 4.89
CA LEU A 75 3.46 7.59 5.31
C LEU A 75 3.25 8.48 6.53
N ARG A 76 2.03 8.97 6.71
CA ARG A 76 1.70 9.83 7.83
C ARG A 76 2.54 11.12 7.79
N TYR A 77 2.15 12.04 6.93
CA TYR A 77 2.87 13.30 6.79
C TYR A 77 4.32 13.07 6.41
N LYS A 78 5.05 14.16 6.15
CA LYS A 78 6.45 14.07 5.78
C LYS A 78 7.28 13.55 6.95
N VAL A 79 7.40 14.36 8.00
CA VAL A 79 8.17 13.98 9.17
C VAL A 79 7.76 14.80 10.39
N ILE A 80 6.49 15.15 10.45
CA ILE A 80 5.95 15.93 11.56
C ILE A 80 4.75 15.25 12.20
N GLN A 81 4.74 13.92 12.16
CA GLN A 81 3.64 13.15 12.74
C GLN A 81 4.13 11.80 13.25
N GLN A 82 3.83 11.51 14.51
CA GLN A 82 4.25 10.26 15.13
C GLN A 82 3.53 10.03 16.45
N GLN A 83 3.43 11.09 17.25
CA GLN A 83 2.76 11.01 18.55
C GLN A 83 1.37 10.41 18.42
N GLY A 84 1.21 9.18 18.91
CA GLY A 84 -0.07 8.51 18.83
C GLY A 84 -0.27 7.50 19.95
N TYR A 85 -1.47 7.44 20.49
CA TYR A 85 -1.78 6.51 21.57
C TYR A 85 -2.87 5.52 21.15
N ARG A 86 -2.87 5.17 19.87
CA ARG A 86 -3.86 4.23 19.33
C ARG A 86 -3.22 2.90 19.00
N GLY A 87 -2.35 2.91 17.99
CA GLY A 87 -1.67 1.69 17.58
C GLY A 87 -1.68 1.49 16.08
N LYS A 88 -0.59 0.95 15.54
CA LYS A 88 -0.49 0.72 14.10
C LYS A 88 0.00 -0.70 13.82
N ASN A 89 0.16 -1.02 12.55
CA ASN A 89 0.62 -2.34 12.14
C ASN A 89 -0.35 -3.43 12.62
N SER A 90 -1.63 -3.08 12.67
CA SER A 90 -2.65 -4.02 13.11
C SER A 90 -3.42 -4.58 11.92
N VAL A 91 -3.67 -5.88 11.94
CA VAL A 91 -4.40 -6.54 10.86
C VAL A 91 -5.89 -6.17 10.90
N ALA A 92 -6.52 -6.18 9.73
CA ALA A 92 -7.93 -5.84 9.62
C ALA A 92 -8.79 -6.93 10.25
N ALA A 93 -9.32 -6.65 11.43
CA ALA A 93 -10.18 -7.59 12.14
C ALA A 93 -11.53 -6.97 12.47
N ARG A 94 -12.56 -7.82 12.54
CA ARG A 94 -13.90 -7.35 12.85
C ARG A 94 -14.83 -8.53 13.16
N SER A 95 -14.72 -9.59 12.37
CA SER A 95 -15.54 -10.77 12.57
C SER A 95 -17.03 -10.43 12.41
N PRO A 96 -17.63 -10.75 11.25
CA PRO A 96 -19.05 -10.47 10.99
C PRO A 96 -19.96 -11.32 11.87
N GLU A 97 -20.50 -10.71 12.91
CA GLU A 97 -21.40 -11.42 13.83
C GLU A 97 -22.38 -10.44 14.49
N LYS A 98 -23.65 -10.79 14.48
CA LYS A 98 -24.68 -9.94 15.08
C LYS A 98 -25.20 -10.55 16.37
N ALA A 99 -25.10 -11.88 16.48
CA ALA A 99 -25.57 -12.59 17.67
C ALA A 99 -27.08 -12.46 17.83
N SER A 100 -27.78 -13.58 17.63
CA SER A 100 -29.23 -13.60 17.75
C SER A 100 -29.88 -12.66 16.73
N ASN A 101 -30.62 -13.25 15.79
CA ASN A 101 -31.28 -12.47 14.75
C ASN A 101 -32.76 -12.87 14.65
N MET A 102 -33.63 -11.90 14.89
CA MET A 102 -35.07 -12.14 14.82
C MET A 102 -35.77 -11.07 13.99
N GLU A 103 -35.61 -9.82 14.40
CA GLU A 103 -36.23 -8.70 13.70
C GLU A 103 -35.19 -7.63 13.36
N ASN A 104 -34.34 -7.31 14.33
CA ASN A 104 -33.30 -6.30 14.13
C ASN A 104 -33.91 -4.95 13.79
N ASN A 105 -35.04 -4.64 14.42
CA ASN A 105 -35.72 -3.37 14.18
C ASN A 105 -36.49 -2.94 15.43
N GLU A 106 -35.87 -2.06 16.22
CA GLU A 106 -36.51 -1.56 17.44
C GLU A 106 -36.27 -0.06 17.59
N GLY A 1 -6.19 -36.21 -15.73
CA GLY A 1 -7.53 -36.85 -15.86
C GLY A 1 -7.74 -37.97 -14.87
N PRO A 2 -7.55 -39.24 -15.29
CA PRO A 2 -7.72 -40.40 -14.42
C PRO A 2 -6.60 -40.53 -13.39
N GLY A 3 -6.58 -41.66 -12.69
CA GLY A 3 -5.55 -41.89 -11.70
C GLY A 3 -5.96 -41.42 -10.32
N SER A 4 -5.72 -42.25 -9.31
CA SER A 4 -6.07 -41.91 -7.93
C SER A 4 -7.56 -41.69 -7.80
N LEU A 5 -8.06 -41.77 -6.56
CA LEU A 5 -9.49 -41.58 -6.29
C LEU A 5 -9.69 -40.96 -4.92
N SER A 6 -9.29 -39.70 -4.79
CA SER A 6 -9.43 -38.98 -3.52
C SER A 6 -10.30 -37.74 -3.68
N ASN A 7 -10.12 -37.04 -4.80
CA ASN A 7 -10.89 -35.83 -5.08
C ASN A 7 -10.59 -34.75 -4.05
N PHE A 8 -10.27 -33.55 -4.54
CA PHE A 8 -9.96 -32.42 -3.67
C PHE A 8 -11.24 -31.83 -3.08
N ALA A 9 -11.13 -31.26 -1.89
CA ALA A 9 -12.27 -30.65 -1.21
C ALA A 9 -11.81 -29.72 -0.09
N ASN A 10 -12.46 -28.57 0.02
CA ASN A 10 -12.13 -27.59 1.06
C ASN A 10 -13.08 -27.69 2.22
N VAL A 11 -13.49 -28.92 2.55
CA VAL A 11 -14.42 -29.18 3.65
C VAL A 11 -15.67 -28.32 3.56
N GLY A 12 -16.73 -28.74 4.26
CA GLY A 12 -17.97 -28.01 4.24
C GLY A 12 -19.11 -28.76 4.91
N VAL A 13 -20.34 -28.37 4.59
CA VAL A 13 -21.51 -29.02 5.15
C VAL A 13 -22.26 -29.84 4.10
N GLY A 14 -21.53 -30.32 3.09
CA GLY A 14 -22.13 -31.11 2.04
C GLY A 14 -21.88 -30.52 0.66
N THR A 15 -20.63 -30.57 0.22
CA THR A 15 -20.25 -30.05 -1.09
C THR A 15 -20.69 -28.59 -1.25
N SER A 16 -20.34 -27.77 -0.25
CA SER A 16 -20.69 -26.36 -0.28
C SER A 16 -19.45 -25.48 -0.13
N SER A 17 -19.02 -24.89 -1.24
CA SER A 17 -17.84 -24.03 -1.23
C SER A 17 -18.06 -22.80 -2.10
N GLY A 18 -18.38 -21.68 -1.47
CA GLY A 18 -18.61 -20.45 -2.21
C GLY A 18 -17.39 -19.54 -2.22
N LYS A 19 -16.73 -19.46 -3.36
CA LYS A 19 -15.53 -18.63 -3.49
C LYS A 19 -15.91 -17.23 -3.95
N GLN A 20 -16.42 -17.13 -5.17
CA GLN A 20 -16.82 -15.84 -5.74
C GLN A 20 -15.61 -14.91 -5.86
N LYS A 21 -15.88 -13.65 -6.18
CA LYS A 21 -14.82 -12.65 -6.32
C LYS A 21 -14.74 -11.76 -5.10
N ARG A 22 -13.68 -10.95 -5.03
CA ARG A 22 -13.49 -10.04 -3.91
C ARG A 22 -12.79 -8.76 -4.36
N TYR A 23 -13.41 -7.63 -4.06
CA TYR A 23 -12.86 -6.33 -4.43
C TYR A 23 -12.05 -5.73 -3.28
N LYS A 24 -12.62 -5.77 -2.08
CA LYS A 24 -11.97 -5.23 -0.90
C LYS A 24 -10.75 -6.06 -0.51
N PHE A 25 -9.71 -6.01 -1.34
CA PHE A 25 -8.49 -6.74 -1.06
C PHE A 25 -8.02 -6.47 0.35
N SER A 26 -7.49 -7.48 1.02
CA SER A 26 -7.00 -7.30 2.38
C SER A 26 -5.75 -6.43 2.36
N ALA A 27 -5.92 -5.19 1.90
CA ALA A 27 -4.80 -4.27 1.80
C ALA A 27 -3.79 -4.77 0.78
N SER A 28 -4.24 -5.62 -0.14
CA SER A 28 -3.35 -6.16 -1.16
C SER A 28 -2.74 -5.04 -2.01
N GLU A 29 -3.55 -4.04 -2.31
CA GLU A 29 -3.09 -2.90 -3.11
C GLU A 29 -1.90 -2.22 -2.45
N ASP A 30 -2.06 -1.85 -1.17
CA ASP A 30 -0.99 -1.18 -0.44
C ASP A 30 0.24 -2.07 -0.33
N GLU A 31 0.00 -3.36 -0.09
CA GLU A 31 1.08 -4.32 0.04
C GLU A 31 1.90 -4.38 -1.25
N ALA A 32 1.25 -4.11 -2.37
CA ALA A 32 1.93 -4.13 -3.66
C ALA A 32 2.77 -2.89 -3.84
N ILE A 33 2.25 -1.75 -3.39
CA ILE A 33 2.98 -0.49 -3.51
C ILE A 33 4.16 -0.45 -2.55
N ILE A 34 3.97 -0.99 -1.35
CA ILE A 34 5.03 -1.02 -0.37
C ILE A 34 6.14 -1.97 -0.80
N LYS A 35 5.74 -3.09 -1.39
CA LYS A 35 6.69 -4.07 -1.88
C LYS A 35 7.37 -3.54 -3.13
N GLY A 36 6.58 -2.92 -4.00
CA GLY A 36 7.11 -2.35 -5.21
C GLY A 36 8.13 -1.27 -4.94
N LEU A 37 7.77 -0.36 -4.04
CA LEU A 37 8.67 0.73 -3.67
C LEU A 37 9.98 0.18 -3.11
N ALA A 38 9.86 -0.85 -2.28
CA ALA A 38 11.04 -1.48 -1.68
C ALA A 38 12.02 -1.95 -2.76
N ARG A 39 11.48 -2.29 -3.93
CA ARG A 39 12.31 -2.74 -5.04
C ARG A 39 12.19 -1.80 -6.24
N PHE A 40 11.89 -0.53 -5.97
CA PHE A 40 11.77 0.47 -7.03
C PHE A 40 11.92 1.88 -6.46
N THR A 41 13.15 2.40 -6.50
CA THR A 41 13.42 3.74 -6.00
C THR A 41 14.75 4.26 -6.54
N LYS A 42 14.73 4.69 -7.81
CA LYS A 42 15.93 5.22 -8.44
C LYS A 42 15.80 6.71 -8.72
N GLY A 43 14.59 7.12 -9.09
CA GLY A 43 14.34 8.52 -9.40
C GLY A 43 13.46 9.19 -8.36
N GLN A 44 12.87 10.33 -8.72
CA GLN A 44 12.00 11.06 -7.82
C GLN A 44 10.52 10.79 -8.14
N GLN A 45 10.24 9.58 -8.60
CA GLN A 45 8.88 9.20 -8.94
C GLN A 45 8.71 7.68 -8.89
N ARG A 46 8.57 7.15 -7.68
CA ARG A 46 8.40 5.72 -7.48
C ARG A 46 6.93 5.38 -7.23
N PHE A 47 6.21 6.33 -6.66
CA PHE A 47 4.79 6.13 -6.36
C PHE A 47 3.98 5.94 -7.65
N GLN A 48 4.17 6.84 -8.61
CA GLN A 48 3.47 6.75 -9.88
C GLN A 48 3.97 5.58 -10.71
N GLN A 49 5.29 5.40 -10.73
CA GLN A 49 5.90 4.31 -11.48
C GLN A 49 5.45 2.96 -10.94
N ILE A 50 5.57 2.78 -9.63
CA ILE A 50 5.17 1.53 -9.00
C ILE A 50 3.69 1.25 -9.26
N TYR A 51 2.89 2.30 -9.23
CA TYR A 51 1.45 2.17 -9.48
C TYR A 51 1.19 1.60 -10.86
N TYR A 52 1.98 2.05 -11.83
CA TYR A 52 1.83 1.59 -13.21
C TYR A 52 2.23 0.12 -13.35
N ALA A 53 3.25 -0.29 -12.60
CA ALA A 53 3.72 -1.67 -12.66
C ALA A 53 2.70 -2.62 -12.04
N TYR A 54 2.30 -2.31 -10.81
CA TYR A 54 1.32 -3.13 -10.11
C TYR A 54 -0.11 -2.82 -10.59
N ARG A 55 -0.23 -1.90 -11.55
CA ARG A 55 -1.54 -1.52 -12.07
C ARG A 55 -2.32 -2.76 -12.53
N SER A 56 -3.15 -3.28 -11.63
CA SER A 56 -3.96 -4.46 -11.92
C SER A 56 -4.76 -4.88 -10.69
N VAL A 57 -4.15 -4.70 -9.52
CA VAL A 57 -4.79 -5.06 -8.26
C VAL A 57 -5.83 -4.01 -7.85
N TRP A 58 -5.38 -2.77 -7.70
CA TRP A 58 -6.26 -1.67 -7.31
C TRP A 58 -7.25 -1.35 -8.43
N HIS A 59 -6.76 -0.68 -9.47
CA HIS A 59 -7.60 -0.31 -10.60
C HIS A 59 -6.76 -0.04 -11.85
N PRO A 60 -6.87 -0.91 -12.88
CA PRO A 60 -6.11 -0.76 -14.12
C PRO A 60 -6.49 0.52 -14.87
N ALA A 61 -5.99 1.65 -14.39
CA ALA A 61 -6.29 2.93 -15.02
C ALA A 61 -5.53 4.06 -14.33
N ARG A 62 -5.44 5.21 -15.00
CA ARG A 62 -4.75 6.37 -14.45
C ARG A 62 -5.38 6.81 -13.13
N THR A 63 -4.58 6.80 -12.07
CA THR A 63 -5.06 7.19 -10.75
C THR A 63 -3.89 7.52 -9.82
N VAL A 64 -2.86 8.15 -10.38
CA VAL A 64 -1.69 8.52 -9.59
C VAL A 64 -2.06 9.46 -8.46
N SER A 65 -3.03 10.34 -8.72
CA SER A 65 -3.49 11.29 -7.72
C SER A 65 -4.02 10.54 -6.49
N GLN A 66 -4.89 9.58 -6.74
CA GLN A 66 -5.47 8.77 -5.68
C GLN A 66 -4.35 8.02 -4.94
N LEU A 67 -3.31 7.67 -5.68
CA LEU A 67 -2.18 6.95 -5.12
C LEU A 67 -1.47 7.82 -4.08
N TYR A 68 -1.15 9.03 -4.47
CA TYR A 68 -0.48 9.97 -3.58
C TYR A 68 -1.37 10.24 -2.36
N ASP A 69 -2.67 10.13 -2.57
CA ASP A 69 -3.64 10.37 -1.51
C ASP A 69 -3.55 9.33 -0.40
N HIS A 70 -3.54 8.06 -0.77
CA HIS A 70 -3.47 7.01 0.23
C HIS A 70 -2.03 6.81 0.71
N TRP A 71 -1.08 7.37 -0.04
CA TRP A 71 0.32 7.27 0.35
C TRP A 71 0.66 8.44 1.28
N ARG A 72 -0.01 9.56 1.08
CA ARG A 72 0.20 10.74 1.90
C ARG A 72 -0.51 10.57 3.24
N GLY A 73 -1.65 9.87 3.21
CA GLY A 73 -2.40 9.63 4.43
C GLY A 73 -1.83 8.49 5.25
N THR A 74 -1.41 7.42 4.57
CA THR A 74 -0.84 6.27 5.25
C THR A 74 0.50 6.63 5.89
N LEU A 75 1.33 7.36 5.16
CA LEU A 75 2.64 7.77 5.65
C LEU A 75 2.53 9.07 6.44
N ARG A 76 2.17 10.15 5.74
CA ARG A 76 2.04 11.45 6.38
C ARG A 76 3.35 11.89 7.04
N TYR A 77 3.33 13.07 7.62
CA TYR A 77 4.51 13.61 8.29
C TYR A 77 5.67 13.77 7.31
N LYS A 78 5.87 14.98 6.81
CA LYS A 78 6.93 15.27 5.87
C LYS A 78 7.96 16.22 6.48
N VAL A 79 7.47 17.15 7.30
CA VAL A 79 8.35 18.12 7.94
C VAL A 79 8.10 18.18 9.44
N ILE A 80 9.09 18.66 10.19
CA ILE A 80 8.96 18.77 11.64
C ILE A 80 9.69 20.00 12.16
N GLN A 81 9.08 20.68 13.13
CA GLN A 81 9.68 21.88 13.71
C GLN A 81 9.88 22.97 12.65
N GLN A 82 9.11 24.05 12.78
CA GLN A 82 9.21 25.16 11.84
C GLN A 82 8.72 26.46 12.47
N GLN A 83 9.02 27.58 11.83
CA GLN A 83 8.62 28.88 12.33
C GLN A 83 7.12 29.08 12.19
N GLY A 84 6.58 30.06 12.90
CA GLY A 84 5.16 30.33 12.84
C GLY A 84 4.84 31.62 12.10
N TYR A 85 3.61 32.10 12.23
CA TYR A 85 3.18 33.33 11.58
C TYR A 85 1.97 33.93 12.27
N ARG A 86 1.91 35.25 12.31
CA ARG A 86 0.80 35.95 12.94
C ARG A 86 -0.21 36.44 11.90
N GLY A 87 -1.41 35.88 11.94
CA GLY A 87 -2.44 36.27 11.00
C GLY A 87 -3.82 35.81 11.42
N LYS A 88 -4.16 36.05 12.69
CA LYS A 88 -5.45 35.66 13.23
C LYS A 88 -6.47 36.78 13.07
N ASN A 89 -7.18 36.79 11.94
CA ASN A 89 -8.18 37.81 11.66
C ASN A 89 -9.57 37.19 11.57
N SER A 90 -9.80 36.40 10.53
CA SER A 90 -11.09 35.75 10.33
C SER A 90 -10.93 34.47 9.52
N VAL A 91 -11.37 33.36 10.08
CA VAL A 91 -11.29 32.07 9.41
C VAL A 91 -12.41 31.91 8.38
N ALA A 92 -13.55 32.52 8.66
CA ALA A 92 -14.70 32.44 7.76
C ALA A 92 -14.39 33.09 6.41
N ALA A 93 -14.91 32.49 5.34
CA ALA A 93 -14.69 33.00 4.00
C ALA A 93 -15.52 32.24 2.97
N ARG A 94 -15.43 32.65 1.72
CA ARG A 94 -16.18 32.00 0.64
C ARG A 94 -15.24 31.27 -0.31
N SER A 95 -14.07 30.88 0.18
CA SER A 95 -13.09 30.17 -0.63
C SER A 95 -11.84 29.86 0.18
N PRO A 96 -11.13 30.89 0.68
CA PRO A 96 -9.92 30.71 1.47
C PRO A 96 -10.21 30.12 2.85
N GLU A 97 -10.39 28.81 2.90
CA GLU A 97 -10.68 28.11 4.14
C GLU A 97 -9.40 27.57 4.77
N LYS A 98 -8.75 26.65 4.07
CA LYS A 98 -7.51 26.05 4.56
C LYS A 98 -6.45 26.03 3.46
N ALA A 99 -5.20 26.26 3.85
CA ALA A 99 -4.09 26.27 2.90
C ALA A 99 -4.26 27.37 1.86
N SER A 100 -3.39 28.37 1.91
CA SER A 100 -3.46 29.48 0.96
C SER A 100 -2.22 30.36 1.08
N ASN A 101 -1.32 30.23 0.11
CA ASN A 101 -0.09 31.02 0.10
C ASN A 101 0.46 31.15 -1.31
N MET A 102 1.50 31.97 -1.47
CA MET A 102 2.11 32.19 -2.77
C MET A 102 3.59 31.80 -2.74
N GLU A 103 3.92 30.80 -1.93
CA GLU A 103 5.31 30.34 -1.82
C GLU A 103 5.57 29.18 -2.77
N ASN A 104 6.26 29.47 -3.87
CA ASN A 104 6.58 28.44 -4.86
C ASN A 104 8.08 28.41 -5.14
N ASN A 105 8.52 27.37 -5.84
CA ASN A 105 9.93 27.22 -6.17
C ASN A 105 10.15 27.33 -7.67
N GLU A 106 10.70 28.46 -8.11
CA GLU A 106 10.96 28.69 -9.53
C GLU A 106 11.95 27.66 -10.07
N GLY A 1 -6.62 -41.55 28.06
CA GLY A 1 -6.25 -40.21 27.53
C GLY A 1 -6.88 -39.91 26.19
N PRO A 2 -8.07 -39.30 26.16
CA PRO A 2 -8.76 -38.97 24.91
C PRO A 2 -8.06 -37.87 24.13
N GLY A 3 -8.64 -37.49 23.00
CA GLY A 3 -8.05 -36.45 22.18
C GLY A 3 -8.59 -36.45 20.76
N SER A 4 -8.64 -37.62 20.15
CA SER A 4 -9.15 -37.76 18.78
C SER A 4 -8.25 -37.02 17.79
N LEU A 5 -8.39 -35.71 17.73
CA LEU A 5 -7.60 -34.89 16.82
C LEU A 5 -7.43 -33.48 17.38
N SER A 6 -6.23 -33.18 17.87
CA SER A 6 -5.94 -31.87 18.43
C SER A 6 -6.86 -31.57 19.62
N ASN A 7 -6.38 -31.87 20.82
CA ASN A 7 -7.16 -31.63 22.03
C ASN A 7 -6.24 -31.38 23.22
N PHE A 8 -5.09 -30.78 22.95
CA PHE A 8 -4.11 -30.48 24.00
C PHE A 8 -3.73 -29.01 23.98
N ALA A 9 -3.46 -28.48 22.78
CA ALA A 9 -3.07 -27.09 22.62
C ALA A 9 -3.71 -26.49 21.37
N ASN A 10 -4.57 -25.50 21.57
CA ASN A 10 -5.24 -24.84 20.45
C ASN A 10 -4.27 -23.94 19.68
N VAL A 11 -4.06 -24.26 18.41
CA VAL A 11 -3.15 -23.49 17.57
C VAL A 11 -1.74 -23.53 18.12
N GLY A 12 -0.84 -24.19 17.38
CA GLY A 12 0.54 -24.27 17.80
C GLY A 12 1.41 -23.19 17.20
N VAL A 13 2.62 -23.57 16.77
CA VAL A 13 3.54 -22.61 16.17
C VAL A 13 3.00 -22.09 14.84
N GLY A 14 2.25 -22.93 14.13
CA GLY A 14 1.69 -22.54 12.86
C GLY A 14 0.63 -21.46 12.99
N THR A 15 1.01 -20.22 12.68
CA THR A 15 0.08 -19.09 12.77
C THR A 15 -0.63 -18.88 11.44
N SER A 16 -1.72 -18.10 11.48
CA SER A 16 -2.49 -17.81 10.28
C SER A 16 -3.06 -19.10 9.67
N SER A 17 -4.37 -19.28 9.81
CA SER A 17 -5.03 -20.46 9.29
C SER A 17 -5.81 -20.12 8.00
N GLY A 18 -5.28 -19.16 7.24
CA GLY A 18 -5.93 -18.77 6.01
C GLY A 18 -5.29 -19.40 4.79
N LYS A 19 -5.37 -18.72 3.65
CA LYS A 19 -4.80 -19.23 2.41
C LYS A 19 -4.26 -18.08 1.57
N GLN A 20 -5.15 -17.22 1.08
CA GLN A 20 -4.76 -16.09 0.25
C GLN A 20 -4.72 -14.81 1.07
N LYS A 21 -3.90 -13.85 0.65
CA LYS A 21 -3.77 -12.58 1.34
C LYS A 21 -2.83 -11.64 0.60
N ARG A 22 -2.97 -11.60 -0.72
CA ARG A 22 -2.12 -10.75 -1.55
C ARG A 22 -2.78 -10.48 -2.90
N TYR A 23 -4.11 -10.44 -2.91
CA TYR A 23 -4.86 -10.18 -4.14
C TYR A 23 -5.59 -8.84 -4.08
N LYS A 24 -6.42 -8.68 -3.05
CA LYS A 24 -7.18 -7.44 -2.87
C LYS A 24 -7.62 -7.27 -1.42
N PHE A 25 -7.73 -6.03 -1.00
CA PHE A 25 -8.13 -5.70 0.36
C PHE A 25 -8.09 -4.20 0.57
N SER A 26 -8.78 -3.72 1.61
CA SER A 26 -8.79 -2.29 1.92
C SER A 26 -7.43 -1.87 2.46
N ALA A 27 -6.37 -2.30 1.76
CA ALA A 27 -5.00 -2.01 2.16
C ALA A 27 -4.03 -2.87 1.36
N SER A 28 -4.51 -4.02 0.87
CA SER A 28 -3.67 -4.93 0.10
C SER A 28 -2.95 -4.18 -1.02
N GLU A 29 -3.71 -3.38 -1.76
CA GLU A 29 -3.15 -2.61 -2.85
C GLU A 29 -2.12 -1.60 -2.33
N ASP A 30 -2.47 -0.94 -1.22
CA ASP A 30 -1.58 0.04 -0.61
C ASP A 30 -0.27 -0.62 -0.20
N GLU A 31 -0.35 -1.86 0.27
CA GLU A 31 0.82 -2.60 0.68
C GLU A 31 1.69 -2.95 -0.51
N ALA A 32 1.06 -3.11 -1.67
CA ALA A 32 1.79 -3.43 -2.89
C ALA A 32 2.61 -2.24 -3.34
N ILE A 33 2.04 -1.05 -3.21
CA ILE A 33 2.74 0.17 -3.59
C ILE A 33 3.96 0.38 -2.72
N ILE A 34 3.76 0.31 -1.42
CA ILE A 34 4.85 0.49 -0.47
C ILE A 34 5.95 -0.54 -0.71
N LYS A 35 5.54 -1.77 -1.00
CA LYS A 35 6.50 -2.83 -1.27
C LYS A 35 7.16 -2.62 -2.62
N GLY A 36 6.41 -2.06 -3.55
CA GLY A 36 6.94 -1.79 -4.88
C GLY A 36 8.00 -0.72 -4.86
N LEU A 37 7.75 0.34 -4.10
CA LEU A 37 8.69 1.46 -3.99
C LEU A 37 9.96 1.02 -3.28
N ALA A 38 9.80 0.21 -2.24
CA ALA A 38 10.94 -0.28 -1.47
C ALA A 38 11.75 -1.32 -2.25
N ARG A 39 11.18 -1.84 -3.33
CA ARG A 39 11.87 -2.84 -4.14
C ARG A 39 12.23 -2.30 -5.52
N PHE A 40 11.53 -1.26 -5.96
CA PHE A 40 11.78 -0.66 -7.26
C PHE A 40 12.83 0.45 -7.17
N THR A 41 12.37 1.67 -6.88
CA THR A 41 13.27 2.82 -6.77
C THR A 41 14.27 2.87 -7.92
N LYS A 42 13.78 2.62 -9.13
CA LYS A 42 14.63 2.63 -10.32
C LYS A 42 14.57 3.98 -11.03
N GLY A 43 14.52 5.05 -10.24
CA GLY A 43 14.45 6.39 -10.82
C GLY A 43 13.98 7.42 -9.83
N GLN A 44 13.62 8.60 -10.33
CA GLN A 44 13.16 9.69 -9.47
C GLN A 44 11.64 9.83 -9.56
N GLN A 45 10.94 8.71 -9.66
CA GLN A 45 9.49 8.71 -9.76
C GLN A 45 8.93 7.30 -9.59
N ARG A 46 9.48 6.55 -8.64
CA ARG A 46 9.04 5.18 -8.39
C ARG A 46 7.55 5.14 -8.08
N PHE A 47 7.01 6.25 -7.59
CA PHE A 47 5.59 6.33 -7.26
C PHE A 47 4.73 6.09 -8.50
N GLN A 48 5.04 6.79 -9.58
CA GLN A 48 4.30 6.65 -10.82
C GLN A 48 4.57 5.30 -11.47
N GLN A 49 5.85 4.91 -11.51
CA GLN A 49 6.23 3.63 -12.09
C GLN A 49 5.54 2.48 -11.39
N ILE A 50 5.62 2.46 -10.07
CA ILE A 50 4.98 1.41 -9.28
C ILE A 50 3.48 1.40 -9.53
N TYR A 51 2.91 2.60 -9.67
CA TYR A 51 1.48 2.75 -9.92
C TYR A 51 1.07 1.91 -11.12
N TYR A 52 1.77 2.11 -12.22
CA TYR A 52 1.49 1.37 -13.45
C TYR A 52 1.81 -0.11 -13.27
N ALA A 53 2.71 -0.41 -12.34
CA ALA A 53 3.09 -1.79 -12.07
C ALA A 53 1.95 -2.54 -11.39
N TYR A 54 1.43 -1.96 -10.32
CA TYR A 54 0.33 -2.57 -9.58
C TYR A 54 -1.02 -2.37 -10.27
N ARG A 55 -1.02 -1.78 -11.46
CA ARG A 55 -2.25 -1.55 -12.21
C ARG A 55 -3.07 -2.83 -12.35
N SER A 56 -2.41 -3.98 -12.25
CA SER A 56 -3.07 -5.27 -12.37
C SER A 56 -3.80 -5.65 -11.09
N VAL A 57 -3.04 -5.76 -10.00
CA VAL A 57 -3.63 -6.14 -8.70
C VAL A 57 -4.88 -5.32 -8.39
N TRP A 58 -4.92 -4.08 -8.86
CA TRP A 58 -6.06 -3.21 -8.63
C TRP A 58 -6.75 -2.86 -9.95
N HIS A 59 -7.53 -1.78 -9.96
CA HIS A 59 -8.23 -1.37 -11.16
C HIS A 59 -8.06 0.14 -11.43
N PRO A 60 -6.81 0.62 -11.51
CA PRO A 60 -6.52 2.02 -11.76
C PRO A 60 -6.35 2.32 -13.25
N ALA A 61 -5.79 3.48 -13.56
CA ALA A 61 -5.56 3.88 -14.94
C ALA A 61 -4.48 4.96 -15.04
N ARG A 62 -4.80 6.14 -14.51
CA ARG A 62 -3.86 7.26 -14.52
C ARG A 62 -4.17 8.22 -13.38
N THR A 63 -4.32 7.67 -12.18
CA THR A 63 -4.63 8.46 -11.00
C THR A 63 -3.43 8.54 -10.06
N VAL A 64 -2.37 9.19 -10.53
CA VAL A 64 -1.17 9.36 -9.72
C VAL A 64 -1.53 10.06 -8.41
N SER A 65 -2.51 10.95 -8.48
CA SER A 65 -2.97 11.65 -7.29
C SER A 65 -3.49 10.65 -6.28
N GLN A 66 -4.20 9.64 -6.79
CA GLN A 66 -4.73 8.59 -5.93
C GLN A 66 -3.57 7.84 -5.28
N LEU A 67 -2.50 7.64 -6.04
CA LEU A 67 -1.30 6.97 -5.54
C LEU A 67 -0.84 7.64 -4.26
N TYR A 68 -0.73 8.97 -4.33
CA TYR A 68 -0.32 9.74 -3.18
C TYR A 68 -1.35 9.61 -2.06
N ASP A 69 -2.61 9.38 -2.46
CA ASP A 69 -3.69 9.23 -1.50
C ASP A 69 -3.50 7.97 -0.66
N HIS A 70 -3.25 6.85 -1.33
CA HIS A 70 -3.05 5.58 -0.61
C HIS A 70 -1.65 5.57 -0.02
N TRP A 71 -0.73 6.24 -0.69
CA TRP A 71 0.65 6.33 -0.23
C TRP A 71 0.74 7.23 0.98
N ARG A 72 -0.11 8.26 1.03
CA ARG A 72 -0.13 9.18 2.14
C ARG A 72 -0.81 8.54 3.35
N GLY A 73 -1.88 7.80 3.09
CA GLY A 73 -2.60 7.13 4.15
C GLY A 73 -1.81 6.01 4.76
N THR A 74 -0.92 5.40 3.96
CA THR A 74 -0.09 4.30 4.43
C THR A 74 1.07 4.83 5.27
N LEU A 75 1.67 5.92 4.82
CA LEU A 75 2.80 6.51 5.53
C LEU A 75 2.98 7.97 5.14
N ARG A 76 2.18 8.85 5.75
CA ARG A 76 2.25 10.28 5.46
C ARG A 76 3.44 10.92 6.17
N TYR A 77 3.59 12.22 6.00
CA TYR A 77 4.68 12.96 6.62
C TYR A 77 4.31 14.42 6.82
N LYS A 78 4.64 14.95 8.00
CA LYS A 78 4.33 16.34 8.33
C LYS A 78 5.25 16.85 9.44
N VAL A 79 6.48 17.20 9.08
CA VAL A 79 7.44 17.70 10.04
C VAL A 79 8.05 19.02 9.57
N ILE A 80 7.54 20.13 10.09
CA ILE A 80 8.03 21.44 9.73
C ILE A 80 8.06 22.37 10.93
N GLN A 81 9.26 22.86 11.28
CA GLN A 81 9.42 23.75 12.41
C GLN A 81 10.66 24.62 12.24
N GLN A 82 10.50 25.75 11.57
CA GLN A 82 11.61 26.67 11.33
C GLN A 82 11.29 28.05 11.89
N GLN A 83 11.97 28.43 12.97
CA GLN A 83 11.76 29.73 13.60
C GLN A 83 12.99 30.61 13.43
N GLY A 84 14.17 29.99 13.44
CA GLY A 84 15.40 30.74 13.28
C GLY A 84 16.62 29.84 13.29
N TYR A 85 17.58 30.16 12.42
CA TYR A 85 18.81 29.38 12.33
C TYR A 85 19.98 30.25 11.90
N ARG A 86 19.99 31.50 12.37
CA ARG A 86 21.06 32.44 12.02
C ARG A 86 21.00 33.66 12.92
N GLY A 87 22.00 33.81 13.79
CA GLY A 87 22.03 34.94 14.68
C GLY A 87 23.23 34.90 15.63
N LYS A 88 23.58 33.70 16.07
CA LYS A 88 24.70 33.52 16.98
C LYS A 88 26.02 33.45 16.21
N ASN A 89 26.65 34.62 16.02
CA ASN A 89 27.91 34.70 15.31
C ASN A 89 27.77 34.21 13.87
N SER A 90 27.47 35.13 12.96
CA SER A 90 27.30 34.79 11.55
C SER A 90 28.64 34.60 10.87
N VAL A 91 29.63 35.39 11.28
CA VAL A 91 30.97 35.30 10.71
C VAL A 91 31.95 34.65 11.68
N ALA A 92 32.61 33.59 11.23
CA ALA A 92 33.58 32.88 12.07
C ALA A 92 34.80 32.48 11.26
N ALA A 93 35.72 31.77 11.91
CA ALA A 93 36.94 31.32 11.26
C ALA A 93 36.95 29.82 11.07
N ARG A 94 38.06 29.29 10.58
CA ARG A 94 38.20 27.85 10.37
C ARG A 94 39.66 27.42 10.46
N SER A 95 39.91 26.12 10.37
CA SER A 95 41.26 25.58 10.43
C SER A 95 42.10 26.07 9.26
N PRO A 96 43.43 25.89 9.34
CA PRO A 96 44.34 26.31 8.27
C PRO A 96 44.18 25.49 7.00
N GLU A 97 44.25 26.15 5.85
CA GLU A 97 44.10 25.48 4.57
C GLU A 97 45.00 26.10 3.52
N LYS A 98 46.06 25.38 3.14
CA LYS A 98 47.00 25.87 2.15
C LYS A 98 46.51 25.57 0.73
N ALA A 99 46.08 26.60 0.03
CA ALA A 99 45.58 26.44 -1.33
C ALA A 99 46.19 27.49 -2.27
N SER A 100 45.78 27.45 -3.53
CA SER A 100 46.29 28.40 -4.52
C SER A 100 45.15 29.22 -5.11
N ASN A 101 45.51 30.27 -5.84
CA ASN A 101 44.52 31.14 -6.46
C ASN A 101 45.03 31.69 -7.79
N MET A 102 44.73 30.97 -8.87
CA MET A 102 45.16 31.39 -10.20
C MET A 102 44.04 31.21 -11.21
N GLU A 103 44.32 31.59 -12.45
CA GLU A 103 43.32 31.47 -13.53
C GLU A 103 42.08 32.29 -13.21
N ASN A 104 41.97 33.46 -13.81
CA ASN A 104 40.83 34.34 -13.60
C ASN A 104 40.60 35.26 -14.81
N ASN A 105 39.37 35.73 -14.96
CA ASN A 105 39.03 36.61 -16.07
C ASN A 105 38.50 37.95 -15.56
N GLU A 106 38.67 39.00 -16.35
CA GLU A 106 38.20 40.33 -15.99
C GLU A 106 36.68 40.39 -16.00
N GLY A 1 -37.88 16.50 2.34
CA GLY A 1 -38.59 15.34 1.73
C GLY A 1 -38.37 14.05 2.49
N PRO A 2 -37.25 13.34 2.23
CA PRO A 2 -36.94 12.09 2.92
C PRO A 2 -36.54 12.31 4.37
N GLY A 3 -37.47 12.82 5.16
CA GLY A 3 -37.20 13.06 6.56
C GLY A 3 -36.52 14.40 6.80
N SER A 4 -36.49 14.83 8.07
CA SER A 4 -35.87 16.09 8.43
C SER A 4 -35.90 16.31 9.93
N LEU A 5 -37.04 15.99 10.55
CA LEU A 5 -37.19 16.15 11.99
C LEU A 5 -37.93 14.95 12.58
N SER A 6 -39.04 14.58 11.96
CA SER A 6 -39.84 13.45 12.42
C SER A 6 -39.30 12.14 11.86
N ASN A 7 -39.12 11.16 12.75
CA ASN A 7 -38.61 9.85 12.34
C ASN A 7 -37.23 9.98 11.72
N PHE A 8 -36.52 8.86 11.60
CA PHE A 8 -35.19 8.85 11.03
C PHE A 8 -35.02 7.70 10.04
N ALA A 9 -35.24 7.98 8.76
CA ALA A 9 -35.11 6.97 7.73
C ALA A 9 -33.79 7.09 6.99
N ASN A 10 -32.71 6.62 7.62
CA ASN A 10 -31.39 6.68 7.02
C ASN A 10 -30.47 5.61 7.60
N VAL A 11 -30.50 5.47 8.93
CA VAL A 11 -29.68 4.48 9.61
C VAL A 11 -29.92 3.08 9.06
N GLY A 12 -28.84 2.31 8.88
CA GLY A 12 -28.97 0.97 8.36
C GLY A 12 -28.27 0.80 7.02
N VAL A 13 -28.33 1.84 6.19
CA VAL A 13 -27.70 1.82 4.87
C VAL A 13 -27.91 0.48 4.16
N GLY A 14 -29.13 0.25 3.67
CA GLY A 14 -29.43 -0.98 2.98
C GLY A 14 -28.65 -1.13 1.68
N THR A 15 -28.26 -2.36 1.36
CA THR A 15 -27.51 -2.62 0.14
C THR A 15 -28.39 -2.40 -1.09
N SER A 16 -28.00 -1.43 -1.91
CA SER A 16 -28.74 -1.11 -3.13
C SER A 16 -27.79 -0.83 -4.28
N SER A 17 -28.34 -0.83 -5.50
CA SER A 17 -27.54 -0.58 -6.69
C SER A 17 -26.45 -1.64 -6.86
N GLY A 18 -25.57 -1.43 -7.82
CA GLY A 18 -24.50 -2.37 -8.07
C GLY A 18 -23.23 -1.70 -8.52
N LYS A 19 -22.17 -1.84 -7.73
CA LYS A 19 -20.88 -1.24 -8.06
C LYS A 19 -19.80 -1.69 -7.08
N GLN A 20 -18.56 -1.35 -7.38
CA GLN A 20 -17.43 -1.72 -6.53
C GLN A 20 -16.67 -0.49 -6.06
N LYS A 21 -15.85 0.07 -6.95
CA LYS A 21 -15.06 1.26 -6.62
C LYS A 21 -14.07 0.96 -5.49
N ARG A 22 -14.56 0.97 -4.26
CA ARG A 22 -13.72 0.70 -3.09
C ARG A 22 -14.47 -0.15 -2.06
N TYR A 23 -13.78 -1.14 -1.52
CA TYR A 23 -14.38 -2.02 -0.53
C TYR A 23 -13.60 -1.97 0.80
N LYS A 24 -12.47 -2.64 0.85
CA LYS A 24 -11.63 -2.67 2.05
C LYS A 24 -10.51 -3.69 1.92
N PHE A 25 -9.81 -3.65 0.79
CA PHE A 25 -8.70 -4.56 0.55
C PHE A 25 -7.77 -4.55 1.76
N SER A 26 -7.34 -5.72 2.22
CA SER A 26 -6.44 -5.80 3.36
C SER A 26 -5.08 -5.24 2.96
N ALA A 27 -5.06 -3.96 2.60
CA ALA A 27 -3.83 -3.31 2.18
C ALA A 27 -3.26 -4.02 0.96
N SER A 28 -4.13 -4.65 0.17
CA SER A 28 -3.69 -5.38 -1.02
C SER A 28 -2.91 -4.46 -1.96
N GLU A 29 -3.60 -3.47 -2.51
CA GLU A 29 -2.98 -2.51 -3.42
C GLU A 29 -1.78 -1.86 -2.74
N ASP A 30 -1.99 -1.40 -1.50
CA ASP A 30 -0.93 -0.76 -0.74
C ASP A 30 0.27 -1.70 -0.58
N GLU A 31 -0.01 -3.00 -0.53
CA GLU A 31 1.04 -4.00 -0.38
C GLU A 31 1.93 -4.03 -1.62
N ALA A 32 1.32 -3.83 -2.77
CA ALA A 32 2.06 -3.83 -4.02
C ALA A 32 2.92 -2.58 -4.16
N ILE A 33 2.42 -1.46 -3.66
CA ILE A 33 3.17 -0.21 -3.72
C ILE A 33 4.33 -0.22 -2.75
N ILE A 34 4.10 -0.79 -1.56
CA ILE A 34 5.15 -0.86 -0.56
C ILE A 34 6.28 -1.78 -1.04
N LYS A 35 5.91 -2.84 -1.75
CA LYS A 35 6.88 -3.77 -2.28
C LYS A 35 7.72 -3.11 -3.37
N GLY A 36 7.05 -2.31 -4.20
CA GLY A 36 7.74 -1.60 -5.27
C GLY A 36 8.63 -0.50 -4.74
N LEU A 37 8.25 0.07 -3.60
CA LEU A 37 9.03 1.14 -2.98
C LEU A 37 10.28 0.59 -2.32
N ALA A 38 10.15 -0.60 -1.74
CA ALA A 38 11.27 -1.24 -1.06
C ALA A 38 12.10 -2.08 -2.02
N ARG A 39 11.68 -2.15 -3.28
CA ARG A 39 12.39 -2.94 -4.27
C ARG A 39 13.20 -2.05 -5.22
N PHE A 40 12.61 -0.95 -5.66
CA PHE A 40 13.28 -0.03 -6.57
C PHE A 40 12.81 1.40 -6.35
N THR A 41 13.73 2.26 -5.92
CA THR A 41 13.40 3.67 -5.68
C THR A 41 14.66 4.52 -5.72
N LYS A 42 15.03 4.97 -6.91
CA LYS A 42 16.21 5.81 -7.08
C LYS A 42 15.82 7.21 -7.52
N GLY A 43 14.64 7.66 -7.09
CA GLY A 43 14.17 8.98 -7.44
C GLY A 43 12.99 9.42 -6.60
N GLN A 44 12.35 10.51 -7.02
CA GLN A 44 11.19 11.04 -6.30
C GLN A 44 9.93 10.96 -7.15
N GLN A 45 9.84 9.91 -7.96
CA GLN A 45 8.68 9.72 -8.83
C GLN A 45 8.48 8.24 -9.16
N ARG A 46 8.88 7.37 -8.24
CA ARG A 46 8.74 5.93 -8.44
C ARG A 46 7.34 5.46 -8.05
N PHE A 47 6.68 6.22 -7.18
CA PHE A 47 5.33 5.88 -6.74
C PHE A 47 4.41 5.65 -7.93
N GLN A 48 4.47 6.56 -8.89
CA GLN A 48 3.63 6.46 -10.08
C GLN A 48 3.96 5.20 -10.88
N GLN A 49 5.25 4.95 -11.06
CA GLN A 49 5.70 3.77 -11.81
C GLN A 49 5.16 2.49 -11.17
N ILE A 50 5.29 2.39 -9.86
CA ILE A 50 4.81 1.22 -9.14
C ILE A 50 3.31 1.03 -9.36
N TYR A 51 2.59 2.14 -9.38
CA TYR A 51 1.14 2.10 -9.59
C TYR A 51 0.80 1.43 -10.91
N TYR A 52 1.53 1.81 -11.96
CA TYR A 52 1.31 1.26 -13.28
C TYR A 52 1.71 -0.22 -13.33
N ALA A 53 2.66 -0.61 -12.49
CA ALA A 53 3.11 -1.99 -12.46
C ALA A 53 2.09 -2.86 -11.75
N TYR A 54 1.73 -2.46 -10.54
CA TYR A 54 0.76 -3.21 -9.74
C TYR A 54 -0.68 -2.93 -10.20
N ARG A 55 -0.85 -2.08 -11.22
CA ARG A 55 -2.18 -1.75 -11.72
C ARG A 55 -2.98 -3.01 -12.05
N SER A 56 -2.28 -4.10 -12.35
CA SER A 56 -2.92 -5.36 -12.68
C SER A 56 -3.74 -5.89 -11.49
N VAL A 57 -3.45 -5.37 -10.31
CA VAL A 57 -4.15 -5.79 -9.10
C VAL A 57 -5.39 -4.93 -8.85
N TRP A 58 -5.16 -3.70 -8.37
CA TRP A 58 -6.25 -2.79 -8.08
C TRP A 58 -6.19 -1.54 -8.95
N HIS A 59 -7.35 -1.09 -9.41
CA HIS A 59 -7.45 0.09 -10.26
C HIS A 59 -6.51 -0.01 -11.46
N PRO A 60 -7.00 -0.51 -12.60
CA PRO A 60 -6.21 -0.65 -13.82
C PRO A 60 -6.02 0.67 -14.55
N ALA A 61 -6.97 1.59 -14.35
CA ALA A 61 -6.91 2.90 -15.00
C ALA A 61 -5.86 3.79 -14.35
N ARG A 62 -5.88 5.08 -14.68
CA ARG A 62 -4.93 6.03 -14.14
C ARG A 62 -5.51 6.76 -12.92
N THR A 63 -4.70 6.90 -11.88
CA THR A 63 -5.14 7.58 -10.67
C THR A 63 -3.95 7.88 -9.76
N VAL A 64 -2.85 8.34 -10.37
CA VAL A 64 -1.64 8.66 -9.62
C VAL A 64 -1.96 9.61 -8.46
N SER A 65 -2.90 10.52 -8.69
CA SER A 65 -3.30 11.47 -7.65
C SER A 65 -3.85 10.71 -6.45
N GLN A 66 -4.75 9.77 -6.72
CA GLN A 66 -5.33 8.95 -5.68
C GLN A 66 -4.25 8.16 -4.96
N LEU A 67 -3.21 7.80 -5.70
CA LEU A 67 -2.09 7.06 -5.16
C LEU A 67 -1.41 7.87 -4.06
N TYR A 68 -1.07 9.10 -4.39
CA TYR A 68 -0.42 9.97 -3.42
C TYR A 68 -1.34 10.21 -2.23
N ASP A 69 -2.64 10.12 -2.49
CA ASP A 69 -3.63 10.31 -1.44
C ASP A 69 -3.57 9.21 -0.39
N HIS A 70 -3.57 7.97 -0.83
CA HIS A 70 -3.51 6.85 0.12
C HIS A 70 -2.08 6.62 0.60
N TRP A 71 -1.12 7.18 -0.12
CA TRP A 71 0.28 7.06 0.27
C TRP A 71 0.61 8.15 1.28
N ARG A 72 -0.08 9.28 1.18
CA ARG A 72 0.13 10.39 2.09
C ARG A 72 -0.59 10.14 3.41
N GLY A 73 -1.73 9.45 3.31
CA GLY A 73 -2.50 9.14 4.51
C GLY A 73 -1.94 7.94 5.26
N THR A 74 -1.46 6.95 4.53
CA THR A 74 -0.90 5.75 5.14
C THR A 74 0.47 6.03 5.75
N LEU A 75 1.34 6.69 4.98
CA LEU A 75 2.68 7.03 5.45
C LEU A 75 2.62 7.87 6.73
N ARG A 76 1.72 8.84 6.74
CA ARG A 76 1.57 9.72 7.91
C ARG A 76 0.46 9.20 8.83
N TYR A 77 0.87 8.53 9.90
CA TYR A 77 -0.09 7.99 10.86
C TYR A 77 0.27 8.42 12.28
N LYS A 78 -0.50 7.93 13.25
CA LYS A 78 -0.26 8.26 14.65
C LYS A 78 -1.01 7.29 15.56
N VAL A 79 -1.03 7.60 16.86
CA VAL A 79 -1.70 6.76 17.85
C VAL A 79 -1.39 5.28 17.64
N ILE A 80 -0.20 4.99 17.11
CA ILE A 80 0.21 3.61 16.87
C ILE A 80 1.70 3.44 17.15
N GLN A 81 2.03 2.45 17.97
CA GLN A 81 3.42 2.17 18.32
C GLN A 81 3.78 0.73 18.01
N GLN A 82 4.55 0.53 16.94
CA GLN A 82 4.97 -0.80 16.54
C GLN A 82 6.44 -1.05 16.89
N GLN A 83 6.69 -2.10 17.65
CA GLN A 83 8.04 -2.44 18.07
C GLN A 83 8.30 -3.94 17.93
N GLY A 84 9.56 -4.32 17.84
CA GLY A 84 9.92 -5.72 17.72
C GLY A 84 11.42 -5.95 17.78
N TYR A 85 11.86 -6.70 18.78
CA TYR A 85 13.28 -6.99 18.95
C TYR A 85 14.09 -5.71 19.13
N ARG A 86 15.29 -5.84 19.69
CA ARG A 86 16.15 -4.70 19.93
C ARG A 86 16.72 -4.17 18.62
N GLY A 87 16.40 -2.92 18.29
CA GLY A 87 16.90 -2.32 17.07
C GLY A 87 16.33 -2.99 15.83
N LYS A 88 17.19 -3.65 15.08
CA LYS A 88 16.77 -4.33 13.86
C LYS A 88 17.44 -5.70 13.73
N ASN A 89 16.72 -6.66 13.16
CA ASN A 89 17.25 -8.01 12.99
C ASN A 89 17.13 -8.46 11.54
N SER A 90 17.51 -9.70 11.27
CA SER A 90 17.44 -10.26 9.92
C SER A 90 17.37 -11.77 9.96
N VAL A 91 17.18 -12.39 8.79
CA VAL A 91 17.10 -13.84 8.69
C VAL A 91 18.04 -14.37 7.62
N ALA A 92 19.33 -14.14 7.81
CA ALA A 92 20.33 -14.59 6.86
C ALA A 92 20.08 -14.01 5.46
N ALA A 93 19.45 -12.85 5.43
CA ALA A 93 19.15 -12.18 4.16
C ALA A 93 18.48 -10.83 4.39
N ARG A 94 19.12 -9.78 3.91
CA ARG A 94 18.60 -8.42 4.07
C ARG A 94 19.34 -7.44 3.16
N SER A 95 18.78 -7.19 1.98
CA SER A 95 19.39 -6.27 1.03
C SER A 95 19.35 -4.84 1.55
N PRO A 96 18.15 -4.35 1.97
CA PRO A 96 17.99 -2.99 2.48
C PRO A 96 18.89 -2.73 3.69
N GLU A 97 20.13 -2.34 3.42
CA GLU A 97 21.09 -2.05 4.49
C GLU A 97 21.85 -0.76 4.20
N LYS A 98 22.36 -0.13 5.27
CA LYS A 98 23.11 1.11 5.13
C LYS A 98 24.60 0.87 5.35
N ALA A 99 25.28 0.38 4.31
CA ALA A 99 26.70 0.10 4.40
C ALA A 99 27.36 0.23 3.02
N SER A 100 28.41 1.05 2.96
CA SER A 100 29.13 1.27 1.71
C SER A 100 30.53 0.69 1.78
N ASN A 101 31.14 0.77 2.96
CA ASN A 101 32.49 0.26 3.17
C ASN A 101 32.47 -1.26 3.34
N MET A 102 32.06 -1.96 2.27
CA MET A 102 32.00 -3.41 2.30
C MET A 102 33.05 -4.02 1.36
N GLU A 103 33.18 -5.34 1.41
CA GLU A 103 34.15 -6.04 0.57
C GLU A 103 35.57 -5.57 0.86
N ASN A 104 35.87 -5.38 2.15
CA ASN A 104 37.19 -4.95 2.57
C ASN A 104 37.52 -3.57 1.99
N ASN A 105 38.48 -2.89 2.59
CA ASN A 105 38.88 -1.56 2.14
C ASN A 105 40.26 -1.18 2.69
N GLU A 106 41.31 -1.51 1.94
CA GLU A 106 42.67 -1.21 2.36
C GLU A 106 43.03 0.23 2.03
N GLY A 1 -6.13 -31.79 13.31
CA GLY A 1 -5.89 -30.89 12.14
C GLY A 1 -4.56 -31.16 11.47
N PRO A 2 -4.45 -30.89 10.16
CA PRO A 2 -3.20 -31.11 9.41
C PRO A 2 -2.10 -30.15 9.82
N GLY A 3 -2.49 -28.99 10.36
CA GLY A 3 -1.53 -28.00 10.79
C GLY A 3 -1.75 -26.64 10.13
N SER A 4 -2.10 -25.66 10.94
CA SER A 4 -2.35 -24.31 10.43
C SER A 4 -2.05 -23.26 11.50
N LEU A 5 -2.28 -22.00 11.16
CA LEU A 5 -2.04 -20.90 12.09
C LEU A 5 -3.33 -20.12 12.36
N SER A 6 -3.23 -19.10 13.21
CA SER A 6 -4.39 -18.28 13.54
C SER A 6 -5.47 -19.12 14.21
N ASN A 7 -5.06 -20.05 15.06
CA ASN A 7 -5.99 -20.92 15.77
C ASN A 7 -5.46 -21.26 17.16
N PHE A 8 -6.05 -20.64 18.17
CA PHE A 8 -5.65 -20.88 19.55
C PHE A 8 -6.84 -20.83 20.50
N ALA A 9 -6.80 -21.64 21.55
CA ALA A 9 -7.89 -21.69 22.52
C ALA A 9 -8.07 -20.34 23.21
N ASN A 10 -6.97 -19.58 23.32
CA ASN A 10 -7.01 -18.28 23.96
C ASN A 10 -8.01 -17.36 23.28
N VAL A 11 -8.39 -16.29 23.96
CA VAL A 11 -9.34 -15.33 23.42
C VAL A 11 -8.96 -13.90 23.79
N GLY A 12 -8.18 -13.26 22.92
CA GLY A 12 -7.75 -11.90 23.18
C GLY A 12 -6.36 -11.61 22.63
N VAL A 13 -6.10 -12.08 21.42
CA VAL A 13 -4.80 -11.86 20.78
C VAL A 13 -4.77 -12.48 19.38
N GLY A 14 -4.11 -11.79 18.45
CA GLY A 14 -4.02 -12.29 17.09
C GLY A 14 -3.56 -11.23 16.12
N THR A 15 -4.33 -11.04 15.04
CA THR A 15 -4.00 -10.05 14.04
C THR A 15 -5.25 -9.33 13.55
N SER A 16 -5.21 -8.00 13.56
CA SER A 16 -6.33 -7.19 13.12
C SER A 16 -7.56 -7.44 13.98
N SER A 17 -8.02 -6.40 14.67
CA SER A 17 -9.18 -6.49 15.54
C SER A 17 -10.47 -6.30 14.75
N GLY A 18 -11.23 -7.38 14.58
CA GLY A 18 -12.48 -7.29 13.84
C GLY A 18 -12.31 -7.61 12.37
N LYS A 19 -13.42 -7.91 11.70
CA LYS A 19 -13.39 -8.24 10.29
C LYS A 19 -14.33 -7.34 9.49
N GLN A 20 -13.78 -6.26 8.95
CA GLN A 20 -14.58 -5.32 8.17
C GLN A 20 -14.16 -5.34 6.70
N LYS A 21 -14.89 -4.60 5.87
CA LYS A 21 -14.61 -4.55 4.44
C LYS A 21 -14.36 -3.11 4.00
N ARG A 22 -13.32 -2.91 3.19
CA ARG A 22 -12.99 -1.58 2.69
C ARG A 22 -12.26 -1.67 1.36
N TYR A 23 -12.99 -1.44 0.27
CA TYR A 23 -12.41 -1.51 -1.06
C TYR A 23 -11.80 -2.89 -1.34
N LYS A 24 -12.26 -3.89 -0.60
CA LYS A 24 -11.77 -5.26 -0.75
C LYS A 24 -10.26 -5.32 -0.67
N PHE A 25 -9.71 -6.51 -0.89
CA PHE A 25 -8.27 -6.69 -0.81
C PHE A 25 -7.79 -6.38 0.60
N SER A 26 -7.34 -7.39 1.34
CA SER A 26 -6.88 -7.19 2.71
C SER A 26 -5.77 -6.14 2.75
N ALA A 27 -6.16 -4.89 2.47
CA ALA A 27 -5.20 -3.79 2.44
C ALA A 27 -4.00 -4.14 1.57
N SER A 28 -4.21 -5.02 0.60
CA SER A 28 -3.15 -5.45 -0.29
C SER A 28 -2.63 -4.29 -1.14
N GLU A 29 -3.53 -3.36 -1.47
CA GLU A 29 -3.17 -2.21 -2.29
C GLU A 29 -2.01 -1.44 -1.65
N ASP A 30 -2.17 -1.07 -0.39
CA ASP A 30 -1.14 -0.33 0.34
C ASP A 30 0.14 -1.15 0.42
N GLU A 31 -0.01 -2.45 0.62
CA GLU A 31 1.12 -3.36 0.71
C GLU A 31 1.83 -3.47 -0.65
N ALA A 32 1.06 -3.31 -1.72
CA ALA A 32 1.62 -3.41 -3.06
C ALA A 32 2.48 -2.20 -3.38
N ILE A 33 2.07 -1.03 -2.90
CA ILE A 33 2.84 0.19 -3.15
C ILE A 33 4.14 0.17 -2.36
N ILE A 34 4.06 -0.22 -1.10
CA ILE A 34 5.23 -0.28 -0.25
C ILE A 34 6.21 -1.34 -0.74
N LYS A 35 5.68 -2.49 -1.14
CA LYS A 35 6.52 -3.56 -1.66
C LYS A 35 7.01 -3.22 -3.06
N GLY A 36 6.21 -2.45 -3.79
CA GLY A 36 6.58 -2.05 -5.13
C GLY A 36 7.77 -1.09 -5.14
N LEU A 37 7.74 -0.13 -4.22
CA LEU A 37 8.83 0.85 -4.12
C LEU A 37 10.10 0.19 -3.60
N ALA A 38 9.95 -0.68 -2.61
CA ALA A 38 11.09 -1.37 -2.03
C ALA A 38 11.77 -2.29 -3.05
N ARG A 39 11.02 -2.66 -4.09
CA ARG A 39 11.55 -3.54 -5.13
C ARG A 39 11.88 -2.77 -6.40
N PHE A 40 11.26 -1.60 -6.56
CA PHE A 40 11.50 -0.77 -7.73
C PHE A 40 12.16 0.55 -7.35
N THR A 41 13.28 0.85 -7.99
CA THR A 41 14.01 2.08 -7.72
C THR A 41 15.10 2.32 -8.78
N LYS A 42 14.70 2.89 -9.91
CA LYS A 42 15.62 3.16 -11.00
C LYS A 42 15.38 4.55 -11.59
N GLY A 43 14.93 5.48 -10.74
CA GLY A 43 14.66 6.83 -11.19
C GLY A 43 13.29 6.97 -11.83
N GLN A 44 13.05 8.10 -12.47
CA GLN A 44 11.76 8.34 -13.12
C GLN A 44 10.63 8.30 -12.12
N GLN A 45 10.92 8.66 -10.87
CA GLN A 45 9.92 8.66 -9.81
C GLN A 45 9.33 7.26 -9.62
N ARG A 46 9.89 6.51 -8.69
CA ARG A 46 9.42 5.16 -8.40
C ARG A 46 7.95 5.15 -8.03
N PHE A 47 7.47 6.27 -7.48
CA PHE A 47 6.08 6.40 -7.08
C PHE A 47 5.15 6.26 -8.29
N GLN A 48 5.44 7.00 -9.34
CA GLN A 48 4.63 6.96 -10.55
C GLN A 48 4.81 5.63 -11.27
N GLN A 49 6.07 5.22 -11.46
CA GLN A 49 6.38 3.97 -12.14
C GLN A 49 5.74 2.78 -11.41
N ILE A 50 5.97 2.71 -10.11
CA ILE A 50 5.42 1.63 -9.30
C ILE A 50 3.89 1.62 -9.40
N TYR A 51 3.31 2.81 -9.44
CA TYR A 51 1.86 2.93 -9.56
C TYR A 51 1.38 2.32 -10.87
N TYR A 52 2.17 2.50 -11.92
CA TYR A 52 1.82 1.95 -13.23
C TYR A 52 1.75 0.43 -13.16
N ALA A 53 2.76 -0.17 -12.56
CA ALA A 53 2.80 -1.62 -12.42
C ALA A 53 1.74 -2.07 -11.41
N TYR A 54 1.50 -1.22 -10.42
CA TYR A 54 0.51 -1.51 -9.38
C TYR A 54 -0.91 -1.27 -9.88
N ARG A 55 -1.06 -0.68 -11.07
CA ARG A 55 -2.37 -0.40 -11.64
C ARG A 55 -3.24 -1.66 -11.68
N SER A 56 -2.60 -2.80 -11.94
CA SER A 56 -3.31 -4.07 -12.01
C SER A 56 -4.09 -4.34 -10.72
N VAL A 57 -3.67 -3.71 -9.63
CA VAL A 57 -4.32 -3.90 -8.35
C VAL A 57 -5.53 -2.98 -8.20
N TRP A 58 -5.28 -1.69 -8.01
CA TRP A 58 -6.35 -0.72 -7.86
C TRP A 58 -6.38 0.26 -9.02
N HIS A 59 -7.54 0.84 -9.27
CA HIS A 59 -7.70 1.80 -10.35
C HIS A 59 -9.13 2.37 -10.37
N PRO A 60 -9.56 3.01 -9.27
CA PRO A 60 -10.89 3.59 -9.17
C PRO A 60 -11.16 4.66 -10.23
N ALA A 61 -10.57 5.84 -10.05
CA ALA A 61 -10.75 6.93 -10.99
C ALA A 61 -9.40 7.52 -11.42
N ARG A 62 -8.91 8.49 -10.65
CA ARG A 62 -7.62 9.13 -10.96
C ARG A 62 -6.51 8.09 -11.02
N THR A 63 -5.28 8.55 -11.19
CA THR A 63 -4.14 7.64 -11.25
C THR A 63 -3.06 8.02 -10.25
N VAL A 64 -2.00 8.71 -10.69
CA VAL A 64 -0.93 9.11 -9.79
C VAL A 64 -1.52 9.83 -8.58
N SER A 65 -2.68 10.45 -8.77
CA SER A 65 -3.36 11.14 -7.69
C SER A 65 -3.82 10.12 -6.65
N GLN A 66 -4.31 8.99 -7.14
CA GLN A 66 -4.75 7.92 -6.27
C GLN A 66 -3.57 7.38 -5.48
N LEU A 67 -2.43 7.27 -6.16
CA LEU A 67 -1.20 6.80 -5.53
C LEU A 67 -0.89 7.64 -4.30
N TYR A 68 -0.97 8.96 -4.47
CA TYR A 68 -0.72 9.88 -3.38
C TYR A 68 -1.79 9.69 -2.30
N ASP A 69 -2.97 9.26 -2.72
CA ASP A 69 -4.06 9.04 -1.78
C ASP A 69 -3.75 7.90 -0.82
N HIS A 70 -3.31 6.77 -1.36
CA HIS A 70 -2.96 5.63 -0.51
C HIS A 70 -1.61 5.87 0.15
N TRP A 71 -0.75 6.60 -0.56
CA TRP A 71 0.57 6.92 -0.06
C TRP A 71 0.48 7.96 1.05
N ARG A 72 -0.53 8.84 0.95
CA ARG A 72 -0.73 9.88 1.96
C ARG A 72 -1.37 9.29 3.21
N GLY A 73 -2.27 8.34 3.01
CA GLY A 73 -2.95 7.71 4.14
C GLY A 73 -2.04 6.76 4.88
N THR A 74 -1.07 6.18 4.16
CA THR A 74 -0.13 5.25 4.77
C THR A 74 0.93 5.99 5.56
N LEU A 75 1.44 7.07 4.98
CA LEU A 75 2.47 7.87 5.63
C LEU A 75 1.96 8.43 6.96
N ARG A 76 0.77 9.02 6.94
CA ARG A 76 0.18 9.59 8.13
C ARG A 76 -0.94 8.70 8.67
N TYR A 77 -0.62 7.90 9.68
CA TYR A 77 -1.61 7.01 10.27
C TYR A 77 -1.55 7.06 11.80
N LYS A 78 -2.21 6.11 12.45
CA LYS A 78 -2.23 6.05 13.90
C LYS A 78 -1.20 5.06 14.43
N VAL A 79 -0.92 5.13 15.73
CA VAL A 79 0.05 4.24 16.35
C VAL A 79 -0.63 3.32 17.36
N ILE A 80 -1.24 3.91 18.38
CA ILE A 80 -1.92 3.14 19.41
C ILE A 80 -3.19 3.84 19.86
N GLN A 81 -4.26 3.06 20.04
CA GLN A 81 -5.54 3.60 20.47
C GLN A 81 -6.48 2.49 20.93
N GLN A 82 -6.70 1.51 20.05
CA GLN A 82 -7.58 0.39 20.36
C GLN A 82 -6.86 -0.63 21.24
N GLN A 83 -5.67 -1.05 20.80
CA GLN A 83 -4.88 -2.03 21.55
C GLN A 83 -3.57 -1.41 22.02
N GLY A 84 -2.88 -2.13 22.91
CA GLY A 84 -1.61 -1.63 23.43
C GLY A 84 -1.26 -2.25 24.77
N TYR A 85 0.04 -2.31 25.07
CA TYR A 85 0.51 -2.87 26.32
C TYR A 85 0.94 -1.77 27.28
N ARG A 86 0.06 -1.46 28.23
CA ARG A 86 0.35 -0.42 29.23
C ARG A 86 -0.09 -0.86 30.61
N GLY A 87 0.73 -0.55 31.61
CA GLY A 87 0.42 -0.93 32.98
C GLY A 87 1.59 -0.72 33.93
N LYS A 88 1.78 0.51 34.38
CA LYS A 88 2.87 0.83 35.28
C LYS A 88 2.33 1.41 36.60
N ASN A 89 1.33 2.28 36.49
CA ASN A 89 0.73 2.91 37.67
C ASN A 89 0.19 1.85 38.62
N SER A 90 -0.23 0.71 38.07
CA SER A 90 -0.77 -0.37 38.88
C SER A 90 -2.04 0.07 39.60
N VAL A 91 -3.17 -0.05 38.91
CA VAL A 91 -4.46 0.34 39.49
C VAL A 91 -5.56 -0.64 39.07
N ALA A 92 -6.26 -1.19 40.06
CA ALA A 92 -7.34 -2.13 39.79
C ALA A 92 -8.65 -1.65 40.40
N ALA A 93 -9.58 -1.24 39.55
CA ALA A 93 -10.87 -0.75 40.01
C ALA A 93 -11.99 -1.18 39.05
N ARG A 94 -13.20 -0.72 39.33
CA ARG A 94 -14.35 -1.05 38.50
C ARG A 94 -14.52 -0.04 37.37
N SER A 95 -14.86 -0.53 36.19
CA SER A 95 -15.04 0.34 35.03
C SER A 95 -16.34 1.13 35.15
N PRO A 96 -17.49 0.44 35.18
CA PRO A 96 -18.80 1.10 35.30
C PRO A 96 -19.01 1.73 36.67
N GLU A 97 -18.55 2.97 36.82
CA GLU A 97 -18.70 3.69 38.08
C GLU A 97 -18.83 5.19 37.85
N LYS A 98 -17.89 5.76 37.10
CA LYS A 98 -17.91 7.18 36.80
C LYS A 98 -17.14 7.48 35.52
N ALA A 99 -17.51 8.56 34.84
CA ALA A 99 -16.85 8.96 33.60
C ALA A 99 -15.46 9.53 33.88
N SER A 100 -15.43 10.65 34.59
CA SER A 100 -14.16 11.30 34.92
C SER A 100 -14.35 12.35 36.01
N ASN A 101 -15.05 13.43 35.68
CA ASN A 101 -15.31 14.49 36.63
C ASN A 101 -16.80 14.83 36.69
N MET A 102 -17.42 14.96 35.52
CA MET A 102 -18.85 15.28 35.45
C MET A 102 -19.14 16.61 36.14
N GLU A 103 -19.33 17.65 35.34
CA GLU A 103 -19.63 18.98 35.86
C GLU A 103 -21.02 19.43 35.43
N ASN A 104 -21.38 20.65 35.82
CA ASN A 104 -22.68 21.20 35.47
C ASN A 104 -22.54 22.37 34.50
N ASN A 105 -21.65 23.30 34.84
CA ASN A 105 -21.42 24.48 34.00
C ASN A 105 -20.10 24.34 33.23
N GLU A 106 -19.87 25.26 32.30
CA GLU A 106 -18.65 25.24 31.50
C GLU A 106 -17.88 26.54 31.65
N GLY A 1 -45.43 -14.62 -7.11
CA GLY A 1 -44.04 -14.84 -7.60
C GLY A 1 -43.00 -14.28 -6.66
N PRO A 2 -42.50 -15.09 -5.72
CA PRO A 2 -41.48 -14.65 -4.75
C PRO A 2 -40.28 -14.03 -5.43
N GLY A 3 -40.08 -12.74 -5.19
CA GLY A 3 -38.96 -12.04 -5.78
C GLY A 3 -37.68 -12.20 -4.98
N SER A 4 -36.66 -12.78 -5.60
CA SER A 4 -35.37 -13.00 -4.93
C SER A 4 -34.28 -13.30 -5.95
N LEU A 5 -33.04 -13.01 -5.58
CA LEU A 5 -31.90 -13.26 -6.45
C LEU A 5 -31.79 -14.75 -6.80
N SER A 6 -30.93 -15.06 -7.76
CA SER A 6 -30.73 -16.45 -8.18
C SER A 6 -29.70 -16.53 -9.31
N ASN A 7 -29.73 -15.55 -10.20
CA ASN A 7 -28.80 -15.51 -11.32
C ASN A 7 -29.07 -16.65 -12.30
N PHE A 8 -29.95 -16.39 -13.27
CA PHE A 8 -30.30 -17.40 -14.26
C PHE A 8 -29.36 -17.32 -15.46
N ALA A 9 -28.98 -16.11 -15.83
CA ALA A 9 -28.07 -15.90 -16.97
C ALA A 9 -26.66 -16.38 -16.64
N ASN A 10 -25.74 -16.15 -17.56
CA ASN A 10 -24.35 -16.55 -17.38
C ASN A 10 -23.57 -15.47 -16.62
N VAL A 11 -22.37 -15.82 -16.17
CA VAL A 11 -21.53 -14.88 -15.44
C VAL A 11 -22.22 -14.40 -14.17
N GLY A 12 -21.76 -14.90 -13.03
CA GLY A 12 -22.34 -14.51 -11.76
C GLY A 12 -21.30 -14.28 -10.69
N VAL A 13 -21.73 -13.80 -9.53
CA VAL A 13 -20.83 -13.52 -8.42
C VAL A 13 -21.32 -14.20 -7.14
N GLY A 14 -20.38 -14.70 -6.35
CA GLY A 14 -20.72 -15.37 -5.11
C GLY A 14 -21.43 -16.69 -5.34
N THR A 15 -20.67 -17.69 -5.78
CA THR A 15 -21.24 -19.01 -6.04
C THR A 15 -20.46 -20.09 -5.30
N SER A 16 -19.13 -20.02 -5.39
CA SER A 16 -18.27 -21.00 -4.72
C SER A 16 -17.46 -20.34 -3.61
N SER A 17 -17.05 -21.13 -2.63
CA SER A 17 -16.26 -20.62 -1.51
C SER A 17 -14.86 -21.21 -1.52
N GLY A 18 -13.85 -20.34 -1.59
CA GLY A 18 -12.48 -20.80 -1.60
C GLY A 18 -11.49 -19.66 -1.82
N LYS A 19 -11.30 -18.85 -0.80
CA LYS A 19 -10.39 -17.72 -0.88
C LYS A 19 -8.94 -18.20 -0.91
N GLN A 20 -8.28 -18.00 -2.05
CA GLN A 20 -6.89 -18.41 -2.21
C GLN A 20 -6.08 -17.33 -2.90
N LYS A 21 -4.79 -17.59 -3.10
CA LYS A 21 -3.90 -16.64 -3.76
C LYS A 21 -3.80 -15.35 -2.95
N ARG A 22 -2.64 -14.69 -3.04
CA ARG A 22 -2.41 -13.45 -2.32
C ARG A 22 -1.89 -12.36 -3.25
N TYR A 23 -2.80 -11.52 -3.73
CA TYR A 23 -2.43 -10.43 -4.63
C TYR A 23 -3.39 -9.26 -4.49
N LYS A 24 -4.67 -9.51 -4.79
CA LYS A 24 -5.69 -8.49 -4.70
C LYS A 24 -6.53 -8.65 -3.43
N PHE A 25 -6.58 -7.58 -2.65
CA PHE A 25 -7.33 -7.58 -1.41
C PHE A 25 -7.79 -6.17 -1.08
N SER A 26 -8.77 -6.05 -0.20
CA SER A 26 -9.27 -4.74 0.20
C SER A 26 -8.23 -4.05 1.08
N ALA A 27 -6.99 -4.06 0.61
CA ALA A 27 -5.88 -3.45 1.32
C ALA A 27 -4.54 -3.86 0.70
N SER A 28 -4.53 -5.01 0.01
CA SER A 28 -3.31 -5.48 -0.63
C SER A 28 -2.73 -4.43 -1.57
N GLU A 29 -3.59 -3.57 -2.10
CA GLU A 29 -3.15 -2.52 -3.01
C GLU A 29 -2.12 -1.62 -2.34
N ASP A 30 -2.47 -1.10 -1.17
CA ASP A 30 -1.57 -0.22 -0.42
C ASP A 30 -0.24 -0.92 -0.15
N GLU A 31 -0.32 -2.20 0.20
CA GLU A 31 0.86 -2.99 0.48
C GLU A 31 1.68 -3.22 -0.77
N ALA A 32 1.00 -3.25 -1.93
CA ALA A 32 1.67 -3.45 -3.19
C ALA A 32 2.52 -2.24 -3.57
N ILE A 33 2.02 -1.05 -3.25
CA ILE A 33 2.74 0.17 -3.56
C ILE A 33 3.96 0.31 -2.66
N ILE A 34 3.76 0.10 -1.36
CA ILE A 34 4.87 0.18 -0.42
C ILE A 34 5.91 -0.88 -0.71
N LYS A 35 5.44 -2.06 -1.10
CA LYS A 35 6.35 -3.15 -1.44
C LYS A 35 7.01 -2.89 -2.79
N GLY A 36 6.23 -2.31 -3.70
CA GLY A 36 6.75 -1.99 -5.02
C GLY A 36 7.88 -0.98 -4.97
N LEU A 37 7.66 0.09 -4.22
CA LEU A 37 8.66 1.15 -4.08
C LEU A 37 9.86 0.65 -3.29
N ALA A 38 9.59 -0.13 -2.24
CA ALA A 38 10.65 -0.67 -1.40
C ALA A 38 11.62 -1.52 -2.21
N ARG A 39 11.14 -2.04 -3.35
CA ARG A 39 11.97 -2.88 -4.21
C ARG A 39 12.68 -2.04 -5.26
N PHE A 40 12.03 -0.96 -5.71
CA PHE A 40 12.62 -0.09 -6.73
C PHE A 40 12.16 1.35 -6.55
N THR A 41 13.13 2.27 -6.53
CA THR A 41 12.85 3.70 -6.38
C THR A 41 14.14 4.47 -6.13
N LYS A 42 14.82 4.82 -7.23
CA LYS A 42 16.08 5.56 -7.14
C LYS A 42 15.97 6.91 -7.85
N GLY A 43 14.85 7.60 -7.65
CA GLY A 43 14.64 8.89 -8.27
C GLY A 43 13.55 8.87 -9.31
N GLN A 44 13.28 10.02 -9.90
CA GLN A 44 12.24 10.15 -10.93
C GLN A 44 10.89 9.72 -10.39
N GLN A 45 10.73 9.76 -9.06
CA GLN A 45 9.48 9.38 -8.43
C GLN A 45 9.00 8.02 -8.92
N ARG A 46 9.46 6.95 -8.28
CA ARG A 46 9.07 5.61 -8.67
C ARG A 46 7.59 5.35 -8.40
N PHE A 47 7.02 6.11 -7.47
CA PHE A 47 5.61 5.95 -7.11
C PHE A 47 4.71 5.84 -8.35
N GLN A 48 4.99 6.64 -9.36
CA GLN A 48 4.21 6.62 -10.58
C GLN A 48 4.47 5.34 -11.38
N GLN A 49 5.74 5.04 -11.63
CA GLN A 49 6.11 3.85 -12.38
C GLN A 49 5.57 2.59 -11.70
N ILE A 50 5.83 2.46 -10.41
CA ILE A 50 5.38 1.31 -9.64
C ILE A 50 3.85 1.20 -9.70
N TYR A 51 3.19 2.35 -9.68
CA TYR A 51 1.73 2.38 -9.75
C TYR A 51 1.25 1.72 -11.02
N TYR A 52 1.94 1.99 -12.12
CA TYR A 52 1.59 1.41 -13.42
C TYR A 52 1.85 -0.08 -13.44
N ALA A 53 2.90 -0.52 -12.74
CA ALA A 53 3.25 -1.93 -12.69
C ALA A 53 2.20 -2.74 -11.94
N TYR A 54 1.87 -2.30 -10.74
CA TYR A 54 0.88 -2.98 -9.92
C TYR A 54 -0.54 -2.64 -10.37
N ARG A 55 -0.67 -1.79 -11.39
CA ARG A 55 -1.97 -1.38 -11.91
C ARG A 55 -2.81 -2.60 -12.27
N SER A 56 -2.15 -3.67 -12.68
CA SER A 56 -2.84 -4.91 -13.05
C SER A 56 -3.56 -5.50 -11.85
N VAL A 57 -3.14 -5.12 -10.65
CA VAL A 57 -3.76 -5.62 -9.42
C VAL A 57 -5.05 -4.88 -9.11
N TRP A 58 -4.93 -3.64 -8.64
CA TRP A 58 -6.10 -2.85 -8.30
C TRP A 58 -6.14 -1.55 -9.10
N HIS A 59 -7.32 -0.96 -9.21
CA HIS A 59 -7.49 0.28 -9.95
C HIS A 59 -6.97 0.16 -11.38
N PRO A 60 -7.80 -0.36 -12.30
CA PRO A 60 -7.42 -0.54 -13.71
C PRO A 60 -7.33 0.79 -14.47
N ALA A 61 -7.81 1.86 -13.86
CA ALA A 61 -7.78 3.18 -14.47
C ALA A 61 -6.69 4.06 -13.87
N ARG A 62 -6.27 5.07 -14.61
CA ARG A 62 -5.24 5.99 -14.16
C ARG A 62 -5.72 6.81 -12.97
N THR A 63 -4.83 7.05 -12.01
CA THR A 63 -5.18 7.82 -10.82
C THR A 63 -3.97 8.02 -9.93
N VAL A 64 -2.87 8.51 -10.51
CA VAL A 64 -1.66 8.76 -9.75
C VAL A 64 -1.98 9.59 -8.51
N SER A 65 -2.97 10.47 -8.64
CA SER A 65 -3.40 11.29 -7.52
C SER A 65 -3.84 10.41 -6.37
N GLN A 66 -4.58 9.36 -6.71
CA GLN A 66 -5.04 8.41 -5.71
C GLN A 66 -3.83 7.75 -5.04
N LEU A 67 -2.80 7.50 -5.84
CA LEU A 67 -1.57 6.89 -5.35
C LEU A 67 -1.05 7.70 -4.17
N TYR A 68 -0.94 9.01 -4.37
CA TYR A 68 -0.49 9.90 -3.33
C TYR A 68 -1.46 9.85 -2.15
N ASP A 69 -2.73 9.58 -2.47
CA ASP A 69 -3.76 9.50 -1.44
C ASP A 69 -3.52 8.35 -0.48
N HIS A 70 -3.27 7.16 -1.02
CA HIS A 70 -3.01 6.00 -0.17
C HIS A 70 -1.59 6.09 0.38
N TRP A 71 -0.73 6.74 -0.37
CA TRP A 71 0.65 6.93 0.02
C TRP A 71 0.74 7.89 1.21
N ARG A 72 -0.13 8.89 1.22
CA ARG A 72 -0.16 9.86 2.31
C ARG A 72 -0.77 9.24 3.56
N GLY A 73 -1.82 8.45 3.36
CA GLY A 73 -2.48 7.79 4.47
C GLY A 73 -1.60 6.71 5.09
N THR A 74 -0.75 6.10 4.28
CA THR A 74 0.14 5.05 4.74
C THR A 74 1.26 5.66 5.59
N LEU A 75 1.85 6.74 5.11
CA LEU A 75 2.92 7.42 5.82
C LEU A 75 2.47 7.84 7.22
N ARG A 76 1.21 8.27 7.31
CA ARG A 76 0.64 8.70 8.58
C ARG A 76 0.01 7.53 9.32
N TYR A 77 0.81 6.84 10.13
CA TYR A 77 0.32 5.70 10.88
C TYR A 77 -0.67 6.14 11.97
N LYS A 78 -1.66 5.29 12.23
CA LYS A 78 -2.67 5.58 13.24
C LYS A 78 -3.02 4.33 14.04
N VAL A 79 -2.08 3.88 14.86
CA VAL A 79 -2.29 2.69 15.68
C VAL A 79 -2.92 3.05 17.03
N ILE A 80 -2.59 4.22 17.53
CA ILE A 80 -3.12 4.69 18.81
C ILE A 80 -4.45 5.42 18.62
N GLN A 81 -5.51 4.66 18.35
CA GLN A 81 -6.83 5.23 18.14
C GLN A 81 -7.91 4.15 18.20
N GLN A 82 -9.01 4.46 18.87
CA GLN A 82 -10.12 3.52 18.99
C GLN A 82 -11.23 3.84 18.00
N GLN A 83 -11.77 2.81 17.36
CA GLN A 83 -12.83 2.99 16.39
C GLN A 83 -13.96 1.99 16.64
N GLY A 84 -14.69 2.20 17.72
CA GLY A 84 -15.79 1.31 18.06
C GLY A 84 -15.70 0.78 19.47
N TYR A 85 -16.66 -0.07 19.85
CA TYR A 85 -16.67 -0.65 21.19
C TYR A 85 -16.31 -2.13 21.13
N ARG A 86 -15.28 -2.51 21.89
CA ARG A 86 -14.83 -3.89 21.93
C ARG A 86 -15.39 -4.61 23.16
N GLY A 87 -15.67 -5.90 23.02
CA GLY A 87 -16.20 -6.67 24.12
C GLY A 87 -17.72 -6.72 24.11
N LYS A 88 -18.27 -7.32 23.07
CA LYS A 88 -19.73 -7.44 22.95
C LYS A 88 -20.12 -8.74 22.26
N ASN A 89 -21.40 -9.08 22.34
CA ASN A 89 -21.90 -10.31 21.72
C ASN A 89 -22.40 -10.04 20.30
N SER A 90 -21.52 -10.27 19.33
CA SER A 90 -21.87 -10.06 17.93
C SER A 90 -22.23 -8.60 17.67
N VAL A 91 -21.22 -7.76 17.47
CA VAL A 91 -21.44 -6.34 17.22
C VAL A 91 -21.80 -6.10 15.76
N ALA A 92 -22.81 -5.27 15.54
CA ALA A 92 -23.27 -4.95 14.19
C ALA A 92 -23.70 -6.21 13.44
N ALA A 93 -24.16 -6.02 12.22
CA ALA A 93 -24.62 -7.14 11.40
C ALA A 93 -23.96 -7.10 10.01
N ARG A 94 -23.03 -8.02 9.79
CA ARG A 94 -22.33 -8.09 8.51
C ARG A 94 -22.39 -9.50 7.94
N SER A 95 -23.39 -9.74 7.09
CA SER A 95 -23.58 -11.05 6.47
C SER A 95 -23.86 -12.12 7.52
N PRO A 96 -24.82 -13.03 7.25
CA PRO A 96 -25.17 -14.09 8.19
C PRO A 96 -23.96 -14.93 8.61
N GLU A 97 -23.74 -15.02 9.92
CA GLU A 97 -22.62 -15.77 10.46
C GLU A 97 -21.28 -15.18 9.98
N LYS A 98 -20.25 -15.33 10.81
CA LYS A 98 -18.93 -14.82 10.48
C LYS A 98 -17.84 -15.59 11.22
N ALA A 99 -16.59 -15.32 10.87
CA ALA A 99 -15.46 -15.99 11.50
C ALA A 99 -14.17 -15.20 11.30
N SER A 100 -13.21 -15.40 12.20
CA SER A 100 -11.94 -14.70 12.12
C SER A 100 -10.79 -15.65 12.45
N ASN A 101 -10.83 -16.22 13.65
CA ASN A 101 -9.79 -17.14 14.10
C ASN A 101 -10.35 -18.55 14.27
N MET A 102 -9.79 -19.50 13.54
CA MET A 102 -10.23 -20.89 13.61
C MET A 102 -9.30 -21.71 14.51
N GLU A 103 -9.60 -21.72 15.80
CA GLU A 103 -8.79 -22.46 16.76
C GLU A 103 -7.35 -21.95 16.77
N ASN A 104 -7.18 -20.66 16.49
CA ASN A 104 -5.85 -20.07 16.46
C ASN A 104 -4.96 -20.74 15.43
N ASN A 105 -3.74 -20.24 15.28
CA ASN A 105 -2.79 -20.80 14.33
C ASN A 105 -1.84 -21.77 15.02
N GLU A 106 -1.44 -22.81 14.30
CA GLU A 106 -0.54 -23.82 14.84
C GLU A 106 0.46 -24.27 13.78
N GLY A 1 15.18 3.10 -35.42
CA GLY A 1 16.63 3.04 -35.05
C GLY A 1 17.53 2.75 -36.23
N PRO A 2 17.83 3.77 -37.06
CA PRO A 2 18.69 3.61 -38.23
C PRO A 2 20.02 2.93 -37.88
N GLY A 3 20.18 1.68 -38.30
CA GLY A 3 21.42 0.97 -38.03
C GLY A 3 21.23 -0.53 -38.11
N SER A 4 20.57 -1.11 -37.12
CA SER A 4 20.33 -2.55 -37.09
C SER A 4 19.39 -2.97 -38.22
N LEU A 5 19.19 -4.28 -38.35
CA LEU A 5 18.32 -4.81 -39.39
C LEU A 5 16.85 -4.62 -39.03
N SER A 6 16.21 -3.62 -39.63
CA SER A 6 14.81 -3.33 -39.37
C SER A 6 13.91 -4.02 -40.39
N ASN A 7 12.90 -4.75 -39.89
CA ASN A 7 11.98 -5.45 -40.77
C ASN A 7 10.53 -5.25 -40.31
N PHE A 8 9.59 -5.49 -41.20
CA PHE A 8 8.18 -5.34 -40.90
C PHE A 8 7.54 -6.68 -40.58
N ALA A 9 6.81 -6.74 -39.46
CA ALA A 9 6.15 -7.96 -39.05
C ALA A 9 5.27 -7.73 -37.83
N ASN A 10 4.02 -8.18 -37.91
CA ASN A 10 3.07 -8.01 -36.82
C ASN A 10 2.23 -9.28 -36.61
N VAL A 11 2.76 -10.19 -35.80
CA VAL A 11 2.06 -11.45 -35.53
C VAL A 11 1.45 -11.44 -34.13
N GLY A 12 0.47 -12.31 -33.92
CA GLY A 12 -0.18 -12.39 -32.62
C GLY A 12 0.21 -13.63 -31.84
N VAL A 13 -0.35 -13.79 -30.66
CA VAL A 13 -0.06 -14.93 -29.81
C VAL A 13 -1.32 -15.46 -29.14
N GLY A 14 -2.11 -14.55 -28.57
CA GLY A 14 -3.33 -14.95 -27.90
C GLY A 14 -3.25 -14.77 -26.39
N THR A 15 -2.49 -15.64 -25.73
CA THR A 15 -2.32 -15.59 -24.28
C THR A 15 -3.63 -15.95 -23.57
N SER A 16 -4.63 -15.09 -23.70
CA SER A 16 -5.93 -15.31 -23.07
C SER A 16 -5.83 -15.20 -21.55
N SER A 17 -5.14 -16.16 -20.94
CA SER A 17 -4.97 -16.18 -19.50
C SER A 17 -6.32 -16.27 -18.79
N GLY A 18 -6.29 -16.61 -17.50
CA GLY A 18 -7.52 -16.72 -16.74
C GLY A 18 -7.91 -15.43 -16.07
N LYS A 19 -9.19 -15.32 -15.70
CA LYS A 19 -9.69 -14.12 -15.04
C LYS A 19 -10.19 -14.43 -13.63
N GLN A 20 -9.40 -14.05 -12.63
CA GLN A 20 -9.77 -14.30 -11.24
C GLN A 20 -10.62 -13.15 -10.69
N LYS A 21 -11.16 -13.35 -9.49
CA LYS A 21 -11.99 -12.34 -8.85
C LYS A 21 -11.40 -11.90 -7.52
N ARG A 22 -10.07 -11.95 -7.41
CA ARG A 22 -9.38 -11.57 -6.19
C ARG A 22 -8.06 -10.86 -6.51
N TYR A 23 -8.14 -9.55 -6.70
CA TYR A 23 -6.96 -8.75 -7.01
C TYR A 23 -7.14 -7.31 -6.55
N LYS A 24 -7.75 -7.13 -5.39
CA LYS A 24 -7.99 -5.80 -4.84
C LYS A 24 -8.39 -5.88 -3.37
N PHE A 25 -7.67 -6.70 -2.61
CA PHE A 25 -7.95 -6.85 -1.19
C PHE A 25 -7.87 -5.52 -0.46
N SER A 26 -8.56 -5.43 0.68
CA SER A 26 -8.54 -4.21 1.48
C SER A 26 -7.19 -4.07 2.17
N ALA A 27 -6.13 -4.15 1.36
CA ALA A 27 -4.77 -4.06 1.84
C ALA A 27 -3.79 -4.55 0.77
N SER A 28 -4.29 -5.41 -0.14
CA SER A 28 -3.46 -5.94 -1.20
C SER A 28 -2.77 -4.83 -1.98
N GLU A 29 -3.52 -3.75 -2.24
CA GLU A 29 -2.98 -2.61 -2.97
C GLU A 29 -1.73 -2.05 -2.29
N ASP A 30 -1.86 -1.76 -1.00
CA ASP A 30 -0.74 -1.22 -0.22
C ASP A 30 0.44 -2.19 -0.22
N GLU A 31 0.14 -3.47 -0.05
CA GLU A 31 1.18 -4.50 -0.04
C GLU A 31 1.96 -4.49 -1.35
N ALA A 32 1.27 -4.16 -2.43
CA ALA A 32 1.92 -4.11 -3.74
C ALA A 32 2.83 -2.91 -3.85
N ILE A 33 2.43 -1.79 -3.26
CA ILE A 33 3.23 -0.58 -3.30
C ILE A 33 4.50 -0.74 -2.47
N ILE A 34 4.38 -1.39 -1.31
CA ILE A 34 5.52 -1.61 -0.45
C ILE A 34 6.55 -2.53 -1.10
N LYS A 35 6.06 -3.57 -1.76
CA LYS A 35 6.95 -4.51 -2.43
C LYS A 35 7.54 -3.87 -3.68
N GLY A 36 6.73 -3.05 -4.35
CA GLY A 36 7.19 -2.38 -5.53
C GLY A 36 8.20 -1.30 -5.23
N LEU A 37 7.94 -0.54 -4.17
CA LEU A 37 8.85 0.54 -3.76
C LEU A 37 10.16 -0.04 -3.24
N ALA A 38 10.08 -1.22 -2.64
CA ALA A 38 11.28 -1.87 -2.09
C ALA A 38 12.16 -2.41 -3.20
N ARG A 39 11.57 -2.68 -4.37
CA ARG A 39 12.32 -3.21 -5.50
C ARG A 39 12.56 -2.15 -6.57
N PHE A 40 11.69 -1.15 -6.62
CA PHE A 40 11.81 -0.09 -7.60
C PHE A 40 12.13 1.24 -6.95
N THR A 41 13.23 1.87 -7.39
CA THR A 41 13.65 3.15 -6.85
C THR A 41 14.51 3.91 -7.86
N LYS A 42 13.85 4.62 -8.77
CA LYS A 42 14.56 5.39 -9.79
C LYS A 42 15.17 6.66 -9.19
N GLY A 43 14.50 7.23 -8.20
CA GLY A 43 14.99 8.44 -7.58
C GLY A 43 13.88 9.41 -7.21
N GLN A 44 13.30 9.22 -6.02
CA GLN A 44 12.22 10.09 -5.55
C GLN A 44 11.07 10.13 -6.55
N GLN A 45 10.59 8.96 -6.95
CA GLN A 45 9.48 8.87 -7.90
C GLN A 45 9.08 7.42 -8.12
N ARG A 46 9.12 6.64 -7.05
CA ARG A 46 8.75 5.22 -7.12
C ARG A 46 7.25 5.03 -6.92
N PHE A 47 6.65 5.93 -6.16
CA PHE A 47 5.21 5.87 -5.86
C PHE A 47 4.37 5.88 -7.14
N GLN A 48 4.68 6.80 -8.05
CA GLN A 48 3.94 6.92 -9.30
C GLN A 48 4.23 5.72 -10.21
N GLN A 49 5.50 5.49 -10.49
CA GLN A 49 5.92 4.39 -11.37
C GLN A 49 5.40 3.06 -10.83
N ILE A 50 5.54 2.84 -9.53
CA ILE A 50 5.08 1.60 -8.92
C ILE A 50 3.58 1.44 -9.09
N TYR A 51 2.85 2.53 -8.92
CA TYR A 51 1.39 2.49 -9.06
C TYR A 51 1.00 1.97 -10.43
N TYR A 52 1.72 2.43 -11.45
CA TYR A 52 1.43 2.02 -12.82
C TYR A 52 1.70 0.53 -13.02
N ALA A 53 2.81 0.04 -12.48
CA ALA A 53 3.16 -1.37 -12.61
C ALA A 53 2.16 -2.25 -11.88
N TYR A 54 1.93 -1.96 -10.61
CA TYR A 54 0.99 -2.72 -9.80
C TYR A 54 -0.45 -2.28 -10.07
N ARG A 55 -0.65 -1.37 -11.02
CA ARG A 55 -1.98 -0.88 -11.35
C ARG A 55 -2.93 -2.04 -11.64
N SER A 56 -2.38 -3.18 -12.05
CA SER A 56 -3.19 -4.36 -12.35
C SER A 56 -4.01 -4.77 -11.14
N VAL A 57 -3.51 -4.43 -9.94
CA VAL A 57 -4.19 -4.77 -8.70
C VAL A 57 -5.38 -3.83 -8.46
N TRP A 58 -5.09 -2.57 -8.17
CA TRP A 58 -6.13 -1.59 -7.92
C TRP A 58 -6.86 -1.23 -9.21
N HIS A 59 -7.84 -0.34 -9.11
CA HIS A 59 -8.62 0.08 -10.27
C HIS A 59 -9.57 1.23 -9.92
N PRO A 60 -9.03 2.34 -9.41
CA PRO A 60 -9.83 3.50 -9.04
C PRO A 60 -10.13 4.39 -10.23
N ALA A 61 -10.62 5.61 -9.97
CA ALA A 61 -10.95 6.55 -11.03
C ALA A 61 -9.68 7.11 -11.67
N ARG A 62 -8.98 7.98 -10.95
CA ARG A 62 -7.75 8.58 -11.44
C ARG A 62 -6.55 7.71 -11.10
N THR A 63 -5.41 7.98 -11.74
CA THR A 63 -4.20 7.23 -11.49
C THR A 63 -3.09 8.12 -10.98
N VAL A 64 -2.18 7.54 -10.19
CA VAL A 64 -1.06 8.28 -9.61
C VAL A 64 -1.55 9.17 -8.47
N SER A 65 -2.56 9.99 -8.75
CA SER A 65 -3.13 10.87 -7.75
C SER A 65 -3.74 10.06 -6.62
N GLN A 66 -4.28 8.89 -6.98
CA GLN A 66 -4.88 8.00 -6.00
C GLN A 66 -3.82 7.42 -5.08
N LEU A 67 -2.61 7.21 -5.63
CA LEU A 67 -1.51 6.67 -4.86
C LEU A 67 -1.07 7.67 -3.79
N TYR A 68 -0.85 8.90 -4.21
CA TYR A 68 -0.45 9.95 -3.30
C TYR A 68 -1.56 10.19 -2.27
N ASP A 69 -2.79 9.90 -2.67
CA ASP A 69 -3.93 10.09 -1.80
C ASP A 69 -3.89 9.14 -0.63
N HIS A 70 -3.68 7.86 -0.91
CA HIS A 70 -3.60 6.87 0.15
C HIS A 70 -2.20 6.85 0.76
N TRP A 71 -1.23 7.34 -0.01
CA TRP A 71 0.14 7.42 0.47
C TRP A 71 0.31 8.63 1.37
N ARG A 72 -0.46 9.68 1.09
CA ARG A 72 -0.41 10.88 1.90
C ARG A 72 -1.14 10.67 3.22
N GLY A 73 -2.33 10.09 3.12
CA GLY A 73 -3.12 9.82 4.31
C GLY A 73 -2.49 8.76 5.18
N THR A 74 -1.78 7.82 4.56
CA THR A 74 -1.12 6.74 5.29
C THR A 74 0.21 7.21 5.87
N LEU A 75 0.84 8.18 5.22
CA LEU A 75 2.13 8.70 5.68
C LEU A 75 2.31 10.16 5.28
N ARG A 76 1.52 11.04 5.89
CA ARG A 76 1.60 12.47 5.61
C ARG A 76 2.81 13.09 6.30
N TYR A 77 3.00 12.73 7.57
CA TYR A 77 4.11 13.26 8.36
C TYR A 77 5.27 12.27 8.38
N LYS A 78 6.25 12.54 9.24
CA LYS A 78 7.42 11.68 9.36
C LYS A 78 8.31 11.80 8.13
N VAL A 79 8.58 13.03 7.72
CA VAL A 79 9.43 13.28 6.55
C VAL A 79 10.85 13.67 6.97
N ILE A 80 11.77 13.58 6.03
CA ILE A 80 13.17 13.92 6.30
C ILE A 80 13.77 12.97 7.34
N GLN A 81 14.88 12.32 6.97
CA GLN A 81 15.55 11.39 7.86
C GLN A 81 16.45 12.13 8.84
N GLN A 82 16.93 13.30 8.43
CA GLN A 82 17.81 14.11 9.28
C GLN A 82 19.13 13.39 9.54
N GLN A 83 19.49 12.46 8.65
CA GLN A 83 20.73 11.71 8.80
C GLN A 83 20.80 11.03 10.16
N GLY A 84 20.28 9.81 10.23
CA GLY A 84 20.29 9.07 11.49
C GLY A 84 21.38 8.02 11.52
N TYR A 85 21.91 7.74 12.71
CA TYR A 85 22.97 6.75 12.87
C TYR A 85 23.16 6.39 14.34
N ARG A 86 23.68 5.19 14.60
CA ARG A 86 23.92 4.73 15.96
C ARG A 86 25.00 3.67 15.99
N GLY A 87 25.88 3.75 16.97
CA GLY A 87 26.96 2.79 17.09
C GLY A 87 27.87 3.07 18.27
N LYS A 88 29.18 3.07 18.03
CA LYS A 88 30.15 3.32 19.08
C LYS A 88 30.09 2.24 20.15
N ASN A 89 31.22 1.59 20.39
CA ASN A 89 31.30 0.54 21.39
C ASN A 89 32.63 0.59 22.15
N SER A 90 32.57 0.36 23.46
CA SER A 90 33.76 0.39 24.29
C SER A 90 33.57 -0.47 25.53
N VAL A 91 34.03 -1.71 25.47
CA VAL A 91 33.91 -2.63 26.60
C VAL A 91 35.18 -3.47 26.75
N ALA A 92 36.14 -2.96 27.50
CA ALA A 92 37.39 -3.66 27.73
C ALA A 92 38.12 -3.10 28.94
N ALA A 93 38.28 -3.92 29.96
CA ALA A 93 38.96 -3.51 31.19
C ALA A 93 40.30 -4.25 31.35
N ARG A 94 40.33 -5.49 30.89
CA ARG A 94 41.54 -6.31 30.98
C ARG A 94 41.68 -7.24 29.78
N SER A 95 42.84 -7.22 29.15
CA SER A 95 43.09 -8.05 27.98
C SER A 95 42.10 -7.75 26.86
N PRO A 96 42.25 -6.59 26.21
CA PRO A 96 41.36 -6.18 25.11
C PRO A 96 41.26 -7.23 24.02
N GLU A 97 42.33 -8.02 23.86
CA GLU A 97 42.37 -9.07 22.85
C GLU A 97 41.86 -10.39 23.43
N LYS A 98 40.55 -10.61 23.32
CA LYS A 98 39.94 -11.83 23.83
C LYS A 98 38.69 -12.18 23.02
N ALA A 99 38.70 -11.84 21.74
CA ALA A 99 37.56 -12.13 20.87
C ALA A 99 37.43 -13.63 20.60
N SER A 100 36.33 -14.20 21.06
CA SER A 100 36.08 -15.63 20.87
C SER A 100 34.96 -15.86 19.86
N ASN A 101 33.87 -15.12 20.01
CA ASN A 101 32.73 -15.24 19.10
C ASN A 101 32.81 -14.20 17.99
N MET A 102 33.16 -12.98 18.36
CA MET A 102 33.27 -11.88 17.39
C MET A 102 31.90 -11.51 16.83
N GLU A 103 31.34 -12.40 16.02
CA GLU A 103 30.02 -12.15 15.43
C GLU A 103 29.22 -13.45 15.34
N ASN A 104 28.66 -13.86 16.48
CA ASN A 104 27.87 -15.08 16.54
C ASN A 104 27.27 -15.28 17.93
N ASN A 105 25.95 -15.14 18.03
CA ASN A 105 25.27 -15.31 19.30
C ASN A 105 24.48 -16.62 19.33
N GLU A 106 23.55 -16.77 18.41
CA GLU A 106 22.74 -17.98 18.33
C GLU A 106 22.06 -18.09 16.97
N GLY A 1 -0.30 -7.36 20.29
CA GLY A 1 -1.67 -7.89 20.57
C GLY A 1 -2.08 -8.95 19.56
N PRO A 2 -2.24 -8.58 18.28
CA PRO A 2 -2.65 -9.51 17.22
C PRO A 2 -1.76 -10.76 17.20
N GLY A 3 -0.50 -10.60 17.61
CA GLY A 3 0.41 -11.72 17.63
C GLY A 3 1.31 -11.72 18.86
N SER A 4 2.14 -12.76 18.98
CA SER A 4 3.05 -12.87 20.11
C SER A 4 4.44 -13.31 19.65
N LEU A 5 5.37 -13.38 20.59
CA LEU A 5 6.73 -13.79 20.27
C LEU A 5 6.82 -15.30 20.12
N SER A 6 7.10 -15.76 18.91
CA SER A 6 7.21 -17.18 18.63
C SER A 6 8.68 -17.62 18.58
N ASN A 7 9.50 -16.80 17.95
CA ASN A 7 10.93 -17.10 17.83
C ASN A 7 11.74 -15.81 17.63
N PHE A 8 11.40 -15.07 16.59
CA PHE A 8 12.10 -13.83 16.28
C PHE A 8 11.22 -12.91 15.44
N ALA A 9 10.59 -13.48 14.42
CA ALA A 9 9.71 -12.71 13.53
C ALA A 9 10.51 -11.64 12.79
N ASN A 10 9.91 -11.10 11.72
CA ASN A 10 10.56 -10.06 10.93
C ASN A 10 9.62 -8.89 10.69
N VAL A 11 10.19 -7.70 10.57
CA VAL A 11 9.40 -6.49 10.35
C VAL A 11 9.36 -6.13 8.86
N GLY A 12 9.20 -7.16 8.02
CA GLY A 12 9.15 -6.93 6.59
C GLY A 12 10.20 -7.72 5.84
N VAL A 13 9.85 -8.18 4.64
CA VAL A 13 10.78 -8.95 3.82
C VAL A 13 11.26 -8.14 2.63
N GLY A 14 12.57 -8.05 2.46
CA GLY A 14 13.14 -7.29 1.35
C GLY A 14 14.11 -8.12 0.53
N THR A 15 13.66 -9.29 0.09
CA THR A 15 14.49 -10.18 -0.72
C THR A 15 13.66 -11.27 -1.37
N SER A 16 13.38 -11.11 -2.66
CA SER A 16 12.59 -12.09 -3.40
C SER A 16 12.75 -11.88 -4.90
N SER A 17 12.54 -12.95 -5.67
CA SER A 17 12.66 -12.88 -7.12
C SER A 17 12.11 -14.15 -7.76
N GLY A 18 11.98 -14.14 -9.09
CA GLY A 18 11.47 -15.29 -9.80
C GLY A 18 9.98 -15.20 -10.05
N LYS A 19 9.32 -16.36 -10.06
CA LYS A 19 7.89 -16.41 -10.29
C LYS A 19 7.13 -16.41 -8.96
N GLN A 20 6.65 -15.25 -8.55
CA GLN A 20 5.92 -15.12 -7.29
C GLN A 20 5.17 -13.80 -7.24
N LYS A 21 4.73 -13.32 -8.40
CA LYS A 21 4.00 -12.05 -8.49
C LYS A 21 2.51 -12.30 -8.73
N ARG A 22 2.02 -13.44 -8.24
CA ARG A 22 0.61 -13.79 -8.41
C ARG A 22 -0.11 -13.79 -7.07
N TYR A 23 -0.34 -12.59 -6.52
CA TYR A 23 -1.03 -12.45 -5.23
C TYR A 23 -1.87 -11.19 -5.22
N LYS A 24 -3.17 -11.35 -5.44
CA LYS A 24 -4.09 -10.22 -5.45
C LYS A 24 -5.12 -10.33 -4.33
N PHE A 25 -4.64 -10.49 -3.09
CA PHE A 25 -5.52 -10.62 -1.94
C PHE A 25 -6.47 -9.44 -1.83
N SER A 26 -7.57 -9.63 -1.12
CA SER A 26 -8.55 -8.56 -0.92
C SER A 26 -7.98 -7.52 0.03
N ALA A 27 -6.80 -7.03 -0.30
CA ALA A 27 -6.09 -6.05 0.50
C ALA A 27 -4.63 -5.96 0.05
N SER A 28 -4.13 -7.04 -0.56
CA SER A 28 -2.74 -7.06 -1.03
C SER A 28 -2.47 -5.89 -1.97
N GLU A 29 -3.51 -5.39 -2.61
CA GLU A 29 -3.38 -4.27 -3.54
C GLU A 29 -2.68 -3.08 -2.88
N ASP A 30 -3.20 -2.67 -1.73
CA ASP A 30 -2.63 -1.54 -0.99
C ASP A 30 -1.26 -1.90 -0.43
N GLU A 31 -1.10 -3.15 -0.02
CA GLU A 31 0.17 -3.62 0.54
C GLU A 31 1.22 -3.76 -0.56
N ALA A 32 0.77 -4.06 -1.77
CA ALA A 32 1.68 -4.21 -2.89
C ALA A 32 2.23 -2.86 -3.32
N ILE A 33 1.37 -1.85 -3.29
CA ILE A 33 1.78 -0.51 -3.67
C ILE A 33 2.75 0.06 -2.65
N ILE A 34 2.39 -0.04 -1.38
CA ILE A 34 3.24 0.48 -0.33
C ILE A 34 4.61 -0.17 -0.41
N LYS A 35 4.63 -1.46 -0.72
CA LYS A 35 5.88 -2.18 -0.89
C LYS A 35 6.53 -1.77 -2.20
N GLY A 36 5.68 -1.40 -3.17
CA GLY A 36 6.16 -0.98 -4.47
C GLY A 36 6.92 0.33 -4.41
N LEU A 37 6.32 1.31 -3.74
CA LEU A 37 6.92 2.63 -3.61
C LEU A 37 8.13 2.60 -2.67
N ALA A 38 8.07 1.72 -1.68
CA ALA A 38 9.15 1.59 -0.71
C ALA A 38 10.27 0.70 -1.24
N ARG A 39 10.05 0.07 -2.39
CA ARG A 39 11.06 -0.82 -2.97
C ARG A 39 11.50 -0.33 -4.36
N PHE A 40 10.58 0.27 -5.10
CA PHE A 40 10.88 0.76 -6.44
C PHE A 40 10.90 2.29 -6.49
N THR A 41 12.09 2.87 -6.28
CA THR A 41 12.25 4.32 -6.32
C THR A 41 13.70 4.70 -6.06
N LYS A 42 14.47 4.84 -7.14
CA LYS A 42 15.88 5.21 -7.03
C LYS A 42 16.18 6.41 -7.91
N GLY A 43 15.18 7.25 -8.14
CA GLY A 43 15.37 8.43 -8.96
C GLY A 43 14.75 9.67 -8.35
N GLN A 44 13.41 9.73 -8.36
CA GLN A 44 12.69 10.86 -7.81
C GLN A 44 11.18 10.69 -7.98
N GLN A 45 10.79 10.14 -9.12
CA GLN A 45 9.37 9.90 -9.40
C GLN A 45 9.13 8.51 -9.95
N ARG A 46 9.34 7.49 -9.11
CA ARG A 46 9.15 6.11 -9.51
C ARG A 46 7.80 5.59 -9.02
N PHE A 47 7.28 6.20 -7.95
CA PHE A 47 6.00 5.80 -7.38
C PHE A 47 4.95 5.58 -8.47
N GLN A 48 4.89 6.51 -9.42
CA GLN A 48 3.93 6.41 -10.51
C GLN A 48 4.29 5.25 -11.43
N GLN A 49 5.59 4.98 -11.55
CA GLN A 49 6.07 3.90 -12.39
C GLN A 49 5.59 2.56 -11.86
N ILE A 50 5.80 2.33 -10.56
CA ILE A 50 5.37 1.09 -9.93
C ILE A 50 3.86 0.95 -10.05
N TYR A 51 3.16 2.08 -9.93
CA TYR A 51 1.71 2.09 -10.04
C TYR A 51 1.28 1.55 -11.41
N TYR A 52 2.03 1.92 -12.44
CA TYR A 52 1.74 1.46 -13.79
C TYR A 52 1.84 -0.06 -13.86
N ALA A 53 3.02 -0.56 -13.54
CA ALA A 53 3.24 -2.01 -13.55
C ALA A 53 2.33 -2.69 -12.54
N TYR A 54 1.97 -1.95 -11.50
CA TYR A 54 1.10 -2.46 -10.45
C TYR A 54 -0.36 -2.46 -10.89
N ARG A 55 -0.65 -1.81 -12.03
CA ARG A 55 -2.01 -1.76 -12.55
C ARG A 55 -2.61 -3.15 -12.68
N SER A 56 -1.76 -4.14 -12.93
CA SER A 56 -2.21 -5.52 -13.08
C SER A 56 -2.81 -6.04 -11.77
N VAL A 57 -2.32 -5.53 -10.65
CA VAL A 57 -2.82 -5.94 -9.34
C VAL A 57 -4.14 -5.26 -9.01
N TRP A 58 -4.15 -3.93 -9.07
CA TRP A 58 -5.36 -3.16 -8.78
C TRP A 58 -6.12 -2.84 -10.07
N HIS A 59 -7.03 -1.88 -9.99
CA HIS A 59 -7.82 -1.47 -11.14
C HIS A 59 -7.01 -0.56 -12.06
N PRO A 60 -6.71 -1.00 -13.29
CA PRO A 60 -5.94 -0.20 -14.25
C PRO A 60 -6.51 1.20 -14.44
N ALA A 61 -5.68 2.20 -14.19
CA ALA A 61 -6.09 3.59 -14.33
C ALA A 61 -4.94 4.55 -14.03
N ARG A 62 -5.04 5.77 -14.55
CA ARG A 62 -4.00 6.78 -14.34
C ARG A 62 -4.30 7.58 -13.07
N THR A 63 -4.49 6.88 -11.96
CA THR A 63 -4.78 7.53 -10.68
C THR A 63 -3.52 7.65 -9.84
N VAL A 64 -2.44 8.14 -10.44
CA VAL A 64 -1.18 8.31 -9.73
C VAL A 64 -1.39 9.15 -8.47
N SER A 65 -2.29 10.12 -8.57
CA SER A 65 -2.60 10.98 -7.43
C SER A 65 -3.10 10.14 -6.27
N GLN A 66 -3.95 9.18 -6.59
CA GLN A 66 -4.49 8.28 -5.58
C GLN A 66 -3.35 7.52 -4.90
N LEU A 67 -2.35 7.16 -5.70
CA LEU A 67 -1.18 6.45 -5.19
C LEU A 67 -0.51 7.26 -4.09
N TYR A 68 -0.32 8.54 -4.36
CA TYR A 68 0.29 9.44 -3.39
C TYR A 68 -0.62 9.54 -2.15
N ASP A 69 -1.92 9.35 -2.37
CA ASP A 69 -2.88 9.42 -1.28
C ASP A 69 -2.66 8.31 -0.27
N HIS A 70 -2.55 7.07 -0.75
CA HIS A 70 -2.32 5.94 0.13
C HIS A 70 -0.89 5.95 0.63
N TRP A 71 0.00 6.41 -0.25
CA TRP A 71 1.42 6.49 0.08
C TRP A 71 1.68 7.60 1.09
N ARG A 72 0.88 8.67 1.01
CA ARG A 72 1.02 9.79 1.91
C ARG A 72 0.37 9.48 3.27
N GLY A 73 -0.66 8.64 3.24
CA GLY A 73 -1.34 8.27 4.46
C GLY A 73 -0.59 7.21 5.24
N THR A 74 0.20 6.41 4.53
CA THR A 74 0.97 5.34 5.15
C THR A 74 2.30 5.88 5.68
N LEU A 75 2.90 6.79 4.92
CA LEU A 75 4.18 7.39 5.31
C LEU A 75 3.97 8.71 6.06
N ARG A 76 3.33 9.67 5.38
CA ARG A 76 3.07 10.98 5.96
C ARG A 76 4.23 11.48 6.80
N TYR A 77 4.18 11.23 8.12
CA TYR A 77 5.24 11.66 9.02
C TYR A 77 4.89 11.29 10.47
N LYS A 78 5.89 10.81 11.19
CA LYS A 78 5.70 10.42 12.59
C LYS A 78 6.87 10.87 13.44
N VAL A 79 8.04 10.31 13.18
CA VAL A 79 9.26 10.66 13.93
C VAL A 79 10.49 10.61 13.03
N ILE A 80 10.84 11.76 12.47
CA ILE A 80 12.00 11.85 11.59
C ILE A 80 13.29 11.62 12.37
N GLN A 81 13.35 12.15 13.58
CA GLN A 81 14.52 12.00 14.43
C GLN A 81 14.26 11.02 15.56
N GLN A 82 14.69 9.77 15.38
CA GLN A 82 14.50 8.74 16.40
C GLN A 82 15.57 8.83 17.47
N GLN A 83 15.31 9.63 18.50
CA GLN A 83 16.24 9.81 19.59
C GLN A 83 15.51 10.01 20.92
N GLY A 84 14.73 11.09 21.00
CA GLY A 84 13.98 11.37 22.21
C GLY A 84 14.68 12.39 23.09
N TYR A 85 15.73 11.97 23.78
CA TYR A 85 16.49 12.85 24.65
C TYR A 85 17.33 13.83 23.85
N ARG A 86 17.05 15.12 24.00
CA ARG A 86 17.78 16.15 23.27
C ARG A 86 18.80 16.82 24.19
N GLY A 87 18.34 17.26 25.36
CA GLY A 87 19.23 17.91 26.30
C GLY A 87 18.64 17.98 27.71
N LYS A 88 18.07 19.13 28.04
CA LYS A 88 17.46 19.33 29.36
C LYS A 88 16.32 20.33 29.29
N ASN A 89 15.74 20.65 30.44
CA ASN A 89 14.62 21.59 30.51
C ASN A 89 13.41 21.04 29.78
N SER A 90 12.54 20.36 30.51
CA SER A 90 11.33 19.78 29.94
C SER A 90 10.09 20.55 30.41
N VAL A 91 9.06 20.56 29.57
CA VAL A 91 7.82 21.25 29.90
C VAL A 91 6.80 20.29 30.51
N ALA A 92 6.84 19.04 30.08
CA ALA A 92 5.93 18.03 30.59
C ALA A 92 6.43 16.62 30.28
N ALA A 93 5.75 15.62 30.84
CA ALA A 93 6.12 14.23 30.62
C ALA A 93 5.34 13.63 29.46
N ARG A 94 4.04 13.93 29.41
CA ARG A 94 3.18 13.41 28.35
C ARG A 94 3.45 14.12 27.03
N SER A 95 4.06 13.40 26.09
CA SER A 95 4.38 13.97 24.78
C SER A 95 3.11 14.30 24.01
N PRO A 96 2.27 13.30 23.72
CA PRO A 96 1.02 13.50 22.98
C PRO A 96 0.01 14.34 23.76
N GLU A 97 -0.56 15.34 23.10
CA GLU A 97 -1.54 16.21 23.73
C GLU A 97 -2.81 15.45 24.08
N LYS A 98 -3.37 14.75 23.10
CA LYS A 98 -4.59 13.97 23.29
C LYS A 98 -4.28 12.48 23.35
N ALA A 99 -4.81 11.81 24.37
CA ALA A 99 -4.58 10.38 24.54
C ALA A 99 -5.38 9.83 25.71
N SER A 100 -6.07 8.71 25.49
CA SER A 100 -6.88 8.10 26.53
C SER A 100 -6.35 6.70 26.87
N ASN A 101 -5.71 6.59 28.03
CA ASN A 101 -5.15 5.31 28.47
C ASN A 101 -5.87 4.81 29.73
N MET A 102 -5.58 3.58 30.12
CA MET A 102 -6.18 2.98 31.30
C MET A 102 -5.34 1.83 31.84
N GLU A 103 -4.02 1.96 31.70
CA GLU A 103 -3.09 0.93 32.15
C GLU A 103 -3.31 -0.38 31.39
N ASN A 104 -2.21 -1.04 31.04
CA ASN A 104 -2.28 -2.30 30.32
C ASN A 104 -1.17 -3.25 30.76
N ASN A 105 0.06 -2.72 30.83
CA ASN A 105 1.20 -3.52 31.24
C ASN A 105 2.23 -2.66 31.98
N GLU A 106 1.94 -2.34 33.24
CA GLU A 106 2.84 -1.52 34.04
C GLU A 106 3.32 -2.29 35.26
N GLY A 1 -31.99 -44.24 8.41
CA GLY A 1 -30.60 -44.23 7.88
C GLY A 1 -29.69 -43.29 8.66
N PRO A 2 -28.38 -43.61 8.74
CA PRO A 2 -27.42 -42.78 9.46
C PRO A 2 -27.10 -41.48 8.73
N GLY A 3 -26.88 -41.58 7.42
CA GLY A 3 -26.58 -40.41 6.62
C GLY A 3 -25.18 -39.89 6.89
N SER A 4 -24.19 -40.58 6.37
CA SER A 4 -22.79 -40.18 6.54
C SER A 4 -22.49 -38.91 5.76
N LEU A 5 -22.86 -38.90 4.49
CA LEU A 5 -22.63 -37.75 3.62
C LEU A 5 -23.59 -36.61 3.97
N SER A 6 -23.04 -35.47 4.33
CA SER A 6 -23.85 -34.30 4.69
C SER A 6 -24.48 -33.69 3.45
N ASN A 7 -23.66 -33.02 2.64
CA ASN A 7 -24.14 -32.38 1.42
C ASN A 7 -23.29 -32.80 0.22
N PHE A 8 -22.04 -32.37 0.21
CA PHE A 8 -21.13 -32.69 -0.88
C PHE A 8 -19.76 -33.11 -0.34
N ALA A 9 -19.03 -33.90 -1.13
CA ALA A 9 -17.71 -34.38 -0.72
C ALA A 9 -16.62 -33.72 -1.56
N ASN A 10 -15.39 -33.77 -1.06
CA ASN A 10 -14.25 -33.19 -1.77
C ASN A 10 -13.58 -34.21 -2.67
N VAL A 11 -13.90 -34.16 -3.96
CA VAL A 11 -13.32 -35.08 -4.93
C VAL A 11 -13.02 -34.38 -6.24
N GLY A 12 -11.78 -34.47 -6.69
CA GLY A 12 -11.38 -33.84 -7.93
C GLY A 12 -9.88 -33.87 -8.15
N VAL A 13 -9.45 -33.51 -9.35
CA VAL A 13 -8.03 -33.51 -9.69
C VAL A 13 -7.40 -32.15 -9.37
N GLY A 14 -8.16 -31.08 -9.60
CA GLY A 14 -7.66 -29.75 -9.34
C GLY A 14 -7.24 -29.02 -10.60
N THR A 15 -5.93 -28.89 -10.80
CA THR A 15 -5.40 -28.21 -11.97
C THR A 15 -5.88 -26.76 -12.02
N SER A 16 -5.18 -25.94 -12.81
CA SER A 16 -5.53 -24.53 -12.94
C SER A 16 -6.13 -24.25 -14.30
N SER A 17 -7.42 -23.89 -14.32
CA SER A 17 -8.12 -23.60 -15.57
C SER A 17 -7.60 -22.32 -16.19
N GLY A 18 -7.95 -21.18 -15.57
CA GLY A 18 -7.51 -19.90 -16.09
C GLY A 18 -7.69 -18.79 -15.07
N LYS A 19 -8.91 -18.23 -15.02
CA LYS A 19 -9.20 -17.14 -14.09
C LYS A 19 -8.31 -15.93 -14.35
N GLN A 20 -8.65 -14.81 -13.73
CA GLN A 20 -7.88 -13.58 -13.91
C GLN A 20 -7.75 -12.83 -12.58
N LYS A 21 -7.67 -13.58 -11.49
CA LYS A 21 -7.54 -13.00 -10.16
C LYS A 21 -6.39 -13.63 -9.39
N ARG A 22 -5.21 -13.04 -9.50
CA ARG A 22 -4.03 -13.54 -8.82
C ARG A 22 -3.51 -12.52 -7.81
N TYR A 23 -3.86 -12.72 -6.55
CA TYR A 23 -3.43 -11.82 -5.47
C TYR A 23 -3.97 -10.41 -5.70
N LYS A 24 -5.15 -10.33 -6.30
CA LYS A 24 -5.79 -9.04 -6.58
C LYS A 24 -6.91 -8.76 -5.59
N PHE A 25 -6.60 -8.86 -4.31
CA PHE A 25 -7.58 -8.62 -3.27
C PHE A 25 -8.12 -7.20 -3.35
N SER A 26 -9.35 -7.00 -2.88
CA SER A 26 -9.97 -5.68 -2.89
C SER A 26 -9.33 -4.82 -1.82
N ALA A 27 -8.01 -4.76 -1.85
CA ALA A 27 -7.22 -4.00 -0.90
C ALA A 27 -5.74 -4.37 -1.03
N SER A 28 -5.48 -5.59 -1.51
CA SER A 28 -4.10 -6.05 -1.69
C SER A 28 -3.28 -5.01 -2.47
N GLU A 29 -3.97 -4.22 -3.30
CA GLU A 29 -3.32 -3.19 -4.09
C GLU A 29 -2.40 -2.33 -3.22
N ASP A 30 -2.92 -1.89 -2.08
CA ASP A 30 -2.13 -1.07 -1.16
C ASP A 30 -0.85 -1.78 -0.77
N GLU A 31 -0.94 -3.09 -0.56
CA GLU A 31 0.20 -3.89 -0.20
C GLU A 31 1.22 -3.93 -1.34
N ALA A 32 0.70 -3.83 -2.57
CA ALA A 32 1.56 -3.85 -3.74
C ALA A 32 2.40 -2.57 -3.80
N ILE A 33 1.79 -1.46 -3.43
CA ILE A 33 2.49 -0.18 -3.44
C ILE A 33 3.63 -0.18 -2.43
N ILE A 34 3.31 -0.57 -1.21
CA ILE A 34 4.30 -0.63 -0.14
C ILE A 34 5.45 -1.54 -0.52
N LYS A 35 5.12 -2.65 -1.17
CA LYS A 35 6.13 -3.61 -1.61
C LYS A 35 6.98 -2.98 -2.70
N GLY A 36 6.34 -2.25 -3.60
CA GLY A 36 7.05 -1.59 -4.68
C GLY A 36 8.01 -0.54 -4.15
N LEU A 37 7.51 0.33 -3.28
CA LEU A 37 8.32 1.39 -2.70
C LEU A 37 9.50 0.79 -1.94
N ALA A 38 9.29 -0.39 -1.37
CA ALA A 38 10.35 -1.06 -0.62
C ALA A 38 11.50 -1.48 -1.52
N ARG A 39 11.19 -1.76 -2.78
CA ARG A 39 12.20 -2.18 -3.74
C ARG A 39 12.32 -1.17 -4.89
N PHE A 40 11.98 0.09 -4.62
CA PHE A 40 12.05 1.13 -5.62
C PHE A 40 12.13 2.52 -4.96
N THR A 41 11.53 3.54 -5.58
CA THR A 41 11.54 4.90 -5.04
C THR A 41 12.93 5.30 -4.56
N LYS A 42 13.76 5.76 -5.50
CA LYS A 42 15.11 6.19 -5.19
C LYS A 42 15.43 7.50 -5.91
N GLY A 43 14.38 8.24 -6.28
CA GLY A 43 14.55 9.50 -6.97
C GLY A 43 13.72 9.58 -8.24
N GLN A 44 13.40 10.80 -8.66
CA GLN A 44 12.60 11.02 -9.87
C GLN A 44 11.16 10.55 -9.69
N GLN A 45 10.79 10.25 -8.44
CA GLN A 45 9.42 9.80 -8.15
C GLN A 45 9.12 8.49 -8.86
N ARG A 46 9.19 7.39 -8.11
CA ARG A 46 8.93 6.07 -8.65
C ARG A 46 7.48 5.64 -8.39
N PHE A 47 6.87 6.24 -7.37
CA PHE A 47 5.49 5.92 -7.00
C PHE A 47 4.58 5.82 -8.22
N GLN A 48 4.74 6.74 -9.15
CA GLN A 48 3.92 6.75 -10.36
C GLN A 48 4.27 5.58 -11.27
N GLN A 49 5.56 5.41 -11.54
CA GLN A 49 6.02 4.33 -12.40
C GLN A 49 5.59 2.97 -11.85
N ILE A 50 5.86 2.76 -10.56
CA ILE A 50 5.49 1.50 -9.91
C ILE A 50 3.99 1.27 -10.00
N TYR A 51 3.23 2.36 -9.88
CA TYR A 51 1.78 2.28 -9.97
C TYR A 51 1.36 1.63 -11.28
N TYR A 52 1.93 2.12 -12.37
CA TYR A 52 1.62 1.61 -13.70
C TYR A 52 2.02 0.14 -13.81
N ALA A 53 3.11 -0.23 -13.14
CA ALA A 53 3.59 -1.61 -13.19
C ALA A 53 2.59 -2.56 -12.53
N TYR A 54 2.20 -2.25 -11.30
CA TYR A 54 1.24 -3.07 -10.57
C TYR A 54 -0.19 -2.82 -11.04
N ARG A 55 -0.36 -1.95 -12.03
CA ARG A 55 -1.69 -1.63 -12.56
C ARG A 55 -2.45 -2.90 -12.95
N SER A 56 -1.71 -3.96 -13.26
CA SER A 56 -2.32 -5.21 -13.65
C SER A 56 -3.19 -5.76 -12.51
N VAL A 57 -2.86 -5.37 -11.29
CA VAL A 57 -3.62 -5.82 -10.12
C VAL A 57 -4.96 -5.10 -10.03
N TRP A 58 -4.91 -3.82 -9.65
CA TRP A 58 -6.11 -3.02 -9.52
C TRP A 58 -6.22 -1.99 -10.63
N HIS A 59 -7.40 -1.42 -10.81
CA HIS A 59 -7.63 -0.43 -11.85
C HIS A 59 -8.82 0.46 -11.50
N PRO A 60 -8.72 1.23 -10.40
CA PRO A 60 -9.80 2.13 -9.97
C PRO A 60 -10.21 3.12 -11.06
N ALA A 61 -10.96 4.14 -10.67
CA ALA A 61 -11.42 5.15 -11.61
C ALA A 61 -10.29 6.12 -11.97
N ARG A 62 -9.43 6.39 -10.99
CA ARG A 62 -8.30 7.28 -11.20
C ARG A 62 -7.04 6.74 -10.54
N THR A 63 -5.94 6.78 -11.28
CA THR A 63 -4.66 6.28 -10.76
C THR A 63 -3.77 7.43 -10.30
N VAL A 64 -2.69 7.08 -9.62
CA VAL A 64 -1.74 8.07 -9.10
C VAL A 64 -2.36 8.86 -7.95
N SER A 65 -3.53 9.43 -8.19
CA SER A 65 -4.23 10.19 -7.16
C SER A 65 -4.44 9.31 -5.93
N GLN A 66 -4.90 8.09 -6.17
CA GLN A 66 -5.11 7.13 -5.09
C GLN A 66 -3.79 6.82 -4.42
N LEU A 67 -2.74 6.72 -5.24
CA LEU A 67 -1.39 6.45 -4.75
C LEU A 67 -1.01 7.48 -3.71
N TYR A 68 -1.19 8.74 -4.06
CA TYR A 68 -0.89 9.83 -3.16
C TYR A 68 -1.76 9.74 -1.91
N ASP A 69 -2.95 9.17 -2.08
CA ASP A 69 -3.88 9.02 -0.97
C ASP A 69 -3.32 8.07 0.09
N HIS A 70 -2.84 6.91 -0.34
CA HIS A 70 -2.26 5.95 0.58
C HIS A 70 -0.85 6.39 0.96
N TRP A 71 -0.20 7.09 0.04
CA TRP A 71 1.15 7.59 0.27
C TRP A 71 1.12 8.79 1.22
N ARG A 72 0.02 9.53 1.19
CA ARG A 72 -0.12 10.69 2.07
C ARG A 72 -0.48 10.26 3.48
N GLY A 73 -1.35 9.26 3.57
CA GLY A 73 -1.76 8.75 4.87
C GLY A 73 -0.67 7.96 5.55
N THR A 74 0.21 7.34 4.75
CA THR A 74 1.30 6.55 5.28
C THR A 74 2.43 7.45 5.78
N LEU A 75 2.82 8.43 4.96
CA LEU A 75 3.88 9.35 5.32
C LEU A 75 3.72 10.69 4.60
N ARG A 76 2.80 11.51 5.09
CA ARG A 76 2.55 12.82 4.49
C ARG A 76 3.70 13.78 4.77
N TYR A 77 4.12 14.51 3.74
CA TYR A 77 5.21 15.47 3.87
C TYR A 77 4.89 16.77 3.13
N LYS A 78 4.17 17.66 3.80
CA LYS A 78 3.79 18.94 3.20
C LYS A 78 4.45 20.09 3.96
N VAL A 79 4.21 20.15 5.27
CA VAL A 79 4.78 21.20 6.10
C VAL A 79 5.35 20.63 7.39
N ILE A 80 4.57 19.78 8.06
CA ILE A 80 5.01 19.17 9.30
C ILE A 80 4.87 17.64 9.24
N GLN A 81 5.82 16.94 9.85
CA GLN A 81 5.80 15.49 9.85
C GLN A 81 4.58 14.96 10.60
N GLN A 82 3.45 14.87 9.90
CA GLN A 82 2.21 14.39 10.49
C GLN A 82 1.76 15.30 11.63
N GLN A 83 0.44 15.36 11.84
CA GLN A 83 -0.11 16.20 12.90
C GLN A 83 -1.16 15.42 13.70
N GLY A 84 -0.70 14.68 14.69
CA GLY A 84 -1.60 13.90 15.52
C GLY A 84 -1.28 14.02 17.00
N TYR A 85 -2.01 13.27 17.83
CA TYR A 85 -1.79 13.30 19.26
C TYR A 85 -1.18 11.99 19.75
N ARG A 86 0.02 12.09 20.34
CA ARG A 86 0.71 10.91 20.85
C ARG A 86 1.00 9.92 19.72
N GLY A 87 2.05 10.20 18.94
CA GLY A 87 2.40 9.33 17.84
C GLY A 87 3.08 8.06 18.31
N LYS A 88 2.28 7.05 18.64
CA LYS A 88 2.81 5.77 19.11
C LYS A 88 1.70 4.73 19.19
N ASN A 89 2.10 3.46 19.32
CA ASN A 89 1.14 2.37 19.41
C ASN A 89 0.27 2.31 18.16
N SER A 90 0.71 1.53 17.17
CA SER A 90 -0.03 1.38 15.92
C SER A 90 -0.51 -0.07 15.75
N VAL A 91 -1.72 -0.22 15.23
CA VAL A 91 -2.29 -1.54 15.01
C VAL A 91 -3.16 -1.56 13.76
N ALA A 92 -3.35 -2.74 13.18
CA ALA A 92 -4.16 -2.90 11.98
C ALA A 92 -4.59 -4.34 11.79
N ALA A 93 -5.38 -4.59 10.75
CA ALA A 93 -5.86 -5.93 10.45
C ALA A 93 -5.23 -6.47 9.16
N ARG A 94 -4.05 -7.07 9.30
CA ARG A 94 -3.34 -7.62 8.15
C ARG A 94 -2.96 -6.53 7.15
N SER A 95 -3.93 -6.13 6.33
CA SER A 95 -3.71 -5.09 5.33
C SER A 95 -4.66 -3.92 5.53
N PRO A 96 -4.18 -2.81 6.14
CA PRO A 96 -5.00 -1.62 6.38
C PRO A 96 -5.73 -1.15 5.13
N GLU A 97 -6.48 -0.07 5.27
CA GLU A 97 -7.23 0.49 4.14
C GLU A 97 -7.57 1.95 4.37
N LYS A 98 -8.53 2.20 5.26
CA LYS A 98 -8.94 3.56 5.58
C LYS A 98 -9.87 3.58 6.79
N ALA A 99 -10.80 2.63 6.83
CA ALA A 99 -11.74 2.54 7.94
C ALA A 99 -12.14 1.09 8.20
N SER A 100 -12.88 0.52 7.26
CA SER A 100 -13.33 -0.87 7.39
C SER A 100 -13.63 -1.47 6.02
N ASN A 101 -14.70 -0.99 5.39
CA ASN A 101 -15.09 -1.50 4.07
C ASN A 101 -15.49 -0.34 3.17
N MET A 102 -16.56 0.37 3.54
CA MET A 102 -17.05 1.49 2.76
C MET A 102 -17.42 2.67 3.66
N GLU A 103 -18.24 2.39 4.67
CA GLU A 103 -18.67 3.43 5.60
C GLU A 103 -19.63 2.85 6.64
N ASN A 104 -19.37 3.16 7.91
CA ASN A 104 -20.22 2.68 9.00
C ASN A 104 -21.20 3.75 9.45
N ASN A 105 -21.69 4.54 8.50
CA ASN A 105 -22.63 5.61 8.80
C ASN A 105 -23.96 5.37 8.10
N GLU A 106 -24.35 4.11 7.96
CA GLU A 106 -25.60 3.75 7.30
C GLU A 106 -26.40 2.77 8.16
N GLY A 1 1.63 -8.23 -25.44
CA GLY A 1 1.11 -9.07 -26.56
C GLY A 1 -0.40 -9.02 -26.67
N PRO A 2 -1.12 -9.82 -25.87
CA PRO A 2 -2.58 -9.86 -25.88
C PRO A 2 -3.20 -8.57 -25.32
N GLY A 3 -4.39 -8.23 -25.81
CA GLY A 3 -5.07 -7.04 -25.33
C GLY A 3 -5.66 -6.24 -26.47
N SER A 4 -6.72 -6.77 -27.08
CA SER A 4 -7.38 -6.09 -28.19
C SER A 4 -8.84 -6.53 -28.31
N LEU A 5 -9.05 -7.85 -28.31
CA LEU A 5 -10.39 -8.40 -28.42
C LEU A 5 -10.98 -8.66 -27.04
N SER A 6 -10.21 -9.33 -26.18
CA SER A 6 -10.66 -9.64 -24.84
C SER A 6 -11.91 -10.51 -24.86
N ASN A 7 -12.36 -10.94 -23.69
CA ASN A 7 -13.55 -11.77 -23.58
C ASN A 7 -14.73 -10.98 -23.05
N PHE A 8 -15.86 -11.06 -23.77
CA PHE A 8 -17.06 -10.35 -23.37
C PHE A 8 -18.02 -11.28 -22.62
N ALA A 9 -17.65 -11.62 -21.39
CA ALA A 9 -18.47 -12.50 -20.56
C ALA A 9 -18.40 -12.10 -19.10
N ASN A 10 -19.05 -10.98 -18.77
CA ASN A 10 -19.07 -10.49 -17.40
C ASN A 10 -20.47 -10.04 -17.00
N VAL A 11 -21.11 -9.27 -17.87
CA VAL A 11 -22.46 -8.78 -17.61
C VAL A 11 -23.47 -9.43 -18.55
N GLY A 12 -24.29 -10.33 -18.00
CA GLY A 12 -25.28 -11.00 -18.81
C GLY A 12 -25.53 -12.42 -18.34
N VAL A 13 -24.48 -13.08 -17.86
CA VAL A 13 -24.59 -14.45 -17.39
C VAL A 13 -24.69 -14.50 -15.87
N GLY A 14 -23.74 -13.85 -15.20
CA GLY A 14 -23.73 -13.82 -13.75
C GLY A 14 -23.34 -12.47 -13.20
N THR A 15 -23.11 -12.41 -11.88
CA THR A 15 -22.72 -11.18 -11.21
C THR A 15 -23.55 -9.99 -11.71
N SER A 16 -24.69 -9.75 -11.05
CA SER A 16 -25.56 -8.65 -11.43
C SER A 16 -24.95 -7.31 -11.03
N SER A 17 -25.72 -6.23 -11.19
CA SER A 17 -25.26 -4.90 -10.85
C SER A 17 -24.04 -4.51 -11.68
N GLY A 18 -23.84 -3.21 -11.86
CA GLY A 18 -22.70 -2.74 -12.63
C GLY A 18 -21.72 -1.94 -11.79
N LYS A 19 -22.25 -1.14 -10.86
CA LYS A 19 -21.41 -0.32 -10.00
C LYS A 19 -20.99 -1.09 -8.76
N GLN A 20 -19.71 -1.45 -8.69
CA GLN A 20 -19.18 -2.20 -7.55
C GLN A 20 -18.35 -1.28 -6.65
N LYS A 21 -18.52 -1.46 -5.34
CA LYS A 21 -17.79 -0.66 -4.36
C LYS A 21 -17.40 -1.49 -3.14
N ARG A 22 -17.11 -2.77 -3.39
CA ARG A 22 -16.73 -3.67 -2.31
C ARG A 22 -15.39 -4.34 -2.61
N TYR A 23 -14.36 -3.96 -1.86
CA TYR A 23 -13.02 -4.52 -2.05
C TYR A 23 -12.34 -4.74 -0.71
N LYS A 24 -12.15 -3.68 0.05
CA LYS A 24 -11.50 -3.76 1.36
C LYS A 24 -10.06 -4.23 1.23
N PHE A 25 -9.86 -5.55 1.18
CA PHE A 25 -8.52 -6.11 1.06
C PHE A 25 -7.69 -5.72 2.29
N SER A 26 -6.92 -6.66 2.81
CA SER A 26 -6.09 -6.37 3.97
C SER A 26 -4.94 -5.47 3.56
N ALA A 27 -5.28 -4.26 3.13
CA ALA A 27 -4.28 -3.31 2.67
C ALA A 27 -3.52 -3.89 1.48
N SER A 28 -4.15 -4.82 0.77
CA SER A 28 -3.53 -5.46 -0.39
C SER A 28 -3.02 -4.41 -1.39
N GLU A 29 -3.62 -3.23 -1.35
CA GLU A 29 -3.21 -2.15 -2.25
C GLU A 29 -1.95 -1.49 -1.70
N ASP A 30 -2.02 -1.08 -0.44
CA ASP A 30 -0.89 -0.43 0.21
C ASP A 30 0.30 -1.39 0.29
N GLU A 31 0.00 -2.69 0.34
CA GLU A 31 1.03 -3.71 0.41
C GLU A 31 1.76 -3.82 -0.93
N ALA A 32 1.05 -3.52 -2.01
CA ALA A 32 1.63 -3.58 -3.34
C ALA A 32 2.53 -2.37 -3.59
N ILE A 33 2.12 -1.22 -3.06
CA ILE A 33 2.91 -0.01 -3.24
C ILE A 33 4.18 -0.06 -2.39
N ILE A 34 4.04 -0.55 -1.16
CA ILE A 34 5.19 -0.65 -0.28
C ILE A 34 6.18 -1.68 -0.81
N LYS A 35 5.65 -2.78 -1.34
CA LYS A 35 6.48 -3.83 -1.91
C LYS A 35 7.07 -3.36 -3.23
N GLY A 36 6.26 -2.61 -3.99
CA GLY A 36 6.71 -2.10 -5.26
C GLY A 36 7.85 -1.11 -5.11
N LEU A 37 7.64 -0.12 -4.25
CA LEU A 37 8.65 0.89 -3.99
C LEU A 37 9.92 0.25 -3.44
N ALA A 38 9.74 -0.77 -2.61
CA ALA A 38 10.87 -1.48 -2.02
C ALA A 38 11.72 -2.17 -3.09
N ARG A 39 11.09 -2.47 -4.22
CA ARG A 39 11.78 -3.13 -5.32
C ARG A 39 11.73 -2.29 -6.59
N PHE A 40 11.61 -0.97 -6.43
CA PHE A 40 11.56 -0.06 -7.57
C PHE A 40 12.01 1.34 -7.17
N THR A 41 13.32 1.58 -7.27
CA THR A 41 13.88 2.88 -6.91
C THR A 41 15.10 3.20 -7.77
N LYS A 42 14.86 3.57 -9.02
CA LYS A 42 15.94 3.90 -9.94
C LYS A 42 15.86 5.37 -10.37
N GLY A 43 14.64 5.88 -10.50
CA GLY A 43 14.46 7.26 -10.90
C GLY A 43 13.98 8.14 -9.77
N GLN A 44 13.54 9.35 -10.10
CA GLN A 44 13.05 10.29 -9.10
C GLN A 44 11.52 10.30 -9.06
N GLN A 45 10.92 9.15 -9.37
CA GLN A 45 9.47 9.03 -9.38
C GLN A 45 9.05 7.57 -9.28
N ARG A 46 9.28 6.97 -8.12
CA ARG A 46 8.93 5.57 -7.90
C ARG A 46 7.44 5.40 -7.66
N PHE A 47 6.83 6.41 -7.04
CA PHE A 47 5.40 6.38 -6.75
C PHE A 47 4.58 6.25 -8.02
N GLN A 48 4.92 7.06 -9.03
CA GLN A 48 4.20 7.03 -10.30
C GLN A 48 4.49 5.74 -11.07
N GLN A 49 5.77 5.45 -11.26
CA GLN A 49 6.18 4.25 -11.97
C GLN A 49 5.62 2.99 -11.32
N ILE A 50 5.76 2.90 -10.00
CA ILE A 50 5.28 1.74 -9.26
C ILE A 50 3.77 1.59 -9.40
N TYR A 51 3.06 2.71 -9.37
CA TYR A 51 1.61 2.70 -9.49
C TYR A 51 1.18 2.07 -10.80
N TYR A 52 1.87 2.43 -11.87
CA TYR A 52 1.57 1.89 -13.19
C TYR A 52 1.89 0.40 -13.29
N ALA A 53 2.94 -0.02 -12.59
CA ALA A 53 3.35 -1.41 -12.60
C ALA A 53 2.35 -2.28 -11.85
N TYR A 54 2.04 -1.90 -10.63
CA TYR A 54 1.08 -2.64 -9.81
C TYR A 54 -0.36 -2.32 -10.21
N ARG A 55 -0.52 -1.43 -11.19
CA ARG A 55 -1.85 -1.03 -11.66
C ARG A 55 -2.68 -2.24 -12.05
N SER A 56 -2.00 -3.35 -12.39
CA SER A 56 -2.70 -4.58 -12.77
C SER A 56 -3.70 -4.99 -11.71
N VAL A 57 -3.43 -4.62 -10.46
CA VAL A 57 -4.31 -4.96 -9.35
C VAL A 57 -5.33 -3.86 -9.11
N TRP A 58 -4.85 -2.68 -8.74
CA TRP A 58 -5.72 -1.55 -8.48
C TRP A 58 -5.56 -0.48 -9.56
N HIS A 59 -6.59 -0.35 -10.40
CA HIS A 59 -6.57 0.62 -11.48
C HIS A 59 -7.78 1.54 -11.42
N PRO A 60 -7.94 2.28 -10.30
CA PRO A 60 -9.06 3.20 -10.11
C PRO A 60 -8.95 4.44 -10.99
N ALA A 61 -9.84 5.41 -10.78
CA ALA A 61 -9.84 6.64 -11.54
C ALA A 61 -8.67 7.54 -11.14
N ARG A 62 -8.13 8.27 -12.11
CA ARG A 62 -7.00 9.16 -11.85
C ARG A 62 -5.80 8.39 -11.34
N THR A 63 -4.77 8.29 -12.15
CA THR A 63 -3.55 7.56 -11.77
C THR A 63 -2.57 8.50 -11.09
N VAL A 64 -1.66 7.92 -10.30
CA VAL A 64 -0.66 8.68 -9.56
C VAL A 64 -1.31 9.46 -8.43
N SER A 65 -2.35 10.23 -8.75
CA SER A 65 -3.07 10.99 -7.74
C SER A 65 -3.60 10.04 -6.68
N GLN A 66 -4.12 8.90 -7.15
CA GLN A 66 -4.63 7.89 -6.25
C GLN A 66 -3.49 7.35 -5.40
N LEU A 67 -2.33 7.19 -6.04
CA LEU A 67 -1.14 6.70 -5.36
C LEU A 67 -0.83 7.58 -4.16
N TYR A 68 -0.78 8.88 -4.40
CA TYR A 68 -0.53 9.84 -3.34
C TYR A 68 -1.61 9.74 -2.27
N ASP A 69 -2.81 9.34 -2.69
CA ASP A 69 -3.92 9.21 -1.77
C ASP A 69 -3.67 8.12 -0.74
N HIS A 70 -3.26 6.94 -1.21
CA HIS A 70 -2.98 5.83 -0.29
C HIS A 70 -1.66 6.06 0.41
N TRP A 71 -0.74 6.70 -0.29
CA TRP A 71 0.58 6.99 0.26
C TRP A 71 0.51 8.13 1.26
N ARG A 72 -0.47 9.02 1.09
CA ARG A 72 -0.65 10.16 1.98
C ARG A 72 -1.35 9.71 3.27
N GLY A 73 -2.31 8.81 3.12
CA GLY A 73 -3.04 8.31 4.27
C GLY A 73 -2.23 7.33 5.09
N THR A 74 -1.31 6.63 4.43
CA THR A 74 -0.46 5.65 5.11
C THR A 74 0.67 6.35 5.86
N LEU A 75 1.36 7.25 5.18
CA LEU A 75 2.46 7.99 5.78
C LEU A 75 1.94 9.18 6.58
N ARG A 76 1.29 10.11 5.90
CA ARG A 76 0.75 11.30 6.54
C ARG A 76 1.86 12.12 7.19
N TYR A 77 3.04 12.08 6.59
CA TYR A 77 4.18 12.83 7.11
C TYR A 77 4.91 13.56 5.99
N LYS A 78 4.42 14.74 5.63
CA LYS A 78 5.02 15.54 4.57
C LYS A 78 6.43 15.99 4.96
N VAL A 79 6.52 16.73 6.05
CA VAL A 79 7.80 17.24 6.53
C VAL A 79 8.49 18.10 5.48
N ILE A 80 8.47 19.41 5.69
CA ILE A 80 9.09 20.34 4.76
C ILE A 80 9.29 21.71 5.41
N GLN A 81 8.25 22.18 6.11
CA GLN A 81 8.32 23.48 6.78
C GLN A 81 8.97 23.35 8.15
N GLN A 82 9.72 24.37 8.55
CA GLN A 82 10.40 24.37 9.84
C GLN A 82 11.37 23.20 9.95
N GLN A 83 12.66 23.50 9.96
CA GLN A 83 13.69 22.48 10.05
C GLN A 83 13.59 21.74 11.39
N GLY A 84 13.78 22.48 12.48
CA GLY A 84 13.71 21.87 13.79
C GLY A 84 14.96 21.08 14.14
N TYR A 85 15.26 20.98 15.42
CA TYR A 85 16.43 20.24 15.89
C TYR A 85 16.02 19.01 16.68
N ARG A 86 16.99 18.11 16.92
CA ARG A 86 16.73 16.89 17.67
C ARG A 86 17.99 16.42 18.38
N GLY A 87 18.48 17.23 19.31
CA GLY A 87 19.67 16.88 20.06
C GLY A 87 19.42 15.79 21.08
N LYS A 88 19.85 14.57 20.76
CA LYS A 88 19.67 13.44 21.66
C LYS A 88 21.01 12.90 22.15
N ASN A 89 21.43 13.35 23.33
CA ASN A 89 22.71 12.92 23.90
C ASN A 89 22.52 12.48 25.35
N SER A 90 22.05 11.25 25.54
CA SER A 90 21.83 10.71 26.88
C SER A 90 22.41 9.30 27.00
N VAL A 91 22.28 8.72 28.18
CA VAL A 91 22.78 7.37 28.43
C VAL A 91 21.75 6.32 28.03
N ALA A 92 22.23 5.13 27.67
CA ALA A 92 21.35 4.03 27.26
C ALA A 92 20.53 4.41 26.04
N ALA A 93 20.79 3.72 24.94
CA ALA A 93 20.07 3.97 23.69
C ALA A 93 18.97 2.94 23.47
N ARG A 94 17.78 3.43 23.14
CA ARG A 94 16.64 2.56 22.90
C ARG A 94 15.82 3.04 21.71
N SER A 95 15.54 4.34 21.67
CA SER A 95 14.76 4.93 20.60
C SER A 95 15.55 4.90 19.29
N PRO A 96 14.85 5.01 18.14
CA PRO A 96 15.49 5.00 16.82
C PRO A 96 16.63 6.01 16.71
N GLU A 97 17.52 5.79 15.76
CA GLU A 97 18.65 6.68 15.54
C GLU A 97 19.21 6.53 14.13
N LYS A 98 19.37 5.28 13.70
CA LYS A 98 19.91 4.99 12.38
C LYS A 98 18.83 5.17 11.31
N ALA A 99 17.63 4.71 11.62
CA ALA A 99 16.50 4.81 10.69
C ALA A 99 16.13 6.26 10.43
N SER A 100 16.33 6.71 9.20
CA SER A 100 16.02 8.08 8.81
C SER A 100 15.69 8.17 7.33
N ASN A 101 14.94 9.20 6.96
CA ASN A 101 14.56 9.41 5.57
C ASN A 101 15.47 10.45 4.90
N MET A 102 16.75 10.42 5.24
CA MET A 102 17.71 11.35 4.68
C MET A 102 18.91 10.60 4.10
N GLU A 103 19.65 11.27 3.21
CA GLU A 103 20.82 10.68 2.59
C GLU A 103 21.63 11.72 1.83
N ASN A 104 20.95 12.46 0.94
CA ASN A 104 21.60 13.49 0.15
C ASN A 104 20.80 14.78 0.19
N ASN A 105 21.44 15.88 -0.20
CA ASN A 105 20.79 17.19 -0.21
C ASN A 105 19.91 17.35 -1.45
N GLU A 106 18.64 17.66 -1.22
CA GLU A 106 17.69 17.84 -2.31
C GLU A 106 16.93 19.17 -2.16
N GLY A 1 -7.60 -14.59 -49.71
CA GLY A 1 -6.22 -14.15 -50.02
C GLY A 1 -5.17 -14.95 -49.27
N PRO A 2 -4.01 -14.34 -48.97
CA PRO A 2 -2.92 -15.01 -48.26
C PRO A 2 -3.27 -15.27 -46.80
N GLY A 3 -3.78 -16.47 -46.52
CA GLY A 3 -4.15 -16.82 -45.17
C GLY A 3 -5.19 -17.94 -45.12
N SER A 4 -4.88 -19.06 -45.75
CA SER A 4 -5.80 -20.20 -45.78
C SER A 4 -5.79 -20.93 -44.44
N LEU A 5 -6.85 -20.74 -43.66
CA LEU A 5 -6.96 -21.39 -42.36
C LEU A 5 -8.40 -21.85 -42.11
N SER A 6 -8.67 -23.11 -42.44
CA SER A 6 -9.99 -23.68 -42.26
C SER A 6 -9.93 -25.20 -42.16
N ASN A 7 -10.56 -25.74 -41.12
CA ASN A 7 -10.57 -27.19 -40.91
C ASN A 7 -11.69 -27.59 -39.95
N PHE A 8 -11.61 -27.09 -38.72
CA PHE A 8 -12.62 -27.40 -37.71
C PHE A 8 -12.76 -26.25 -36.71
N ALA A 9 -11.62 -25.76 -36.23
CA ALA A 9 -11.61 -24.67 -35.27
C ALA A 9 -10.77 -23.50 -35.77
N ASN A 10 -11.22 -22.28 -35.48
CA ASN A 10 -10.50 -21.08 -35.91
C ASN A 10 -10.52 -20.02 -34.81
N VAL A 11 -10.52 -20.47 -33.56
CA VAL A 11 -10.55 -19.56 -32.42
C VAL A 11 -9.88 -20.20 -31.21
N GLY A 12 -8.88 -19.51 -30.65
CA GLY A 12 -8.18 -20.03 -29.50
C GLY A 12 -6.80 -20.54 -29.83
N VAL A 13 -5.80 -20.09 -29.07
CA VAL A 13 -4.42 -20.51 -29.30
C VAL A 13 -3.70 -20.75 -27.98
N GLY A 14 -3.84 -19.81 -27.05
CA GLY A 14 -3.20 -19.93 -25.76
C GLY A 14 -3.87 -19.08 -24.69
N THR A 15 -4.49 -19.75 -23.72
CA THR A 15 -5.18 -19.06 -22.64
C THR A 15 -4.64 -19.50 -21.28
N SER A 16 -4.95 -18.74 -20.25
CA SER A 16 -4.50 -19.06 -18.90
C SER A 16 -2.98 -19.07 -18.82
N SER A 17 -2.39 -17.92 -18.57
CA SER A 17 -0.94 -17.80 -18.47
C SER A 17 -0.54 -16.62 -17.59
N GLY A 18 -1.33 -16.38 -16.55
CA GLY A 18 -1.05 -15.27 -15.65
C GLY A 18 -2.21 -14.32 -15.52
N LYS A 19 -3.42 -14.85 -15.47
CA LYS A 19 -4.62 -14.03 -15.35
C LYS A 19 -5.62 -14.66 -14.38
N GLN A 20 -5.42 -14.41 -13.10
CA GLN A 20 -6.29 -14.95 -12.08
C GLN A 20 -6.56 -13.92 -10.98
N LYS A 21 -7.76 -13.97 -10.42
CA LYS A 21 -8.16 -13.04 -9.36
C LYS A 21 -7.98 -13.68 -7.99
N ARG A 22 -6.98 -13.22 -7.24
CA ARG A 22 -6.71 -13.76 -5.92
C ARG A 22 -6.11 -12.70 -5.00
N TYR A 23 -6.50 -11.44 -5.22
CA TYR A 23 -5.98 -10.34 -4.40
C TYR A 23 -6.95 -9.15 -4.44
N LYS A 24 -6.49 -8.00 -4.94
CA LYS A 24 -7.34 -6.81 -5.01
C LYS A 24 -8.03 -6.55 -3.68
N PHE A 25 -7.40 -6.99 -2.59
CA PHE A 25 -7.94 -6.79 -1.26
C PHE A 25 -8.07 -5.31 -0.94
N SER A 26 -9.01 -4.97 -0.06
CA SER A 26 -9.21 -3.59 0.35
C SER A 26 -8.05 -3.15 1.24
N ALA A 27 -6.84 -3.32 0.70
CA ALA A 27 -5.62 -2.98 1.41
C ALA A 27 -4.43 -3.59 0.69
N SER A 28 -4.66 -4.70 -0.03
CA SER A 28 -3.60 -5.37 -0.77
C SER A 28 -2.84 -4.38 -1.66
N GLU A 29 -3.55 -3.34 -2.11
CA GLU A 29 -2.95 -2.32 -2.96
C GLU A 29 -1.73 -1.69 -2.29
N ASP A 30 -1.90 -1.28 -1.04
CA ASP A 30 -0.81 -0.66 -0.28
C ASP A 30 0.41 -1.57 -0.24
N GLU A 31 0.15 -2.88 -0.23
CA GLU A 31 1.24 -3.86 -0.20
C GLU A 31 2.00 -3.88 -1.51
N ALA A 32 1.30 -3.55 -2.60
CA ALA A 32 1.92 -3.53 -3.92
C ALA A 32 2.81 -2.29 -4.08
N ILE A 33 2.38 -1.19 -3.49
CA ILE A 33 3.14 0.05 -3.58
C ILE A 33 4.37 -0.01 -2.68
N ILE A 34 4.19 -0.57 -1.49
CA ILE A 34 5.29 -0.68 -0.55
C ILE A 34 6.33 -1.65 -1.08
N LYS A 35 5.87 -2.70 -1.76
CA LYS A 35 6.76 -3.69 -2.34
C LYS A 35 7.52 -3.08 -3.52
N GLY A 36 6.84 -2.21 -4.25
CA GLY A 36 7.45 -1.56 -5.39
C GLY A 36 8.46 -0.50 -4.99
N LEU A 37 8.22 0.12 -3.84
CA LEU A 37 9.11 1.16 -3.33
C LEU A 37 10.37 0.55 -2.71
N ALA A 38 10.22 -0.63 -2.13
CA ALA A 38 11.35 -1.32 -1.49
C ALA A 38 12.13 -2.17 -2.48
N ARG A 39 11.59 -2.36 -3.69
CA ARG A 39 12.27 -3.16 -4.70
C ARG A 39 12.98 -2.28 -5.72
N PHE A 40 12.29 -1.28 -6.21
CA PHE A 40 12.87 -0.37 -7.20
C PHE A 40 12.41 1.06 -6.96
N THR A 41 13.33 2.01 -7.16
CA THR A 41 13.03 3.43 -6.97
C THR A 41 14.00 4.30 -7.76
N LYS A 42 14.46 3.79 -8.89
CA LYS A 42 15.39 4.53 -9.74
C LYS A 42 14.70 5.01 -11.01
N GLY A 43 13.86 6.03 -10.87
CA GLY A 43 13.14 6.56 -12.01
C GLY A 43 12.38 7.82 -11.67
N GLN A 44 11.90 8.51 -12.70
CA GLN A 44 11.13 9.73 -12.49
C GLN A 44 9.86 9.40 -11.72
N GLN A 45 9.98 9.37 -10.40
CA GLN A 45 8.86 9.05 -9.52
C GLN A 45 8.62 7.55 -9.46
N ARG A 46 9.12 6.92 -8.40
CA ARG A 46 8.96 5.47 -8.23
C ARG A 46 7.54 5.12 -7.83
N PHE A 47 6.87 6.05 -7.14
CA PHE A 47 5.51 5.82 -6.70
C PHE A 47 4.58 5.58 -7.89
N GLN A 48 4.65 6.46 -8.88
CA GLN A 48 3.82 6.33 -10.07
C GLN A 48 4.18 5.08 -10.86
N GLN A 49 5.48 4.79 -10.95
CA GLN A 49 5.96 3.63 -11.68
C GLN A 49 5.33 2.35 -11.13
N ILE A 50 5.41 2.19 -9.80
CA ILE A 50 4.85 1.02 -9.15
C ILE A 50 3.35 0.92 -9.42
N TYR A 51 2.67 2.06 -9.35
CA TYR A 51 1.24 2.10 -9.59
C TYR A 51 0.91 1.55 -10.97
N TYR A 52 1.72 1.90 -11.95
CA TYR A 52 1.52 1.44 -13.31
C TYR A 52 1.78 -0.06 -13.44
N ALA A 53 2.71 -0.57 -12.66
CA ALA A 53 3.01 -1.99 -12.70
C ALA A 53 1.93 -2.79 -12.00
N TYR A 54 1.63 -2.41 -10.76
CA TYR A 54 0.61 -3.07 -9.98
C TYR A 54 -0.80 -2.59 -10.35
N ARG A 55 -0.91 -1.75 -11.38
CA ARG A 55 -2.21 -1.24 -11.81
C ARG A 55 -3.21 -2.35 -12.04
N SER A 56 -2.72 -3.55 -12.35
CA SER A 56 -3.59 -4.69 -12.57
C SER A 56 -4.45 -5.00 -11.35
N VAL A 57 -4.02 -4.50 -10.19
CA VAL A 57 -4.74 -4.72 -8.94
C VAL A 57 -5.89 -3.73 -8.79
N TRP A 58 -5.55 -2.46 -8.57
CA TRP A 58 -6.55 -1.42 -8.39
C TRP A 58 -7.17 -0.98 -9.72
N HIS A 59 -6.50 -0.04 -10.41
CA HIS A 59 -7.01 0.45 -11.69
C HIS A 59 -5.90 1.12 -12.51
N PRO A 60 -5.95 0.98 -13.85
CA PRO A 60 -4.96 1.57 -14.75
C PRO A 60 -5.22 3.05 -15.00
N ALA A 61 -4.70 3.56 -16.12
CA ALA A 61 -4.87 4.95 -16.48
C ALA A 61 -4.20 5.88 -15.48
N ARG A 62 -4.08 7.15 -15.83
CA ARG A 62 -3.46 8.14 -14.96
C ARG A 62 -4.25 8.30 -13.67
N THR A 63 -3.61 7.98 -12.55
CA THR A 63 -4.26 8.08 -11.25
C THR A 63 -3.23 8.17 -10.14
N VAL A 64 -2.05 8.70 -10.45
CA VAL A 64 -0.99 8.84 -9.47
C VAL A 64 -1.45 9.70 -8.30
N SER A 65 -2.37 10.61 -8.57
CA SER A 65 -2.91 11.49 -7.53
C SER A 65 -3.53 10.65 -6.42
N GLN A 66 -4.35 9.69 -6.82
CA GLN A 66 -5.00 8.81 -5.87
C GLN A 66 -3.95 8.04 -5.07
N LEU A 67 -2.89 7.64 -5.76
CA LEU A 67 -1.79 6.91 -5.12
C LEU A 67 -1.22 7.71 -3.97
N TYR A 68 -0.95 8.98 -4.24
CA TYR A 68 -0.42 9.88 -3.22
C TYR A 68 -1.44 10.04 -2.09
N ASP A 69 -2.72 9.89 -2.43
CA ASP A 69 -3.79 10.03 -1.46
C ASP A 69 -3.75 8.90 -0.43
N HIS A 70 -3.65 7.66 -0.92
CA HIS A 70 -3.59 6.52 0.00
C HIS A 70 -2.20 6.42 0.62
N TRP A 71 -1.20 6.87 -0.15
CA TRP A 71 0.18 6.85 0.33
C TRP A 71 0.42 7.96 1.33
N ARG A 72 -0.29 9.07 1.17
CA ARG A 72 -0.15 10.20 2.09
C ARG A 72 -0.94 9.95 3.37
N GLY A 73 -2.05 9.23 3.24
CA GLY A 73 -2.87 8.92 4.39
C GLY A 73 -2.29 7.80 5.23
N THR A 74 -1.56 6.90 4.58
CA THR A 74 -0.94 5.78 5.28
C THR A 74 0.36 6.20 5.95
N LEU A 75 1.11 7.07 5.26
CA LEU A 75 2.39 7.56 5.79
C LEU A 75 2.16 8.73 6.74
N ARG A 76 1.72 9.85 6.18
CA ARG A 76 1.47 11.05 6.98
C ARG A 76 2.75 11.52 7.67
N TYR A 77 2.70 12.71 8.26
CA TYR A 77 3.85 13.28 8.95
C TYR A 77 3.42 13.99 10.22
N LYS A 78 2.44 14.88 10.09
CA LYS A 78 1.93 15.64 11.23
C LYS A 78 0.77 16.53 10.82
N VAL A 79 0.16 17.19 11.80
CA VAL A 79 -0.96 18.08 11.54
C VAL A 79 -0.55 19.25 10.65
N ILE A 80 -1.53 20.07 10.27
CA ILE A 80 -1.27 21.22 9.41
C ILE A 80 -1.82 22.50 10.03
N GLN A 81 -1.00 23.16 10.83
CA GLN A 81 -1.42 24.40 11.49
C GLN A 81 -1.36 25.57 10.51
N GLN A 82 -1.82 26.73 10.96
CA GLN A 82 -1.83 27.93 10.14
C GLN A 82 -0.64 28.82 10.46
N GLN A 83 0.47 28.20 10.83
CA GLN A 83 1.69 28.94 11.17
C GLN A 83 2.92 28.28 10.54
N GLY A 84 3.35 28.80 9.40
CA GLY A 84 4.50 28.26 8.71
C GLY A 84 5.55 29.31 8.40
N TYR A 85 6.73 28.86 8.00
CA TYR A 85 7.82 29.77 7.67
C TYR A 85 7.46 30.65 6.47
N ARG A 86 7.33 30.02 5.30
CA ARG A 86 6.98 30.73 4.09
C ARG A 86 6.17 29.85 3.14
N GLY A 87 4.86 30.05 3.13
CA GLY A 87 3.99 29.26 2.27
C GLY A 87 2.74 30.01 1.87
N LYS A 88 2.49 30.09 0.56
CA LYS A 88 1.31 30.78 0.04
C LYS A 88 1.32 32.24 0.47
N ASN A 89 2.50 32.82 0.58
CA ASN A 89 2.64 34.22 0.98
C ASN A 89 2.58 35.13 -0.24
N SER A 90 1.54 35.96 -0.29
CA SER A 90 1.36 36.89 -1.40
C SER A 90 1.12 38.31 -0.89
N VAL A 91 2.18 39.11 -0.84
CA VAL A 91 2.08 40.48 -0.37
C VAL A 91 3.22 41.33 -0.93
N ALA A 92 2.88 42.51 -1.45
CA ALA A 92 3.86 43.41 -2.02
C ALA A 92 3.69 44.83 -1.47
N ALA A 93 3.25 44.92 -0.22
CA ALA A 93 3.05 46.21 0.43
C ALA A 93 3.51 46.18 1.88
N ARG A 94 4.79 46.48 2.10
CA ARG A 94 5.36 46.48 3.44
C ARG A 94 5.41 47.89 4.01
N SER A 95 4.46 48.73 3.60
CA SER A 95 4.40 50.11 4.09
C SER A 95 3.04 50.40 4.74
N PRO A 96 3.01 51.31 5.73
CA PRO A 96 1.77 51.68 6.42
C PRO A 96 0.66 52.08 5.46
N GLU A 97 -0.57 52.10 5.96
CA GLU A 97 -1.72 52.46 5.15
C GLU A 97 -1.84 53.99 5.02
N LYS A 98 -1.52 54.51 3.84
CA LYS A 98 -1.59 55.95 3.59
C LYS A 98 -1.86 56.23 2.13
N ALA A 99 -2.44 57.40 1.85
CA ALA A 99 -2.76 57.80 0.48
C ALA A 99 -1.49 58.10 -0.30
N SER A 100 -1.12 57.20 -1.21
CA SER A 100 0.07 57.39 -2.03
C SER A 100 -0.30 57.71 -3.47
N ASN A 101 -1.19 56.92 -4.04
CA ASN A 101 -1.64 57.14 -5.41
C ASN A 101 -2.89 58.02 -5.45
N MET A 102 -2.95 58.91 -6.44
CA MET A 102 -4.08 59.81 -6.58
C MET A 102 -5.00 59.35 -7.70
N GLU A 103 -6.21 59.90 -7.74
CA GLU A 103 -7.19 59.54 -8.76
C GLU A 103 -8.27 60.61 -8.87
N ASN A 104 -7.86 61.84 -9.15
CA ASN A 104 -8.80 62.96 -9.27
C ASN A 104 -9.58 63.16 -7.98
N ASN A 105 -10.27 64.30 -7.89
CA ASN A 105 -11.05 64.62 -6.70
C ASN A 105 -10.16 64.69 -5.46
N GLU A 106 -8.92 65.13 -5.66
CA GLU A 106 -7.96 65.24 -4.57
C GLU A 106 -7.35 66.64 -4.52
N GLY A 1 -17.95 -66.79 7.70
CA GLY A 1 -16.83 -65.85 7.97
C GLY A 1 -16.07 -65.49 6.71
N PRO A 2 -15.34 -66.44 6.12
CA PRO A 2 -14.55 -66.20 4.90
C PRO A 2 -15.44 -65.97 3.67
N GLY A 3 -16.69 -66.42 3.76
CA GLY A 3 -17.61 -66.25 2.65
C GLY A 3 -17.74 -64.80 2.23
N SER A 4 -17.89 -63.90 3.19
CA SER A 4 -18.03 -62.48 2.90
C SER A 4 -17.09 -61.65 3.78
N LEU A 5 -16.33 -60.76 3.15
CA LEU A 5 -15.40 -59.90 3.86
C LEU A 5 -15.06 -58.65 3.04
N SER A 6 -15.20 -57.49 3.68
CA SER A 6 -14.93 -56.22 3.01
C SER A 6 -13.66 -55.59 3.57
N ASN A 7 -12.92 -54.89 2.71
CA ASN A 7 -11.69 -54.23 3.11
C ASN A 7 -11.41 -53.01 2.23
N PHE A 8 -10.67 -52.06 2.78
CA PHE A 8 -10.32 -50.85 2.04
C PHE A 8 -9.38 -49.96 2.85
N ALA A 9 -8.58 -49.17 2.15
CA ALA A 9 -7.63 -48.27 2.80
C ALA A 9 -7.74 -46.86 2.25
N ASN A 10 -7.80 -45.87 3.14
CA ASN A 10 -7.90 -44.47 2.74
C ASN A 10 -6.56 -43.77 2.86
N VAL A 11 -6.39 -42.69 2.12
CA VAL A 11 -5.15 -41.91 2.15
C VAL A 11 -5.42 -40.46 2.52
N GLY A 12 -4.34 -39.73 2.83
CA GLY A 12 -4.48 -38.34 3.20
C GLY A 12 -4.04 -37.41 2.10
N VAL A 13 -3.80 -36.14 2.45
CA VAL A 13 -3.36 -35.14 1.47
C VAL A 13 -2.72 -33.96 2.17
N GLY A 14 -3.35 -33.48 3.23
CA GLY A 14 -2.81 -32.34 3.96
C GLY A 14 -3.33 -31.01 3.44
N THR A 15 -2.82 -29.93 4.00
CA THR A 15 -3.23 -28.59 3.58
C THR A 15 -4.72 -28.39 3.80
N SER A 16 -5.10 -28.05 5.02
CA SER A 16 -6.50 -27.82 5.36
C SER A 16 -6.70 -26.43 5.96
N SER A 17 -7.83 -25.81 5.63
CA SER A 17 -8.15 -24.48 6.13
C SER A 17 -7.09 -23.47 5.68
N GLY A 18 -7.38 -22.18 5.89
CA GLY A 18 -6.45 -21.14 5.50
C GLY A 18 -7.16 -19.91 4.98
N LYS A 19 -6.69 -19.41 3.84
CA LYS A 19 -7.29 -18.21 3.23
C LYS A 19 -7.43 -18.39 1.72
N GLN A 20 -8.33 -17.60 1.13
CA GLN A 20 -8.56 -17.68 -0.31
C GLN A 20 -9.14 -16.36 -0.82
N LYS A 21 -9.22 -16.23 -2.15
CA LYS A 21 -9.76 -15.02 -2.77
C LYS A 21 -8.92 -13.80 -2.40
N ARG A 22 -7.94 -13.50 -3.23
CA ARG A 22 -7.06 -12.35 -3.00
C ARG A 22 -6.83 -11.56 -4.29
N TYR A 23 -7.51 -10.42 -4.40
CA TYR A 23 -7.38 -9.58 -5.59
C TYR A 23 -7.39 -8.10 -5.21
N LYS A 24 -8.49 -7.64 -4.65
CA LYS A 24 -8.62 -6.23 -4.25
C LYS A 24 -8.93 -6.12 -2.76
N PHE A 25 -8.05 -6.67 -1.94
CA PHE A 25 -8.22 -6.63 -0.49
C PHE A 25 -8.16 -5.19 0.01
N SER A 26 -8.82 -4.91 1.12
CA SER A 26 -8.82 -3.57 1.70
C SER A 26 -7.47 -3.30 2.33
N ALA A 27 -6.42 -3.50 1.54
CA ALA A 27 -5.05 -3.31 1.97
C ALA A 27 -4.09 -3.93 0.96
N SER A 28 -4.56 -4.92 0.22
CA SER A 28 -3.73 -5.59 -0.79
C SER A 28 -3.07 -4.56 -1.69
N GLU A 29 -3.83 -3.54 -2.07
CA GLU A 29 -3.31 -2.48 -2.94
C GLU A 29 -2.18 -1.74 -2.26
N ASP A 30 -2.42 -1.27 -1.04
CA ASP A 30 -1.40 -0.55 -0.28
C ASP A 30 -0.17 -1.41 -0.08
N GLU A 31 -0.37 -2.72 0.06
CA GLU A 31 0.73 -3.65 0.25
C GLU A 31 1.55 -3.78 -1.03
N ALA A 32 0.88 -3.62 -2.17
CA ALA A 32 1.54 -3.72 -3.46
C ALA A 32 2.46 -2.51 -3.67
N ILE A 33 2.01 -1.34 -3.22
CA ILE A 33 2.79 -0.13 -3.37
C ILE A 33 4.05 -0.20 -2.52
N ILE A 34 3.87 -0.58 -1.26
CA ILE A 34 4.99 -0.68 -0.34
C ILE A 34 6.02 -1.68 -0.86
N LYS A 35 5.54 -2.77 -1.47
CA LYS A 35 6.42 -3.79 -2.01
C LYS A 35 7.13 -3.24 -3.24
N GLY A 36 6.43 -2.41 -4.00
CA GLY A 36 7.01 -1.82 -5.20
C GLY A 36 8.02 -0.74 -4.87
N LEU A 37 7.73 0.03 -3.82
CA LEU A 37 8.62 1.11 -3.40
C LEU A 37 9.87 0.54 -2.72
N ALA A 38 9.75 -0.64 -2.14
CA ALA A 38 10.87 -1.28 -1.47
C ALA A 38 11.76 -2.03 -2.46
N ARG A 39 11.20 -2.38 -3.62
CA ARG A 39 11.94 -3.10 -4.63
C ARG A 39 12.29 -2.20 -5.82
N PHE A 40 11.26 -1.60 -6.40
CA PHE A 40 11.43 -0.71 -7.53
C PHE A 40 11.75 0.70 -7.07
N THR A 41 12.94 1.18 -7.43
CA THR A 41 13.37 2.52 -7.06
C THR A 41 14.68 2.89 -7.76
N LYS A 42 14.56 3.39 -8.98
CA LYS A 42 15.74 3.78 -9.76
C LYS A 42 15.47 5.07 -10.53
N GLY A 43 14.65 5.94 -9.95
CA GLY A 43 14.33 7.20 -10.60
C GLY A 43 13.89 8.27 -9.60
N GLN A 44 13.49 9.42 -10.13
CA GLN A 44 13.04 10.52 -9.29
C GLN A 44 11.59 10.31 -8.84
N GLN A 45 10.74 9.94 -9.78
CA GLN A 45 9.32 9.71 -9.49
C GLN A 45 8.96 8.25 -9.75
N ARG A 46 9.44 7.36 -8.90
CA ARG A 46 9.17 5.93 -9.03
C ARG A 46 7.75 5.60 -8.57
N PHE A 47 7.20 6.43 -7.71
CA PHE A 47 5.85 6.22 -7.18
C PHE A 47 4.83 6.05 -8.31
N GLN A 48 4.90 6.93 -9.30
CA GLN A 48 3.97 6.86 -10.42
C GLN A 48 4.27 5.66 -11.31
N GLN A 49 5.54 5.46 -11.64
CA GLN A 49 5.94 4.34 -12.49
C GLN A 49 5.51 3.02 -11.88
N ILE A 50 5.83 2.84 -10.60
CA ILE A 50 5.47 1.62 -9.89
C ILE A 50 3.95 1.46 -9.86
N TYR A 51 3.25 2.58 -9.71
CA TYR A 51 1.79 2.57 -9.67
C TYR A 51 1.23 1.89 -10.92
N TYR A 52 1.78 2.24 -12.07
CA TYR A 52 1.34 1.66 -13.33
C TYR A 52 1.73 0.18 -13.40
N ALA A 53 2.88 -0.15 -12.82
CA ALA A 53 3.36 -1.53 -12.82
C ALA A 53 2.46 -2.44 -12.00
N TYR A 54 2.19 -2.05 -10.76
CA TYR A 54 1.33 -2.84 -9.88
C TYR A 54 -0.14 -2.65 -10.21
N ARG A 55 -0.44 -1.79 -11.18
CA ARG A 55 -1.82 -1.53 -11.59
C ARG A 55 -2.54 -2.81 -11.98
N SER A 56 -3.08 -3.51 -10.99
CA SER A 56 -3.79 -4.76 -11.24
C SER A 56 -4.25 -5.40 -9.93
N VAL A 57 -4.68 -4.56 -8.99
CA VAL A 57 -5.13 -5.03 -7.68
C VAL A 57 -6.42 -4.33 -7.26
N TRP A 58 -6.43 -3.00 -7.40
CA TRP A 58 -7.60 -2.21 -7.03
C TRP A 58 -8.25 -1.59 -8.27
N HIS A 59 -9.35 -0.88 -8.05
CA HIS A 59 -10.07 -0.23 -9.14
C HIS A 59 -10.15 1.28 -8.93
N PRO A 60 -8.99 1.96 -8.91
CA PRO A 60 -8.94 3.41 -8.69
C PRO A 60 -9.43 4.18 -9.92
N ALA A 61 -9.95 5.38 -9.68
CA ALA A 61 -10.46 6.23 -10.75
C ALA A 61 -9.33 7.02 -11.41
N ARG A 62 -8.42 7.53 -10.59
CA ARG A 62 -7.29 8.30 -11.09
C ARG A 62 -5.97 7.69 -10.65
N THR A 63 -5.00 7.65 -11.55
CA THR A 63 -3.69 7.09 -11.24
C THR A 63 -2.76 8.15 -10.67
N VAL A 64 -1.77 7.70 -9.90
CA VAL A 64 -0.81 8.60 -9.27
C VAL A 64 -1.47 9.41 -8.16
N SER A 65 -2.58 10.06 -8.47
CA SER A 65 -3.33 10.82 -7.49
C SER A 65 -3.79 9.89 -6.38
N GLN A 66 -4.28 8.72 -6.78
CA GLN A 66 -4.73 7.72 -5.83
C GLN A 66 -3.53 7.25 -5.02
N LEU A 67 -2.40 7.10 -5.70
CA LEU A 67 -1.16 6.67 -5.07
C LEU A 67 -0.82 7.59 -3.91
N TYR A 68 -0.87 8.88 -4.18
CA TYR A 68 -0.59 9.88 -3.16
C TYR A 68 -1.63 9.80 -2.05
N ASP A 69 -2.84 9.37 -2.41
CA ASP A 69 -3.92 9.24 -1.44
C ASP A 69 -3.61 8.15 -0.42
N HIS A 70 -3.19 6.99 -0.88
CA HIS A 70 -2.86 5.90 0.02
C HIS A 70 -1.48 6.14 0.64
N TRP A 71 -0.63 6.81 -0.12
CA TRP A 71 0.71 7.14 0.33
C TRP A 71 0.68 8.24 1.37
N ARG A 72 -0.27 9.16 1.24
CA ARG A 72 -0.41 10.26 2.19
C ARG A 72 -1.05 9.74 3.47
N GLY A 73 -2.08 8.93 3.32
CA GLY A 73 -2.76 8.37 4.47
C GLY A 73 -1.87 7.43 5.25
N THR A 74 -0.93 6.79 4.56
CA THR A 74 0.00 5.86 5.19
C THR A 74 1.08 6.63 5.95
N LEU A 75 1.54 7.73 5.36
CA LEU A 75 2.58 8.55 5.98
C LEU A 75 2.48 9.99 5.51
N ARG A 76 1.54 10.74 6.08
CA ARG A 76 1.34 12.14 5.72
C ARG A 76 2.41 13.02 6.37
N TYR A 77 2.30 13.20 7.68
CA TYR A 77 3.25 14.02 8.44
C TYR A 77 3.58 15.32 7.70
N LYS A 78 2.60 15.82 6.95
CA LYS A 78 2.79 17.06 6.20
C LYS A 78 2.31 18.26 7.00
N VAL A 79 3.15 18.75 7.90
CA VAL A 79 2.81 19.89 8.73
C VAL A 79 3.75 21.06 8.48
N ILE A 80 5.03 20.76 8.28
CA ILE A 80 6.03 21.78 8.03
C ILE A 80 5.84 22.40 6.64
N GLN A 81 5.75 21.55 5.63
CA GLN A 81 5.55 22.02 4.26
C GLN A 81 6.74 22.87 3.81
N GLN A 82 7.01 22.86 2.51
CA GLN A 82 8.12 23.63 1.95
C GLN A 82 7.80 24.09 0.53
N GLN A 83 7.33 23.16 -0.29
CA GLN A 83 6.98 23.47 -1.67
C GLN A 83 5.49 23.29 -1.92
N GLY A 84 4.93 24.09 -2.82
CA GLY A 84 3.51 24.00 -3.13
C GLY A 84 3.26 23.77 -4.60
N TYR A 85 2.78 24.79 -5.29
CA TYR A 85 2.48 24.69 -6.71
C TYR A 85 3.66 25.18 -7.55
N ARG A 86 3.69 24.79 -8.81
CA ARG A 86 4.76 25.20 -9.72
C ARG A 86 4.20 25.73 -11.03
N GLY A 87 3.01 26.34 -10.95
CA GLY A 87 2.38 26.88 -12.15
C GLY A 87 1.56 28.12 -11.85
N LYS A 88 0.68 28.48 -12.78
CA LYS A 88 -0.16 29.66 -12.62
C LYS A 88 -1.13 29.81 -13.79
N ASN A 89 -0.62 29.56 -15.00
CA ASN A 89 -1.43 29.66 -16.20
C ASN A 89 -0.86 28.79 -17.32
N SER A 90 -1.64 27.81 -17.76
CA SER A 90 -1.21 26.91 -18.82
C SER A 90 -2.40 26.44 -19.66
N VAL A 91 -3.26 25.64 -19.05
CA VAL A 91 -4.44 25.13 -19.73
C VAL A 91 -5.62 24.99 -18.78
N ALA A 92 -6.83 25.01 -19.33
CA ALA A 92 -8.03 24.87 -18.52
C ALA A 92 -8.84 23.66 -18.94
N ALA A 93 -9.80 23.27 -18.10
CA ALA A 93 -10.65 22.12 -18.38
C ALA A 93 -12.10 22.54 -18.59
N ARG A 94 -12.28 23.75 -19.11
CA ARG A 94 -13.63 24.27 -19.36
C ARG A 94 -14.37 23.40 -20.37
N SER A 95 -13.85 23.35 -21.59
CA SER A 95 -14.47 22.55 -22.65
C SER A 95 -13.91 21.13 -22.65
N PRO A 96 -12.58 20.98 -22.70
CA PRO A 96 -11.92 19.66 -22.70
C PRO A 96 -12.36 18.80 -21.53
N GLU A 97 -12.30 17.48 -21.71
CA GLU A 97 -12.68 16.55 -20.65
C GLU A 97 -12.46 15.11 -21.10
N LYS A 98 -11.40 14.50 -20.60
CA LYS A 98 -11.08 13.11 -20.95
C LYS A 98 -10.91 12.26 -19.70
N ALA A 99 -10.90 10.95 -19.88
CA ALA A 99 -10.75 10.03 -18.76
C ALA A 99 -9.59 9.06 -19.00
N SER A 100 -8.56 9.55 -19.70
CA SER A 100 -7.39 8.73 -19.99
C SER A 100 -6.12 9.43 -19.54
N ASN A 101 -6.02 10.72 -19.84
CA ASN A 101 -4.85 11.51 -19.47
C ASN A 101 -5.16 13.00 -19.49
N MET A 102 -4.28 13.79 -18.89
CA MET A 102 -4.47 15.24 -18.85
C MET A 102 -4.30 15.86 -20.23
N GLU A 103 -4.98 16.96 -20.46
CA GLU A 103 -4.91 17.65 -21.75
C GLU A 103 -3.88 18.78 -21.70
N ASN A 104 -3.05 18.84 -22.74
CA ASN A 104 -2.01 19.87 -22.81
C ASN A 104 -1.75 20.27 -24.26
N ASN A 105 -1.62 19.28 -25.14
CA ASN A 105 -1.37 19.53 -26.55
C ASN A 105 -0.03 20.23 -26.75
N GLU A 106 0.40 20.34 -28.01
CA GLU A 106 1.66 20.99 -28.33
C GLU A 106 1.42 22.22 -29.21
N GLY A 1 19.31 -21.96 22.99
CA GLY A 1 18.90 -22.96 24.02
C GLY A 1 18.37 -24.24 23.40
N PRO A 2 17.04 -24.32 23.16
CA PRO A 2 16.42 -25.52 22.57
C PRO A 2 16.78 -25.68 21.10
N GLY A 3 16.61 -26.89 20.59
CA GLY A 3 16.92 -27.16 19.20
C GLY A 3 17.95 -28.26 19.03
N SER A 4 17.66 -29.22 18.15
CA SER A 4 18.58 -30.33 17.91
C SER A 4 18.29 -30.98 16.56
N LEU A 5 18.80 -30.37 15.49
CA LEU A 5 18.60 -30.88 14.15
C LEU A 5 19.92 -30.96 13.38
N SER A 6 19.85 -31.42 12.15
CA SER A 6 21.05 -31.55 11.31
C SER A 6 20.79 -30.99 9.91
N ASN A 7 21.15 -29.72 9.71
CA ASN A 7 20.97 -29.07 8.43
C ASN A 7 22.05 -28.03 8.18
N PHE A 8 22.23 -27.65 6.92
CA PHE A 8 23.24 -26.66 6.55
C PHE A 8 22.71 -25.72 5.47
N ALA A 9 22.98 -24.43 5.63
CA ALA A 9 22.54 -23.43 4.66
C ALA A 9 21.01 -23.43 4.54
N ASN A 10 20.35 -22.67 5.42
CA ASN A 10 18.90 -22.59 5.41
C ASN A 10 18.45 -21.13 5.36
N VAL A 11 18.71 -20.47 4.24
CA VAL A 11 18.32 -19.07 4.08
C VAL A 11 17.81 -18.80 2.66
N GLY A 12 17.15 -19.80 2.08
CA GLY A 12 16.62 -19.66 0.74
C GLY A 12 15.23 -19.04 0.73
N VAL A 13 15.16 -17.77 0.31
CA VAL A 13 13.89 -17.06 0.25
C VAL A 13 13.05 -17.54 -0.93
N GLY A 14 11.80 -17.91 -0.65
CA GLY A 14 10.91 -18.38 -1.68
C GLY A 14 9.51 -17.85 -1.54
N THR A 15 9.28 -16.64 -2.02
CA THR A 15 7.96 -16.02 -1.94
C THR A 15 6.98 -16.67 -2.91
N SER A 16 7.36 -16.71 -4.19
CA SER A 16 6.52 -17.31 -5.22
C SER A 16 6.48 -18.83 -5.08
N SER A 17 5.75 -19.46 -5.98
CA SER A 17 5.62 -20.93 -5.95
C SER A 17 5.42 -21.48 -7.36
N GLY A 18 4.32 -21.10 -7.99
CA GLY A 18 4.03 -21.56 -9.33
C GLY A 18 3.31 -20.52 -10.16
N LYS A 19 2.13 -20.10 -9.70
CA LYS A 19 1.34 -19.10 -10.41
C LYS A 19 0.36 -18.42 -9.47
N GLN A 20 -0.24 -17.32 -9.94
CA GLN A 20 -1.20 -16.58 -9.14
C GLN A 20 -2.03 -15.64 -10.03
N LYS A 21 -3.24 -15.32 -9.58
CA LYS A 21 -4.12 -14.44 -10.33
C LYS A 21 -5.04 -13.66 -9.39
N ARG A 22 -5.82 -14.39 -8.60
CA ARG A 22 -6.75 -13.78 -7.65
C ARG A 22 -5.99 -12.97 -6.61
N TYR A 23 -6.21 -11.65 -6.62
CA TYR A 23 -5.54 -10.76 -5.67
C TYR A 23 -6.01 -9.32 -5.86
N LYS A 24 -6.98 -8.91 -5.06
CA LYS A 24 -7.51 -7.55 -5.13
C LYS A 24 -8.18 -7.15 -3.81
N PHE A 25 -7.54 -7.52 -2.71
CA PHE A 25 -8.07 -7.20 -1.38
C PHE A 25 -8.24 -5.69 -1.22
N SER A 26 -9.17 -5.30 -0.37
CA SER A 26 -9.42 -3.88 -0.12
C SER A 26 -8.28 -3.32 0.72
N ALA A 27 -7.06 -3.53 0.23
CA ALA A 27 -5.86 -3.08 0.90
C ALA A 27 -4.64 -3.78 0.30
N SER A 28 -4.85 -4.96 -0.27
CA SER A 28 -3.75 -5.72 -0.88
C SER A 28 -2.97 -4.85 -1.85
N GLU A 29 -3.68 -3.94 -2.52
CA GLU A 29 -3.04 -3.04 -3.48
C GLU A 29 -1.95 -2.21 -2.81
N ASP A 30 -2.28 -1.64 -1.65
CA ASP A 30 -1.33 -0.82 -0.90
C ASP A 30 -0.06 -1.60 -0.59
N GLU A 31 -0.23 -2.83 -0.15
CA GLU A 31 0.90 -3.70 0.18
C GLU A 31 1.76 -3.93 -1.06
N ALA A 32 1.11 -3.91 -2.22
CA ALA A 32 1.82 -4.13 -3.48
C ALA A 32 2.63 -2.89 -3.85
N ILE A 33 2.15 -1.72 -3.44
CA ILE A 33 2.85 -0.48 -3.74
C ILE A 33 4.11 -0.36 -2.89
N ILE A 34 3.98 -0.64 -1.60
CA ILE A 34 5.12 -0.57 -0.69
C ILE A 34 6.16 -1.59 -1.09
N LYS A 35 5.71 -2.78 -1.48
CA LYS A 35 6.62 -3.83 -1.90
C LYS A 35 7.30 -3.44 -3.20
N GLY A 36 6.57 -2.70 -4.04
CA GLY A 36 7.13 -2.25 -5.30
C GLY A 36 8.13 -1.13 -5.11
N LEU A 37 7.80 -0.20 -4.22
CA LEU A 37 8.68 0.93 -3.92
C LEU A 37 9.94 0.46 -3.20
N ALA A 38 9.86 -0.71 -2.55
CA ALA A 38 10.98 -1.26 -1.82
C ALA A 38 11.96 -1.97 -2.76
N ARG A 39 11.44 -2.50 -3.86
CA ARG A 39 12.28 -3.22 -4.82
C ARG A 39 12.66 -2.34 -6.00
N PHE A 40 11.67 -1.92 -6.77
CA PHE A 40 11.90 -1.08 -7.93
C PHE A 40 11.55 0.37 -7.65
N THR A 41 12.50 1.27 -7.88
CA THR A 41 12.29 2.69 -7.65
C THR A 41 13.34 3.52 -8.40
N LYS A 42 13.08 3.79 -9.67
CA LYS A 42 14.00 4.58 -10.49
C LYS A 42 14.47 5.83 -9.76
N GLY A 43 13.56 6.48 -9.04
CA GLY A 43 13.91 7.68 -8.30
C GLY A 43 13.16 8.91 -8.79
N GLN A 44 12.94 8.99 -10.10
CA GLN A 44 12.23 10.12 -10.69
C GLN A 44 10.90 10.37 -9.97
N GLN A 45 10.34 9.31 -9.38
CA GLN A 45 9.08 9.41 -8.67
C GLN A 45 8.94 8.27 -7.67
N ARG A 46 8.82 7.06 -8.19
CA ARG A 46 8.68 5.84 -7.37
C ARG A 46 7.21 5.57 -7.06
N PHE A 47 6.47 6.64 -6.80
CA PHE A 47 5.05 6.51 -6.48
C PHE A 47 4.23 6.21 -7.74
N GLN A 48 4.44 7.01 -8.78
CA GLN A 48 3.72 6.84 -10.03
C GLN A 48 4.19 5.57 -10.75
N GLN A 49 5.51 5.40 -10.82
CA GLN A 49 6.10 4.25 -11.48
C GLN A 49 5.63 2.95 -10.85
N ILE A 50 5.74 2.86 -9.52
CA ILE A 50 5.30 1.67 -8.81
C ILE A 50 3.81 1.45 -9.01
N TYR A 51 3.06 2.54 -9.05
CA TYR A 51 1.61 2.47 -9.25
C TYR A 51 1.30 1.73 -10.55
N TYR A 52 1.97 2.13 -11.62
CA TYR A 52 1.78 1.51 -12.92
C TYR A 52 2.30 0.08 -12.94
N ALA A 53 3.25 -0.21 -12.05
CA ALA A 53 3.83 -1.55 -11.97
C ALA A 53 2.83 -2.57 -11.43
N TYR A 54 2.25 -2.25 -10.27
CA TYR A 54 1.27 -3.13 -9.65
C TYR A 54 -0.11 -3.04 -10.31
N ARG A 55 -0.23 -2.19 -11.33
CA ARG A 55 -1.50 -2.02 -12.03
C ARG A 55 -2.06 -3.35 -12.51
N SER A 56 -1.19 -4.35 -12.67
CA SER A 56 -1.61 -5.67 -13.13
C SER A 56 -2.45 -6.38 -12.07
N VAL A 57 -2.12 -6.15 -10.80
CA VAL A 57 -2.84 -6.79 -9.71
C VAL A 57 -4.10 -6.00 -9.33
N TRP A 58 -4.09 -4.71 -9.64
CA TRP A 58 -5.24 -3.85 -9.33
C TRP A 58 -6.00 -3.47 -10.60
N HIS A 59 -7.21 -2.95 -10.42
CA HIS A 59 -8.05 -2.54 -11.55
C HIS A 59 -7.40 -1.40 -12.33
N PRO A 60 -7.02 -1.65 -13.59
CA PRO A 60 -6.40 -0.63 -14.45
C PRO A 60 -7.30 0.59 -14.65
N ALA A 61 -6.78 1.76 -14.29
CA ALA A 61 -7.53 3.00 -14.43
C ALA A 61 -6.72 4.20 -13.97
N ARG A 62 -6.77 5.28 -14.73
CA ARG A 62 -6.04 6.50 -14.39
C ARG A 62 -6.48 7.03 -13.03
N THR A 63 -5.65 6.83 -12.01
CA THR A 63 -5.97 7.29 -10.66
C THR A 63 -4.70 7.47 -9.83
N VAL A 64 -3.67 8.03 -10.46
CA VAL A 64 -2.40 8.26 -9.77
C VAL A 64 -2.60 9.19 -8.57
N SER A 65 -3.52 10.14 -8.72
CA SER A 65 -3.82 11.08 -7.64
C SER A 65 -4.25 10.31 -6.39
N GLN A 66 -5.09 9.30 -6.60
CA GLN A 66 -5.57 8.47 -5.51
C GLN A 66 -4.40 7.78 -4.83
N LEU A 67 -3.37 7.46 -5.62
CA LEU A 67 -2.18 6.80 -5.10
C LEU A 67 -1.50 7.69 -4.08
N TYR A 68 -1.25 8.92 -4.45
CA TYR A 68 -0.61 9.87 -3.56
C TYR A 68 -1.48 10.10 -2.34
N ASP A 69 -2.79 9.93 -2.51
CA ASP A 69 -3.74 10.11 -1.43
C ASP A 69 -3.59 9.06 -0.35
N HIS A 70 -3.54 7.80 -0.75
CA HIS A 70 -3.39 6.71 0.22
C HIS A 70 -1.94 6.56 0.64
N TRP A 71 -1.03 7.09 -0.17
CA TRP A 71 0.39 7.04 0.16
C TRP A 71 0.75 8.20 1.08
N ARG A 72 0.07 9.34 0.88
CA ARG A 72 0.31 10.51 1.71
C ARG A 72 -0.36 10.35 3.07
N GLY A 73 -1.49 9.65 3.09
CA GLY A 73 -2.20 9.43 4.33
C GLY A 73 -1.62 8.28 5.13
N THR A 74 -1.17 7.24 4.42
CA THR A 74 -0.59 6.08 5.08
C THR A 74 0.76 6.41 5.70
N LEU A 75 1.59 7.12 4.94
CA LEU A 75 2.92 7.51 5.42
C LEU A 75 2.80 8.47 6.61
N ARG A 76 1.72 9.25 6.63
CA ARG A 76 1.50 10.21 7.71
C ARG A 76 0.36 9.75 8.60
N TYR A 77 0.02 10.58 9.59
CA TYR A 77 -1.06 10.26 10.52
C TYR A 77 -1.85 11.51 10.88
N LYS A 78 -2.97 11.32 11.58
CA LYS A 78 -3.81 12.43 12.00
C LYS A 78 -4.35 13.19 10.79
N VAL A 79 -5.35 14.03 11.01
CA VAL A 79 -5.96 14.82 9.94
C VAL A 79 -6.27 16.23 10.41
N ILE A 80 -6.72 17.06 9.48
CA ILE A 80 -7.05 18.45 9.79
C ILE A 80 -8.53 18.73 9.53
N GLN A 81 -9.11 19.63 10.32
CA GLN A 81 -10.51 19.98 10.18
C GLN A 81 -10.68 21.47 9.92
N GLN A 82 -11.24 21.81 8.76
CA GLN A 82 -11.44 23.21 8.40
C GLN A 82 -12.81 23.40 7.76
N GLN A 83 -13.20 24.67 7.58
CA GLN A 83 -14.49 24.99 6.98
C GLN A 83 -14.33 25.41 5.52
N GLY A 84 -15.32 25.06 4.70
CA GLY A 84 -15.26 25.41 3.30
C GLY A 84 -14.41 24.45 2.49
N TYR A 85 -14.96 23.93 1.41
CA TYR A 85 -14.25 22.99 0.55
C TYR A 85 -13.40 23.74 -0.49
N ARG A 86 -14.07 24.29 -1.49
CA ARG A 86 -13.38 25.02 -2.54
C ARG A 86 -14.30 26.09 -3.15
N GLY A 87 -15.23 26.59 -2.35
CA GLY A 87 -16.15 27.60 -2.82
C GLY A 87 -16.94 27.15 -4.03
N LYS A 88 -17.40 28.12 -4.83
CA LYS A 88 -18.17 27.81 -6.02
C LYS A 88 -17.42 28.23 -7.28
N ASN A 89 -18.02 27.99 -8.44
CA ASN A 89 -17.40 28.34 -9.71
C ASN A 89 -17.22 29.85 -9.83
N SER A 90 -16.14 30.26 -10.49
CA SER A 90 -15.85 31.68 -10.67
C SER A 90 -16.33 32.16 -12.04
N VAL A 91 -16.22 33.45 -12.28
CA VAL A 91 -16.64 34.04 -13.55
C VAL A 91 -18.13 33.80 -13.80
N ALA A 92 -18.94 34.82 -13.53
CA ALA A 92 -20.39 34.72 -13.73
C ALA A 92 -20.79 35.33 -15.07
N ALA A 93 -21.97 34.95 -15.55
CA ALA A 93 -22.49 35.47 -16.80
C ALA A 93 -23.44 36.63 -16.58
N ARG A 94 -22.88 37.83 -16.43
CA ARG A 94 -23.69 39.03 -16.21
C ARG A 94 -23.73 39.89 -17.46
N SER A 95 -22.57 40.13 -18.05
CA SER A 95 -22.47 40.95 -19.26
C SER A 95 -22.97 40.17 -20.47
N PRO A 96 -24.12 40.57 -21.05
CA PRO A 96 -24.69 39.92 -22.22
C PRO A 96 -23.86 40.15 -23.48
N GLU A 97 -24.25 39.48 -24.57
CA GLU A 97 -23.54 39.62 -25.83
C GLU A 97 -24.52 39.67 -27.00
N LYS A 98 -24.47 40.77 -27.75
CA LYS A 98 -25.35 40.96 -28.90
C LYS A 98 -24.69 41.80 -29.97
N ALA A 99 -24.11 42.93 -29.54
CA ALA A 99 -23.43 43.83 -30.48
C ALA A 99 -21.94 43.91 -30.17
N SER A 100 -21.13 43.33 -31.06
CA SER A 100 -19.68 43.33 -30.89
C SER A 100 -19.00 44.00 -32.07
N ASN A 101 -17.86 44.64 -31.82
CA ASN A 101 -17.11 45.32 -32.87
C ASN A 101 -17.89 46.52 -33.41
N MET A 102 -18.92 46.23 -34.19
CA MET A 102 -19.74 47.28 -34.78
C MET A 102 -21.23 46.94 -34.68
N GLU A 103 -22.08 47.91 -34.99
CA GLU A 103 -23.52 47.71 -34.94
C GLU A 103 -24.22 48.41 -36.10
N ASN A 104 -24.08 49.73 -36.14
CA ASN A 104 -24.70 50.53 -37.20
C ASN A 104 -24.18 50.11 -38.57
N ASN A 105 -25.06 50.14 -39.57
CA ASN A 105 -24.69 49.76 -40.93
C ASN A 105 -24.19 50.97 -41.71
N GLU A 106 -23.82 50.75 -42.97
CA GLU A 106 -23.33 51.82 -43.82
C GLU A 106 -24.26 52.04 -45.01
N GLY A 1 3.85 -57.01 8.86
CA GLY A 1 5.15 -57.14 8.13
C GLY A 1 5.23 -56.23 6.92
N PRO A 2 4.49 -56.55 5.85
CA PRO A 2 4.48 -55.74 4.62
C PRO A 2 3.79 -54.40 4.81
N GLY A 3 4.27 -53.39 4.09
CA GLY A 3 3.67 -52.07 4.21
C GLY A 3 4.00 -51.38 5.52
N SER A 4 3.50 -50.16 5.69
CA SER A 4 3.75 -49.40 6.91
C SER A 4 2.44 -49.15 7.66
N LEU A 5 1.38 -48.90 6.93
CA LEU A 5 0.08 -48.64 7.53
C LEU A 5 0.11 -47.39 8.40
N SER A 6 0.95 -46.43 8.01
CA SER A 6 1.09 -45.18 8.75
C SER A 6 0.83 -43.98 7.84
N ASN A 7 -0.45 -43.62 7.70
CA ASN A 7 -0.83 -42.48 6.86
C ASN A 7 -0.41 -42.71 5.42
N PHE A 8 -0.70 -41.74 4.56
CA PHE A 8 -0.36 -41.84 3.15
C PHE A 8 0.86 -40.98 2.81
N ALA A 9 0.82 -39.73 3.24
CA ALA A 9 1.92 -38.80 2.99
C ALA A 9 3.20 -39.29 3.66
N ASN A 10 4.27 -38.51 3.50
CA ASN A 10 5.56 -38.85 4.09
C ASN A 10 6.51 -37.65 4.09
N VAL A 11 6.88 -37.20 2.90
CA VAL A 11 7.78 -36.06 2.76
C VAL A 11 7.26 -35.07 1.73
N GLY A 12 7.54 -33.79 1.95
CA GLY A 12 7.09 -32.76 1.02
C GLY A 12 5.91 -31.98 1.56
N VAL A 13 5.57 -30.89 0.89
CA VAL A 13 4.45 -30.05 1.30
C VAL A 13 3.83 -29.33 0.11
N GLY A 14 4.68 -28.75 -0.73
CA GLY A 14 4.20 -28.03 -1.91
C GLY A 14 4.18 -26.53 -1.69
N THR A 15 4.00 -26.11 -0.45
CA THR A 15 3.97 -24.68 -0.13
C THR A 15 4.19 -24.47 1.37
N SER A 16 5.17 -23.63 1.70
CA SER A 16 5.48 -23.33 3.09
C SER A 16 4.83 -22.01 3.52
N SER A 17 3.64 -21.74 2.99
CA SER A 17 2.92 -20.52 3.31
C SER A 17 1.41 -20.73 3.23
N GLY A 18 0.68 -20.09 4.13
CA GLY A 18 -0.76 -20.22 4.13
C GLY A 18 -1.47 -18.90 4.32
N LYS A 19 -1.15 -17.94 3.46
CA LYS A 19 -1.76 -16.61 3.53
C LYS A 19 -2.53 -16.29 2.24
N GLN A 20 -3.78 -15.91 2.39
CA GLN A 20 -4.62 -15.57 1.24
C GLN A 20 -5.60 -14.45 1.59
N LYS A 21 -5.13 -13.21 1.46
CA LYS A 21 -5.96 -12.05 1.76
C LYS A 21 -5.37 -10.79 1.15
N ARG A 22 -4.69 -10.95 0.01
CA ARG A 22 -4.07 -9.82 -0.68
C ARG A 22 -4.58 -9.71 -2.12
N TYR A 23 -5.87 -9.98 -2.30
CA TYR A 23 -6.49 -9.91 -3.62
C TYR A 23 -7.28 -8.62 -3.78
N LYS A 24 -6.57 -7.53 -4.06
CA LYS A 24 -7.21 -6.23 -4.24
C LYS A 24 -8.01 -5.83 -3.01
N PHE A 25 -7.49 -6.20 -1.84
CA PHE A 25 -8.15 -5.88 -0.58
C PHE A 25 -8.32 -4.39 -0.41
N SER A 26 -9.31 -3.98 0.38
CA SER A 26 -9.56 -2.56 0.63
C SER A 26 -8.48 -2.00 1.54
N ALA A 27 -7.23 -2.19 1.11
CA ALA A 27 -6.06 -1.75 1.85
C ALA A 27 -4.82 -2.46 1.32
N SER A 28 -5.02 -3.64 0.73
CA SER A 28 -3.91 -4.41 0.19
C SER A 28 -3.11 -3.60 -0.83
N GLU A 29 -3.75 -2.59 -1.41
CA GLU A 29 -3.10 -1.73 -2.39
C GLU A 29 -1.80 -1.15 -1.83
N ASP A 30 -1.89 -0.57 -0.64
CA ASP A 30 -0.72 0.02 0.00
C ASP A 30 0.41 -1.00 0.14
N GLU A 31 0.03 -2.26 0.30
CA GLU A 31 1.01 -3.33 0.44
C GLU A 31 1.70 -3.59 -0.90
N ALA A 32 0.97 -3.38 -1.98
CA ALA A 32 1.51 -3.59 -3.32
C ALA A 32 2.50 -2.49 -3.68
N ILE A 33 2.25 -1.28 -3.18
CA ILE A 33 3.15 -0.17 -3.48
C ILE A 33 4.44 -0.30 -2.69
N ILE A 34 4.33 -0.73 -1.43
CA ILE A 34 5.49 -0.90 -0.60
C ILE A 34 6.42 -1.98 -1.16
N LYS A 35 5.82 -3.07 -1.64
CA LYS A 35 6.60 -4.15 -2.21
C LYS A 35 7.27 -3.68 -3.50
N GLY A 36 6.51 -2.97 -4.32
CA GLY A 36 7.06 -2.45 -5.55
C GLY A 36 8.18 -1.47 -5.30
N LEU A 37 7.94 -0.52 -4.39
CA LEU A 37 8.93 0.49 -4.05
C LEU A 37 10.23 -0.18 -3.60
N ALA A 38 10.10 -1.31 -2.92
CA ALA A 38 11.27 -2.05 -2.44
C ALA A 38 12.09 -2.60 -3.61
N ARG A 39 11.41 -2.89 -4.72
CA ARG A 39 12.07 -3.43 -5.90
C ARG A 39 11.95 -2.48 -7.09
N PHE A 40 11.64 -1.22 -6.82
CA PHE A 40 11.49 -0.22 -7.88
C PHE A 40 11.88 1.16 -7.38
N THR A 41 13.05 1.64 -7.81
CA THR A 41 13.54 2.95 -7.40
C THR A 41 14.66 3.42 -8.32
N LYS A 42 14.29 3.87 -9.51
CA LYS A 42 15.26 4.35 -10.49
C LYS A 42 14.93 5.76 -10.95
N GLY A 43 14.57 6.62 -10.00
CA GLY A 43 14.24 7.99 -10.33
C GLY A 43 13.60 8.74 -9.17
N GLN A 44 13.15 9.96 -9.43
CA GLN A 44 12.52 10.77 -8.39
C GLN A 44 11.00 10.70 -8.49
N GLN A 45 10.50 9.56 -8.98
CA GLN A 45 9.06 9.37 -9.12
C GLN A 45 8.70 7.89 -8.99
N ARG A 46 9.35 7.21 -8.06
CA ARG A 46 9.10 5.79 -7.83
C ARG A 46 7.64 5.54 -7.48
N PHE A 47 7.00 6.53 -6.87
CA PHE A 47 5.60 6.40 -6.48
C PHE A 47 4.70 6.19 -7.69
N GLN A 48 4.86 7.05 -8.69
CA GLN A 48 4.07 6.96 -9.91
C GLN A 48 4.47 5.74 -10.73
N GLN A 49 5.79 5.56 -10.90
CA GLN A 49 6.30 4.44 -11.66
C GLN A 49 5.86 3.11 -11.07
N ILE A 50 6.05 2.95 -9.76
CA ILE A 50 5.66 1.73 -9.08
C ILE A 50 4.15 1.51 -9.19
N TYR A 51 3.41 2.61 -9.12
CA TYR A 51 1.96 2.56 -9.23
C TYR A 51 1.52 1.84 -10.50
N TYR A 52 2.09 2.26 -11.62
CA TYR A 52 1.77 1.67 -12.91
C TYR A 52 2.29 0.25 -13.01
N ALA A 53 3.38 -0.04 -12.29
CA ALA A 53 3.96 -1.37 -12.30
C ALA A 53 3.05 -2.37 -11.61
N TYR A 54 2.65 -2.05 -10.38
CA TYR A 54 1.78 -2.92 -9.61
C TYR A 54 0.31 -2.76 -10.04
N ARG A 55 0.06 -2.00 -11.10
CA ARG A 55 -1.31 -1.79 -11.58
C ARG A 55 -2.02 -3.12 -11.82
N SER A 56 -3.03 -3.38 -11.00
CA SER A 56 -3.81 -4.61 -11.09
C SER A 56 -4.74 -4.74 -9.89
N VAL A 57 -4.24 -4.29 -8.73
CA VAL A 57 -5.01 -4.33 -7.49
C VAL A 57 -5.65 -2.98 -7.19
N TRP A 58 -5.68 -2.11 -8.21
CA TRP A 58 -6.25 -0.77 -8.05
C TRP A 58 -6.15 0.01 -9.35
N HIS A 59 -7.22 0.70 -9.73
CA HIS A 59 -7.22 1.48 -10.96
C HIS A 59 -8.43 2.40 -11.03
N PRO A 60 -8.42 3.52 -10.29
CA PRO A 60 -9.51 4.48 -10.27
C PRO A 60 -9.43 5.46 -11.44
N ALA A 61 -10.12 6.60 -11.31
CA ALA A 61 -10.13 7.61 -12.36
C ALA A 61 -8.75 8.24 -12.54
N ARG A 62 -8.41 9.20 -11.68
CA ARG A 62 -7.13 9.89 -11.75
C ARG A 62 -5.96 8.91 -11.58
N THR A 63 -6.23 7.79 -10.91
CA THR A 63 -5.22 6.77 -10.68
C THR A 63 -4.05 7.30 -9.86
N VAL A 64 -3.07 7.91 -10.53
CA VAL A 64 -1.90 8.46 -9.84
C VAL A 64 -2.32 9.32 -8.65
N SER A 65 -3.45 10.00 -8.79
CA SER A 65 -3.97 10.84 -7.72
C SER A 65 -4.39 9.99 -6.54
N GLN A 66 -5.01 8.84 -6.84
CA GLN A 66 -5.46 7.94 -5.79
C GLN A 66 -4.26 7.37 -5.06
N LEU A 67 -3.16 7.19 -5.78
CA LEU A 67 -1.93 6.65 -5.18
C LEU A 67 -1.39 7.61 -4.15
N TYR A 68 -1.24 8.87 -4.53
CA TYR A 68 -0.75 9.88 -3.62
C TYR A 68 -1.69 10.03 -2.44
N ASP A 69 -2.97 9.74 -2.67
CA ASP A 69 -3.98 9.84 -1.63
C ASP A 69 -3.84 8.75 -0.58
N HIS A 70 -3.73 7.50 -1.02
CA HIS A 70 -3.61 6.40 -0.08
C HIS A 70 -2.17 6.25 0.42
N TRP A 71 -1.24 6.89 -0.28
CA TRP A 71 0.16 6.84 0.13
C TRP A 71 0.42 7.96 1.13
N ARG A 72 -0.27 9.08 0.96
CA ARG A 72 -0.12 10.21 1.88
C ARG A 72 -0.89 9.94 3.16
N GLY A 73 -2.00 9.21 3.04
CA GLY A 73 -2.80 8.89 4.20
C GLY A 73 -2.21 7.74 5.00
N THR A 74 -1.69 6.73 4.29
CA THR A 74 -1.09 5.58 4.95
C THR A 74 0.20 5.98 5.67
N LEU A 75 1.00 6.81 5.03
CA LEU A 75 2.25 7.27 5.61
C LEU A 75 2.01 7.96 6.95
N ARG A 76 0.91 8.70 7.04
CA ARG A 76 0.56 9.41 8.27
C ARG A 76 -0.93 9.69 8.32
N TYR A 77 -1.52 9.51 9.50
CA TYR A 77 -2.95 9.74 9.69
C TYR A 77 -3.26 10.02 11.16
N LYS A 78 -2.76 9.16 12.03
CA LYS A 78 -3.00 9.33 13.48
C LYS A 78 -1.85 10.09 14.13
N VAL A 79 -2.18 11.18 14.80
CA VAL A 79 -1.17 12.00 15.47
C VAL A 79 -1.61 12.33 16.90
N ILE A 80 -0.87 11.83 17.87
CA ILE A 80 -1.16 12.07 19.28
C ILE A 80 -0.05 12.87 19.95
N GLN A 81 -0.45 13.83 20.78
CA GLN A 81 0.52 14.66 21.49
C GLN A 81 0.74 14.15 22.91
N GLN A 82 -0.30 13.57 23.50
CA GLN A 82 -0.22 13.05 24.86
C GLN A 82 -0.11 11.52 24.84
N GLN A 83 0.28 10.96 25.98
CA GLN A 83 0.42 9.51 26.11
C GLN A 83 -0.68 8.93 26.98
N GLY A 84 -0.88 7.62 26.88
CA GLY A 84 -1.92 6.97 27.66
C GLY A 84 -2.41 5.69 27.02
N TYR A 85 -2.14 4.56 27.65
CA TYR A 85 -2.56 3.26 27.14
C TYR A 85 -3.26 2.45 28.23
N ARG A 86 -4.59 2.31 28.08
CA ARG A 86 -5.37 1.55 29.04
C ARG A 86 -6.78 1.30 28.52
N GLY A 87 -7.30 0.11 28.76
CA GLY A 87 -8.63 -0.24 28.30
C GLY A 87 -9.06 -1.62 28.75
N LYS A 88 -10.35 -1.91 28.61
CA LYS A 88 -10.88 -3.21 29.01
C LYS A 88 -12.33 -3.36 28.52
N ASN A 89 -12.66 -4.58 28.07
CA ASN A 89 -14.01 -4.87 27.59
C ASN A 89 -14.62 -6.04 28.33
N SER A 90 -13.83 -7.09 28.54
CA SER A 90 -14.30 -8.28 29.24
C SER A 90 -13.67 -8.38 30.62
N VAL A 91 -12.36 -8.18 30.69
CA VAL A 91 -11.63 -8.25 31.95
C VAL A 91 -10.17 -7.85 31.76
N ALA A 92 -9.57 -8.29 30.67
CA ALA A 92 -8.18 -8.00 30.37
C ALA A 92 -7.24 -8.62 31.40
N ALA A 93 -7.18 -8.02 32.59
CA ALA A 93 -6.33 -8.52 33.66
C ALA A 93 -4.86 -8.50 33.24
N ARG A 94 -4.15 -7.45 33.65
CA ARG A 94 -2.73 -7.31 33.33
C ARG A 94 -1.86 -7.46 34.57
N SER A 95 -2.47 -7.29 35.74
CA SER A 95 -1.74 -7.40 37.00
C SER A 95 -0.67 -6.32 37.12
N PRO A 96 -1.07 -5.09 37.47
CA PRO A 96 -0.13 -3.96 37.61
C PRO A 96 1.00 -4.27 38.59
N GLU A 97 1.71 -3.23 38.99
CA GLU A 97 2.83 -3.39 39.93
C GLU A 97 3.00 -2.13 40.78
N LYS A 98 3.06 -2.33 42.09
CA LYS A 98 3.22 -1.22 43.03
C LYS A 98 3.74 -1.71 44.38
N ALA A 99 4.82 -2.47 44.34
CA ALA A 99 5.42 -3.01 45.56
C ALA A 99 6.86 -3.45 45.32
N SER A 100 7.75 -3.09 46.24
CA SER A 100 9.16 -3.46 46.13
C SER A 100 9.39 -4.88 46.60
N ASN A 101 9.69 -5.77 45.65
CA ASN A 101 9.93 -7.17 45.97
C ASN A 101 11.21 -7.67 45.30
N MET A 102 12.29 -7.73 46.06
CA MET A 102 13.58 -8.18 45.54
C MET A 102 14.43 -8.80 46.64
N GLU A 103 15.13 -9.88 46.30
CA GLU A 103 15.99 -10.56 47.27
C GLU A 103 17.46 -10.34 46.94
N ASN A 104 17.76 -10.13 45.65
CA ASN A 104 19.12 -9.91 45.21
C ASN A 104 20.00 -11.12 45.52
N ASN A 105 20.27 -11.92 44.48
CA ASN A 105 21.10 -13.11 44.64
C ASN A 105 21.83 -13.43 43.34
N GLU A 106 22.81 -14.34 43.43
CA GLU A 106 23.60 -14.73 42.27
C GLU A 106 24.33 -13.53 41.68
N GLY A 1 6.91 -47.99 -3.39
CA GLY A 1 6.93 -48.56 -4.77
C GLY A 1 8.24 -48.30 -5.48
N PRO A 2 8.26 -48.41 -6.82
CA PRO A 2 9.47 -48.19 -7.61
C PRO A 2 10.14 -46.85 -7.28
N GLY A 3 9.33 -45.82 -7.13
CA GLY A 3 9.85 -44.50 -6.82
C GLY A 3 9.18 -43.87 -5.61
N SER A 4 9.75 -42.79 -5.10
CA SER A 4 9.20 -42.10 -3.94
C SER A 4 9.49 -40.60 -4.02
N LEU A 5 8.67 -39.81 -3.33
CA LEU A 5 8.85 -38.36 -3.31
C LEU A 5 9.30 -37.89 -1.94
N SER A 6 9.58 -36.59 -1.83
CA SER A 6 10.03 -36.00 -0.57
C SER A 6 8.88 -35.26 0.12
N ASN A 7 9.14 -34.81 1.34
CA ASN A 7 8.13 -34.10 2.12
C ASN A 7 8.79 -33.17 3.14
N PHE A 8 9.97 -32.66 2.79
CA PHE A 8 10.69 -31.76 3.67
C PHE A 8 11.02 -30.45 2.96
N ALA A 9 10.16 -30.05 2.03
CA ALA A 9 10.36 -28.81 1.27
C ALA A 9 9.20 -28.55 0.34
N ASN A 10 7.99 -28.87 0.80
CA ASN A 10 6.78 -28.66 0.00
C ASN A 10 5.68 -28.02 0.84
N VAL A 11 5.39 -28.64 1.99
CA VAL A 11 4.36 -28.13 2.88
C VAL A 11 4.97 -27.44 4.09
N GLY A 12 6.14 -27.90 4.51
CA GLY A 12 6.81 -27.31 5.64
C GLY A 12 8.22 -26.85 5.32
N VAL A 13 8.40 -25.54 5.24
CA VAL A 13 9.71 -24.96 4.93
C VAL A 13 10.11 -23.93 5.98
N GLY A 14 11.36 -23.47 5.89
CA GLY A 14 11.85 -22.49 6.84
C GLY A 14 11.95 -23.04 8.25
N THR A 15 12.65 -22.32 9.12
CA THR A 15 12.82 -22.74 10.51
C THR A 15 11.68 -22.23 11.38
N SER A 16 11.51 -20.91 11.42
CA SER A 16 10.46 -20.29 12.21
C SER A 16 9.43 -19.62 11.31
N SER A 17 9.89 -19.02 10.22
CA SER A 17 9.01 -18.35 9.28
C SER A 17 7.97 -19.30 8.72
N GLY A 18 6.72 -18.85 8.69
CA GLY A 18 5.64 -19.69 8.17
C GLY A 18 4.40 -18.89 7.83
N LYS A 19 3.65 -19.34 6.84
CA LYS A 19 2.43 -18.67 6.42
C LYS A 19 1.20 -19.51 6.74
N GLN A 20 0.02 -18.97 6.44
CA GLN A 20 -1.22 -19.67 6.70
C GLN A 20 -2.26 -19.34 5.62
N LYS A 21 -3.46 -19.88 5.80
CA LYS A 21 -4.55 -19.64 4.85
C LYS A 21 -5.01 -18.18 4.89
N ARG A 22 -6.08 -17.89 4.17
CA ARG A 22 -6.63 -16.53 4.14
C ARG A 22 -5.60 -15.55 3.57
N TYR A 23 -6.05 -14.33 3.30
CA TYR A 23 -5.18 -13.29 2.76
C TYR A 23 -5.55 -11.92 3.32
N LYS A 24 -4.67 -11.37 4.15
CA LYS A 24 -4.92 -10.06 4.75
C LYS A 24 -4.47 -8.94 3.82
N PHE A 25 -3.19 -8.57 3.89
CA PHE A 25 -2.65 -7.51 3.05
C PHE A 25 -3.38 -6.20 3.30
N SER A 26 -2.65 -5.09 3.33
CA SER A 26 -3.26 -3.79 3.55
C SER A 26 -4.13 -3.42 2.35
N ALA A 27 -5.22 -4.16 2.19
CA ALA A 27 -6.13 -3.95 1.07
C ALA A 27 -5.59 -4.59 -0.21
N SER A 28 -4.39 -5.18 -0.13
CA SER A 28 -3.77 -5.84 -1.27
C SER A 28 -3.12 -4.83 -2.21
N GLU A 29 -3.67 -3.63 -2.27
CA GLU A 29 -3.12 -2.59 -3.13
C GLU A 29 -1.96 -1.90 -2.41
N ASP A 30 -2.17 -1.61 -1.14
CA ASP A 30 -1.15 -0.96 -0.33
C ASP A 30 0.07 -1.87 -0.19
N GLU A 31 -0.17 -3.18 -0.20
CA GLU A 31 0.91 -4.14 -0.08
C GLU A 31 1.77 -4.15 -1.34
N ALA A 32 1.16 -3.83 -2.47
CA ALA A 32 1.87 -3.80 -3.73
C ALA A 32 2.74 -2.54 -3.82
N ILE A 33 2.21 -1.43 -3.32
CA ILE A 33 2.96 -0.17 -3.35
C ILE A 33 4.11 -0.22 -2.36
N ILE A 34 3.87 -0.79 -1.18
CA ILE A 34 4.92 -0.87 -0.18
C ILE A 34 6.03 -1.81 -0.63
N LYS A 35 5.65 -2.90 -1.28
CA LYS A 35 6.62 -3.86 -1.79
C LYS A 35 7.32 -3.28 -3.01
N GLY A 36 6.55 -2.60 -3.84
CA GLY A 36 7.10 -1.99 -5.04
C GLY A 36 8.06 -0.86 -4.72
N LEU A 37 7.68 -0.01 -3.78
CA LEU A 37 8.53 1.11 -3.39
C LEU A 37 9.77 0.61 -2.64
N ALA A 38 9.62 -0.48 -1.92
CA ALA A 38 10.72 -1.07 -1.17
C ALA A 38 11.80 -1.59 -2.10
N ARG A 39 11.42 -1.95 -3.33
CA ARG A 39 12.37 -2.47 -4.30
C ARG A 39 12.65 -1.46 -5.41
N PHE A 40 11.66 -0.63 -5.72
CA PHE A 40 11.81 0.38 -6.75
C PHE A 40 11.86 1.78 -6.15
N THR A 41 12.82 2.58 -6.59
CA THR A 41 12.96 3.95 -6.09
C THR A 41 13.95 4.75 -6.92
N LYS A 42 15.04 4.11 -7.33
CA LYS A 42 16.06 4.77 -8.12
C LYS A 42 15.54 5.07 -9.53
N GLY A 43 14.56 5.97 -9.61
CA GLY A 43 13.98 6.31 -10.89
C GLY A 43 13.17 7.59 -10.83
N GLN A 44 12.90 8.18 -11.99
CA GLN A 44 12.12 9.40 -12.07
C GLN A 44 10.71 9.16 -11.56
N GLN A 45 10.54 9.18 -10.24
CA GLN A 45 9.23 8.96 -9.63
C GLN A 45 8.92 7.47 -9.54
N ARG A 46 9.02 6.92 -8.33
CA ARG A 46 8.74 5.50 -8.12
C ARG A 46 7.27 5.26 -7.79
N PHE A 47 6.61 6.29 -7.26
CA PHE A 47 5.20 6.17 -6.89
C PHE A 47 4.33 5.98 -8.12
N GLN A 48 4.54 6.81 -9.14
CA GLN A 48 3.76 6.73 -10.37
C GLN A 48 4.12 5.46 -11.16
N GLN A 49 5.42 5.22 -11.32
CA GLN A 49 5.88 4.05 -12.07
C GLN A 49 5.41 2.76 -11.41
N ILE A 50 5.64 2.65 -10.10
CA ILE A 50 5.23 1.45 -9.36
C ILE A 50 3.73 1.24 -9.46
N TYR A 51 2.97 2.33 -9.37
CA TYR A 51 1.53 2.25 -9.45
C TYR A 51 1.08 1.67 -10.80
N TYR A 52 1.79 2.04 -11.85
CA TYR A 52 1.49 1.55 -13.19
C TYR A 52 1.76 0.06 -13.33
N ALA A 53 2.85 -0.40 -12.73
CA ALA A 53 3.21 -1.81 -12.81
C ALA A 53 2.19 -2.68 -12.08
N TYR A 54 1.93 -2.35 -10.83
CA TYR A 54 0.96 -3.09 -10.02
C TYR A 54 -0.47 -2.67 -10.34
N ARG A 55 -0.65 -1.81 -11.35
CA ARG A 55 -1.99 -1.34 -11.71
C ARG A 55 -2.94 -2.51 -11.97
N SER A 56 -2.38 -3.67 -12.30
CA SER A 56 -3.18 -4.86 -12.57
C SER A 56 -4.09 -5.18 -11.37
N VAL A 57 -3.68 -4.72 -10.19
CA VAL A 57 -4.45 -4.95 -8.98
C VAL A 57 -5.23 -3.70 -8.57
N TRP A 58 -6.29 -3.91 -7.79
CA TRP A 58 -7.12 -2.81 -7.31
C TRP A 58 -7.90 -2.16 -8.46
N HIS A 59 -7.19 -1.45 -9.32
CA HIS A 59 -7.82 -0.78 -10.45
C HIS A 59 -6.76 -0.31 -11.46
N PRO A 60 -7.21 0.23 -12.61
CA PRO A 60 -6.30 0.73 -13.66
C PRO A 60 -5.26 1.70 -13.12
N ALA A 61 -4.48 2.28 -14.02
CA ALA A 61 -3.44 3.23 -13.64
C ALA A 61 -3.75 4.63 -14.15
N ARG A 62 -4.99 5.07 -13.91
CA ARG A 62 -5.42 6.40 -14.33
C ARG A 62 -5.86 7.24 -13.14
N THR A 63 -5.05 7.24 -12.09
CA THR A 63 -5.36 8.00 -10.89
C THR A 63 -4.14 8.12 -9.99
N VAL A 64 -3.00 8.50 -10.57
CA VAL A 64 -1.78 8.67 -9.80
C VAL A 64 -2.03 9.57 -8.60
N SER A 65 -2.98 10.50 -8.75
CA SER A 65 -3.34 11.40 -7.67
C SER A 65 -3.84 10.57 -6.48
N GLN A 66 -4.67 9.59 -6.78
CA GLN A 66 -5.19 8.71 -5.75
C GLN A 66 -4.04 8.01 -5.05
N LEU A 67 -3.02 7.66 -5.82
CA LEU A 67 -1.84 7.00 -5.29
C LEU A 67 -1.24 7.82 -4.16
N TYR A 68 -1.05 9.10 -4.43
CA TYR A 68 -0.51 10.01 -3.44
C TYR A 68 -1.46 10.09 -2.25
N ASP A 69 -2.75 9.90 -2.51
CA ASP A 69 -3.75 9.94 -1.46
C ASP A 69 -3.56 8.82 -0.45
N HIS A 70 -3.42 7.60 -0.93
CA HIS A 70 -3.21 6.47 -0.03
C HIS A 70 -1.79 6.50 0.50
N TRP A 71 -0.87 7.01 -0.32
CA TRP A 71 0.52 7.12 0.04
C TRP A 71 0.69 8.17 1.15
N ARG A 72 -0.21 9.16 1.16
CA ARG A 72 -0.16 10.21 2.18
C ARG A 72 -0.78 9.69 3.47
N GLY A 73 -1.82 8.87 3.35
CA GLY A 73 -2.47 8.32 4.51
C GLY A 73 -1.61 7.31 5.23
N THR A 74 -0.71 6.66 4.50
CA THR A 74 0.19 5.67 5.08
C THR A 74 1.40 6.35 5.71
N LEU A 75 1.98 7.30 4.98
CA LEU A 75 3.15 8.02 5.48
C LEU A 75 2.76 9.39 6.03
N ARG A 76 2.30 10.26 5.15
CA ARG A 76 1.89 11.60 5.54
C ARG A 76 3.08 12.43 6.02
N TYR A 77 3.56 12.13 7.22
CA TYR A 77 4.70 12.84 7.78
C TYR A 77 5.98 12.02 7.67
N LYS A 78 7.12 12.70 7.61
CA LYS A 78 8.41 12.03 7.50
C LYS A 78 8.87 11.52 8.86
N VAL A 79 9.10 10.21 8.94
CA VAL A 79 9.55 9.60 10.18
C VAL A 79 11.05 9.30 10.13
N ILE A 80 11.80 9.98 10.99
CA ILE A 80 13.24 9.79 11.06
C ILE A 80 13.60 8.44 11.67
N GLN A 81 14.53 7.73 11.03
CA GLN A 81 14.95 6.43 11.51
C GLN A 81 15.98 6.57 12.63
N GLN A 82 16.84 7.57 12.51
CA GLN A 82 17.87 7.81 13.52
C GLN A 82 17.31 8.63 14.67
N GLN A 83 18.07 8.69 15.77
CA GLN A 83 17.66 9.44 16.95
C GLN A 83 17.85 10.94 16.72
N GLY A 84 17.23 11.74 17.58
CA GLY A 84 17.34 13.19 17.46
C GLY A 84 16.86 13.91 18.71
N TYR A 85 16.70 15.22 18.60
CA TYR A 85 16.25 16.03 19.73
C TYR A 85 14.78 16.41 19.57
N ARG A 86 13.90 15.62 20.14
CA ARG A 86 12.47 15.88 20.07
C ARG A 86 12.02 16.80 21.20
N GLY A 87 12.64 16.65 22.36
CA GLY A 87 12.29 17.48 23.49
C GLY A 87 12.65 16.83 24.82
N LYS A 88 13.80 17.21 25.37
CA LYS A 88 14.26 16.66 26.64
C LYS A 88 13.89 17.58 27.80
N ASN A 89 12.72 17.33 28.41
CA ASN A 89 12.26 18.14 29.53
C ASN A 89 12.24 17.32 30.81
N SER A 90 11.28 16.42 30.93
CA SER A 90 11.16 15.58 32.11
C SER A 90 10.16 14.45 31.88
N VAL A 91 8.89 14.81 31.77
CA VAL A 91 7.84 13.82 31.54
C VAL A 91 7.39 13.82 30.08
N ALA A 92 7.50 12.66 29.44
CA ALA A 92 7.11 12.52 28.05
C ALA A 92 5.60 12.68 27.88
N ALA A 93 4.84 11.76 28.46
CA ALA A 93 3.39 11.79 28.37
C ALA A 93 2.75 10.85 29.39
N ARG A 94 2.91 9.56 29.16
CA ARG A 94 2.34 8.55 30.06
C ARG A 94 0.82 8.69 30.16
N SER A 95 0.18 8.92 29.02
CA SER A 95 -1.27 9.07 28.97
C SER A 95 -1.78 9.01 27.54
N PRO A 96 -1.62 7.85 26.87
CA PRO A 96 -2.07 7.67 25.49
C PRO A 96 -3.54 8.02 25.31
N GLU A 97 -4.07 7.72 24.13
CA GLU A 97 -5.47 8.00 23.83
C GLU A 97 -6.12 6.82 23.11
N LYS A 98 -6.87 6.03 23.87
CA LYS A 98 -7.54 4.86 23.30
C LYS A 98 -6.53 3.88 22.71
N ALA A 99 -6.03 2.97 23.55
CA ALA A 99 -5.06 1.98 23.11
C ALA A 99 -5.27 0.66 23.83
N SER A 100 -6.52 0.36 24.16
CA SER A 100 -6.86 -0.88 24.85
C SER A 100 -7.58 -1.85 23.92
N ASN A 101 -7.24 -1.78 22.64
CA ASN A 101 -7.86 -2.64 21.63
C ASN A 101 -6.80 -3.29 20.74
N MET A 102 -6.95 -4.58 20.49
CA MET A 102 -6.00 -5.30 19.64
C MET A 102 -6.62 -6.60 19.14
N GLU A 103 -6.43 -6.88 17.85
CA GLU A 103 -6.96 -8.10 17.24
C GLU A 103 -8.48 -8.12 17.34
N ASN A 104 -9.15 -7.48 16.39
CA ASN A 104 -10.60 -7.43 16.36
C ASN A 104 -11.14 -8.10 15.10
N ASN A 105 -12.15 -8.95 15.27
CA ASN A 105 -12.75 -9.65 14.15
C ASN A 105 -13.44 -8.67 13.20
N GLU A 106 -14.01 -7.61 13.76
CA GLU A 106 -14.68 -6.60 12.98
C GLU A 106 -13.70 -5.81 12.11
#